data_9QPF
#
_entry.id   9QPF
#
_cell.length_a   1.000
_cell.length_b   1.000
_cell.length_c   1.000
_cell.angle_alpha   90.00
_cell.angle_beta   90.00
_cell.angle_gamma   90.00
#
_symmetry.space_group_name_H-M   'P 1'
#
_entity_poly.entity_id   1
_entity_poly.type   'polypeptide(L)'
_entity_poly.pdbx_seq_one_letter_code
;GSNQKNSPDRVKRPMNAFMVWSRGQRRKMAQENPKMHNSEISKRLGAEWKLLSETEKRPFIDEAKRLRALHMKEHPDYKY
RPRRKTKTLMKKDKYTL
;
_entity_poly.pdbx_strand_id   A
#
# COMPACT_ATOMS: atom_id res chain seq x y z
N GLY A 1 -30.11 -18.07 13.40
CA GLY A 1 -28.74 -18.35 13.00
C GLY A 1 -27.76 -18.19 14.16
N SER A 2 -26.68 -17.45 13.90
CA SER A 2 -25.66 -17.22 14.93
C SER A 2 -25.52 -15.73 15.22
N ASN A 3 -24.50 -15.39 16.00
CA ASN A 3 -24.25 -13.99 16.35
C ASN A 3 -22.86 -13.55 15.90
N GLN A 4 -22.80 -12.87 14.76
CA GLN A 4 -21.53 -12.39 14.23
C GLN A 4 -21.46 -10.87 14.25
N LYS A 5 -20.62 -10.33 15.12
CA LYS A 5 -20.46 -8.88 15.25
C LYS A 5 -19.26 -8.40 14.44
N ASN A 6 -18.07 -8.86 14.81
CA ASN A 6 -16.85 -8.48 14.11
C ASN A 6 -16.64 -9.34 12.87
N SER A 7 -15.50 -9.15 12.22
CA SER A 7 -15.17 -9.89 11.00
C SER A 7 -13.70 -10.28 10.99
N PRO A 8 -13.36 -11.29 10.16
CA PRO A 8 -11.99 -11.77 10.03
C PRO A 8 -11.08 -10.77 9.33
N ASP A 9 -9.79 -11.06 9.29
CA ASP A 9 -8.82 -10.19 8.65
C ASP A 9 -8.75 -8.84 9.35
N ARG A 10 -7.70 -8.09 9.08
CA ARG A 10 -7.51 -6.77 9.69
C ARG A 10 -6.60 -5.89 8.84
N VAL A 11 -6.89 -4.60 8.81
CA VAL A 11 -6.10 -3.66 8.03
C VAL A 11 -5.38 -2.66 8.94
N LYS A 12 -4.07 -2.56 8.77
CA LYS A 12 -3.26 -1.64 9.57
C LYS A 12 -1.85 -1.51 9.00
N ARG A 13 -0.96 -0.90 9.77
CA ARG A 13 0.42 -0.71 9.34
C ARG A 13 0.49 0.23 8.14
N PRO A 14 1.68 0.80 7.91
CA PRO A 14 1.91 1.72 6.79
C PRO A 14 1.86 1.03 5.44
N MET A 15 2.03 1.81 4.38
CA MET A 15 2.02 1.26 3.02
C MET A 15 3.05 1.95 2.14
N ASN A 16 3.23 1.43 0.93
CA ASN A 16 4.18 2.00 -0.01
C ASN A 16 3.49 2.47 -1.28
N ALA A 17 4.23 3.20 -2.12
CA ALA A 17 3.68 3.70 -3.37
C ALA A 17 3.00 2.60 -4.16
N PHE A 18 3.65 1.44 -4.24
CA PHE A 18 3.10 0.30 -4.96
C PHE A 18 1.66 0.04 -4.57
N MET A 19 1.34 0.32 -3.30
CA MET A 19 -0.01 0.12 -2.79
C MET A 19 -0.96 1.19 -3.32
N VAL A 20 -0.45 2.42 -3.46
CA VAL A 20 -1.25 3.53 -3.95
C VAL A 20 -1.69 3.29 -5.39
N TRP A 21 -0.80 2.72 -6.20
CA TRP A 21 -1.10 2.44 -7.59
C TRP A 21 -1.86 1.12 -7.73
N SER A 22 -1.36 0.08 -7.08
CA SER A 22 -1.99 -1.23 -7.14
C SER A 22 -3.48 -1.13 -6.84
N ARG A 23 -3.83 -0.33 -5.83
CA ARG A 23 -5.22 -0.15 -5.44
C ARG A 23 -6.04 0.41 -6.60
N GLY A 24 -5.40 1.25 -7.41
CA GLY A 24 -6.09 1.85 -8.55
C GLY A 24 -6.15 0.91 -9.74
N GLN A 25 -5.15 0.06 -9.87
CA GLN A 25 -5.09 -0.90 -10.97
C GLN A 25 -5.97 -2.11 -10.69
N ARG A 26 -6.09 -2.48 -9.42
CA ARG A 26 -6.90 -3.61 -9.03
C ARG A 26 -8.34 -3.45 -9.51
N ARG A 27 -8.92 -2.28 -9.27
CA ARG A 27 -10.29 -1.99 -9.68
C ARG A 27 -10.45 -2.20 -11.18
N LYS A 28 -9.46 -1.76 -11.95
CA LYS A 28 -9.49 -1.89 -13.41
C LYS A 28 -9.31 -3.34 -13.82
N MET A 29 -8.34 -4.01 -13.21
CA MET A 29 -8.07 -5.42 -13.52
C MET A 29 -9.21 -6.31 -13.04
N ALA A 30 -9.99 -5.81 -12.09
CA ALA A 30 -11.11 -6.56 -11.55
C ALA A 30 -12.37 -6.36 -12.40
N GLN A 31 -12.68 -5.10 -12.69
CA GLN A 31 -13.86 -4.77 -13.49
C GLN A 31 -13.69 -5.26 -14.93
N GLU A 32 -12.45 -5.21 -15.43
CA GLU A 32 -12.17 -5.64 -16.79
C GLU A 32 -11.91 -7.14 -16.83
N ASN A 33 -11.28 -7.67 -15.79
CA ASN A 33 -10.97 -9.09 -15.70
C ASN A 33 -11.43 -9.67 -14.37
N PRO A 34 -12.75 -9.79 -14.20
CA PRO A 34 -13.35 -10.32 -12.97
C PRO A 34 -13.09 -11.83 -12.82
N LYS A 35 -12.99 -12.52 -13.95
CA LYS A 35 -12.75 -13.95 -13.94
C LYS A 35 -11.34 -14.27 -13.43
N MET A 36 -10.44 -13.31 -13.56
CA MET A 36 -9.07 -13.48 -13.10
C MET A 36 -9.00 -13.56 -11.57
N HIS A 37 -8.45 -14.66 -11.07
CA HIS A 37 -8.33 -14.86 -9.62
C HIS A 37 -7.35 -13.87 -9.02
N ASN A 38 -7.51 -13.58 -7.73
CA ASN A 38 -6.64 -12.65 -7.03
C ASN A 38 -5.17 -13.00 -7.25
N SER A 39 -4.84 -14.28 -7.07
CA SER A 39 -3.48 -14.76 -7.24
C SER A 39 -2.93 -14.33 -8.60
N GLU A 40 -3.79 -14.27 -9.60
CA GLU A 40 -3.39 -13.88 -10.94
C GLU A 40 -3.24 -12.36 -11.03
N ILE A 41 -4.24 -11.64 -10.55
CA ILE A 41 -4.21 -10.18 -10.57
C ILE A 41 -2.99 -9.64 -9.83
N SER A 42 -2.59 -10.34 -8.77
CA SER A 42 -1.45 -9.93 -7.97
C SER A 42 -0.15 -10.09 -8.76
N LYS A 43 0.00 -11.24 -9.41
CA LYS A 43 1.19 -11.54 -10.19
C LYS A 43 1.44 -10.45 -11.23
N ARG A 44 0.36 -9.88 -11.76
CA ARG A 44 0.45 -8.84 -12.76
C ARG A 44 0.76 -7.49 -12.11
N LEU A 45 0.31 -7.32 -10.88
CA LEU A 45 0.54 -6.08 -10.15
C LEU A 45 2.01 -5.93 -9.77
N GLY A 46 2.51 -6.87 -8.98
CA GLY A 46 3.90 -6.83 -8.55
C GLY A 46 4.85 -6.73 -9.74
N ALA A 47 4.47 -7.34 -10.85
CA ALA A 47 5.30 -7.32 -12.05
C ALA A 47 5.20 -5.98 -12.77
N GLU A 48 4.00 -5.39 -12.76
CA GLU A 48 3.77 -4.10 -13.40
C GLU A 48 4.62 -3.01 -12.75
N TRP A 49 4.80 -3.11 -11.45
CA TRP A 49 5.59 -2.12 -10.71
C TRP A 49 7.06 -2.23 -11.08
N LYS A 50 7.54 -3.45 -11.30
CA LYS A 50 8.93 -3.68 -11.66
C LYS A 50 9.26 -3.02 -13.00
N LEU A 51 8.27 -2.96 -13.88
CA LEU A 51 8.46 -2.36 -15.20
C LEU A 51 7.95 -0.91 -15.21
N LEU A 52 7.23 -0.54 -14.16
CA LEU A 52 6.69 0.82 -14.04
C LEU A 52 7.80 1.86 -14.15
N SER A 53 7.52 2.95 -14.84
CA SER A 53 8.50 4.02 -15.01
C SER A 53 8.57 4.90 -13.77
N GLU A 54 9.79 5.33 -13.43
CA GLU A 54 9.99 6.17 -12.25
C GLU A 54 9.06 7.37 -12.28
N THR A 55 8.80 7.89 -13.48
CA THR A 55 7.92 9.05 -13.63
C THR A 55 6.49 8.70 -13.26
N GLU A 56 6.06 7.49 -13.59
CA GLU A 56 4.71 7.04 -13.28
C GLU A 56 4.49 6.95 -11.78
N LYS A 57 5.53 6.51 -11.06
CA LYS A 57 5.45 6.38 -9.61
C LYS A 57 5.61 7.74 -8.93
N ARG A 58 6.40 8.61 -9.54
CA ARG A 58 6.64 9.95 -8.99
C ARG A 58 5.40 10.46 -8.28
N PRO A 59 4.27 10.51 -9.01
CA PRO A 59 2.99 10.98 -8.47
C PRO A 59 2.41 10.02 -7.44
N PHE A 60 2.54 8.73 -7.71
CA PHE A 60 2.02 7.71 -6.79
C PHE A 60 2.72 7.77 -5.45
N ILE A 61 4.04 7.71 -5.47
CA ILE A 61 4.84 7.76 -4.24
C ILE A 61 4.47 8.97 -3.40
N ASP A 62 4.32 10.11 -4.05
CA ASP A 62 3.97 11.35 -3.36
C ASP A 62 2.73 11.15 -2.50
N GLU A 63 1.79 10.34 -2.99
CA GLU A 63 0.56 10.08 -2.27
C GLU A 63 0.82 9.18 -1.06
N ALA A 64 1.61 8.13 -1.27
CA ALA A 64 1.94 7.20 -0.20
C ALA A 64 2.64 7.91 0.96
N LYS A 65 3.52 8.84 0.63
CA LYS A 65 4.25 9.60 1.63
C LYS A 65 3.29 10.24 2.63
N ARG A 66 2.20 10.81 2.12
CA ARG A 66 1.21 11.45 2.97
C ARG A 66 0.53 10.43 3.89
N LEU A 67 0.25 9.25 3.35
CA LEU A 67 -0.40 8.20 4.12
C LEU A 67 0.48 7.78 5.30
N ARG A 68 1.76 7.51 5.02
CA ARG A 68 2.69 7.10 6.05
C ARG A 68 2.88 8.20 7.10
N ALA A 69 2.86 9.45 6.64
CA ALA A 69 3.02 10.59 7.53
C ALA A 69 1.84 10.69 8.50
N LEU A 70 0.65 10.36 8.02
CA LEU A 70 -0.56 10.41 8.83
C LEU A 70 -0.50 9.38 9.95
N HIS A 71 0.08 8.22 9.64
CA HIS A 71 0.19 7.14 10.63
C HIS A 71 1.19 7.50 11.71
N MET A 72 2.26 8.19 11.33
CA MET A 72 3.28 8.61 12.28
C MET A 72 2.70 9.50 13.37
N LYS A 73 1.88 10.45 12.96
CA LYS A 73 1.25 11.38 13.90
C LYS A 73 0.12 10.69 14.67
N GLU A 74 -0.63 9.84 13.97
CA GLU A 74 -1.74 9.11 14.58
C GLU A 74 -2.48 10.01 15.57
N HIS A 75 -2.78 11.23 15.13
CA HIS A 75 -3.50 12.18 15.98
C HIS A 75 -4.78 11.56 16.53
N PRO A 76 -5.21 12.03 17.72
CA PRO A 76 -6.41 11.53 18.38
C PRO A 76 -7.69 11.94 17.65
N ASP A 77 -7.68 13.14 17.08
CA ASP A 77 -8.83 13.64 16.34
C ASP A 77 -8.74 13.28 14.86
N TYR A 78 -8.45 12.01 14.59
CA TYR A 78 -8.33 11.54 13.21
C TYR A 78 -8.73 10.07 13.11
N LYS A 79 -10.01 9.82 12.81
CA LYS A 79 -10.51 8.47 12.69
C LYS A 79 -11.17 8.26 11.32
N TYR A 80 -11.38 7.00 10.96
CA TYR A 80 -12.00 6.66 9.68
C TYR A 80 -13.15 5.67 9.87
N ARG A 81 -14.15 5.76 8.99
CA ARG A 81 -15.30 4.87 9.06
C ARG A 81 -15.01 3.54 8.37
N PRO A 82 -15.81 2.51 8.71
CA PRO A 82 -15.66 1.17 8.13
C PRO A 82 -16.05 1.12 6.66
N ARG A 83 -15.13 0.63 5.83
CA ARG A 83 -15.38 0.53 4.40
C ARG A 83 -15.89 -0.86 4.02
N ARG A 84 -17.21 -1.00 3.95
CA ARG A 84 -17.82 -2.28 3.61
C ARG A 84 -18.96 -2.08 2.61
N LYS A 85 -18.74 -2.52 1.38
CA LYS A 85 -19.76 -2.41 0.33
C LYS A 85 -19.75 -3.63 -0.57
N THR A 86 -18.57 -4.04 -1.02
CA THR A 86 -18.44 -5.20 -1.89
C THR A 86 -17.00 -5.70 -1.92
N LYS A 87 -16.83 -7.01 -2.13
CA LYS A 87 -15.51 -7.62 -2.17
C LYS A 87 -15.08 -7.84 -3.62
N THR A 88 -15.89 -8.58 -4.37
CA THR A 88 -15.59 -8.87 -5.76
C THR A 88 -16.81 -9.46 -6.48
N LEU A 89 -17.40 -10.49 -5.87
CA LEU A 89 -18.56 -11.14 -6.45
C LEU A 89 -18.23 -11.75 -7.81
N MET A 90 -17.61 -12.92 -7.79
CA MET A 90 -17.24 -13.62 -9.02
C MET A 90 -18.22 -14.74 -9.33
N LYS A 91 -18.35 -15.07 -10.60
CA LYS A 91 -19.26 -16.13 -11.03
C LYS A 91 -18.58 -17.05 -12.03
N LYS A 92 -17.63 -17.85 -11.54
CA LYS A 92 -16.89 -18.78 -12.39
C LYS A 92 -16.24 -19.88 -11.55
N ASP A 93 -15.86 -20.97 -12.21
CA ASP A 93 -15.23 -22.09 -11.53
C ASP A 93 -14.21 -22.78 -12.45
N LYS A 94 -13.34 -21.98 -13.05
CA LYS A 94 -12.32 -22.51 -13.96
C LYS A 94 -10.96 -21.91 -13.65
N TYR A 95 -9.93 -22.73 -13.68
CA TYR A 95 -8.57 -22.28 -13.41
C TYR A 95 -7.69 -22.42 -14.64
N THR A 96 -7.43 -23.66 -15.04
CA THR A 96 -6.59 -23.94 -16.21
C THR A 96 -7.01 -25.24 -16.88
N LEU A 97 -6.51 -25.45 -18.10
CA LEU A 97 -6.83 -26.66 -18.86
C LEU A 97 -6.48 -27.90 -18.06
N GLY A 1 -21.87 4.66 17.41
CA GLY A 1 -20.98 3.66 17.96
C GLY A 1 -20.64 3.92 19.42
N SER A 2 -21.00 2.98 20.29
CA SER A 2 -20.74 3.12 21.72
C SER A 2 -19.80 2.02 22.21
N ASN A 3 -18.51 2.32 22.22
CA ASN A 3 -17.50 1.36 22.67
C ASN A 3 -16.19 2.06 23.01
N GLN A 4 -15.17 1.27 23.31
CA GLN A 4 -13.86 1.82 23.64
C GLN A 4 -12.75 1.10 22.88
N LYS A 5 -11.55 1.67 22.92
CA LYS A 5 -10.40 1.09 22.23
C LYS A 5 -9.10 1.54 22.86
N ASN A 6 -8.53 0.70 23.72
CA ASN A 6 -7.28 1.02 24.39
C ASN A 6 -6.57 -0.25 24.86
N SER A 7 -5.53 -0.65 24.13
CA SER A 7 -4.77 -1.85 24.47
C SER A 7 -3.28 -1.55 24.51
N PRO A 8 -2.52 -2.43 25.19
CA PRO A 8 -1.06 -2.28 25.32
C PRO A 8 -0.34 -2.52 24.00
N ASP A 9 0.99 -2.45 24.05
CA ASP A 9 1.80 -2.66 22.85
C ASP A 9 1.49 -1.63 21.79
N ARG A 10 2.11 -1.77 20.63
CA ARG A 10 1.89 -0.84 19.52
C ARG A 10 2.12 -1.53 18.18
N VAL A 11 1.32 -1.17 17.18
CA VAL A 11 1.44 -1.75 15.85
C VAL A 11 1.76 -0.68 14.81
N LYS A 12 2.70 -1.00 13.92
CA LYS A 12 3.11 -0.07 12.88
C LYS A 12 3.32 -0.80 11.55
N ARG A 13 2.31 -0.74 10.68
CA ARG A 13 2.38 -1.39 9.38
C ARG A 13 1.75 -0.53 8.30
N PRO A 14 2.45 0.55 7.91
CA PRO A 14 1.97 1.48 6.88
C PRO A 14 1.98 0.86 5.49
N MET A 15 1.73 1.68 4.48
CA MET A 15 1.71 1.21 3.11
C MET A 15 2.83 1.85 2.29
N ASN A 16 2.90 1.52 1.01
CA ASN A 16 3.92 2.06 0.12
C ASN A 16 3.31 2.53 -1.20
N ALA A 17 4.11 3.18 -2.02
CA ALA A 17 3.66 3.68 -3.32
C ALA A 17 2.97 2.57 -4.11
N PHE A 18 3.62 1.42 -4.19
CA PHE A 18 3.07 0.28 -4.93
C PHE A 18 1.62 0.03 -4.53
N MET A 19 1.31 0.27 -3.27
CA MET A 19 -0.05 0.07 -2.77
C MET A 19 -0.98 1.16 -3.26
N VAL A 20 -0.45 2.38 -3.38
CA VAL A 20 -1.23 3.52 -3.84
C VAL A 20 -1.67 3.32 -5.29
N TRP A 21 -0.79 2.77 -6.11
CA TRP A 21 -1.09 2.53 -7.51
C TRP A 21 -1.86 1.22 -7.69
N SER A 22 -1.36 0.16 -7.09
CA SER A 22 -1.99 -1.15 -7.18
C SER A 22 -3.47 -1.06 -6.81
N ARG A 23 -3.77 -0.36 -5.72
CA ARG A 23 -5.14 -0.20 -5.27
C ARG A 23 -6.04 0.31 -6.40
N GLY A 24 -5.47 1.15 -7.25
CA GLY A 24 -6.24 1.70 -8.36
C GLY A 24 -6.28 0.75 -9.55
N GLN A 25 -5.17 0.07 -9.80
CA GLN A 25 -5.09 -0.87 -10.92
C GLN A 25 -5.96 -2.10 -10.66
N ARG A 26 -6.07 -2.49 -9.40
CA ARG A 26 -6.87 -3.65 -9.01
C ARG A 26 -8.31 -3.48 -9.49
N ARG A 27 -8.88 -2.32 -9.24
CA ARG A 27 -10.25 -2.03 -9.64
C ARG A 27 -10.43 -2.22 -11.14
N LYS A 28 -9.44 -1.81 -11.91
CA LYS A 28 -9.49 -1.93 -13.36
C LYS A 28 -9.30 -3.38 -13.79
N MET A 29 -8.31 -4.05 -13.19
CA MET A 29 -8.05 -5.45 -13.51
C MET A 29 -9.18 -6.35 -13.04
N ALA A 30 -9.96 -5.86 -12.07
CA ALA A 30 -11.09 -6.61 -11.53
C ALA A 30 -12.34 -6.40 -12.37
N GLN A 31 -12.65 -5.13 -12.63
CA GLN A 31 -13.84 -4.79 -13.42
C GLN A 31 -13.69 -5.28 -14.86
N GLU A 32 -12.46 -5.23 -15.37
CA GLU A 32 -12.20 -5.67 -16.75
C GLU A 32 -11.95 -7.17 -16.79
N ASN A 33 -11.30 -7.69 -15.75
CA ASN A 33 -11.00 -9.12 -15.67
C ASN A 33 -11.44 -9.70 -14.34
N PRO A 34 -12.76 -9.82 -14.15
CA PRO A 34 -13.34 -10.37 -12.92
C PRO A 34 -13.10 -11.86 -12.77
N LYS A 35 -12.97 -12.54 -13.89
CA LYS A 35 -12.72 -13.98 -13.89
C LYS A 35 -11.33 -14.30 -13.35
N MET A 36 -10.43 -13.33 -13.45
CA MET A 36 -9.07 -13.49 -12.98
C MET A 36 -9.02 -13.54 -11.46
N HIS A 37 -8.46 -14.61 -10.91
CA HIS A 37 -8.36 -14.77 -9.47
C HIS A 37 -7.35 -13.78 -8.87
N ASN A 38 -7.46 -13.53 -7.58
CA ASN A 38 -6.56 -12.60 -6.89
C ASN A 38 -5.10 -12.96 -7.16
N SER A 39 -4.77 -14.23 -6.95
CA SER A 39 -3.41 -14.70 -7.16
C SER A 39 -2.91 -14.32 -8.54
N GLU A 40 -3.81 -14.30 -9.51
CA GLU A 40 -3.47 -13.96 -10.88
C GLU A 40 -3.28 -12.45 -11.04
N ILE A 41 -4.27 -11.69 -10.54
CA ILE A 41 -4.22 -10.23 -10.62
C ILE A 41 -2.96 -9.69 -9.94
N SER A 42 -2.55 -10.35 -8.87
CA SER A 42 -1.37 -9.93 -8.13
C SER A 42 -0.11 -10.10 -8.97
N LYS A 43 0.01 -11.25 -9.62
CA LYS A 43 1.16 -11.54 -10.46
C LYS A 43 1.39 -10.42 -11.48
N ARG A 44 0.29 -9.83 -11.96
CA ARG A 44 0.36 -8.75 -12.93
C ARG A 44 0.69 -7.42 -12.26
N LEU A 45 0.24 -7.28 -11.01
CA LEU A 45 0.48 -6.06 -10.25
C LEU A 45 1.95 -5.92 -9.89
N GLY A 46 2.47 -6.88 -9.14
CA GLY A 46 3.87 -6.84 -8.74
C GLY A 46 4.80 -6.73 -9.92
N ALA A 47 4.40 -7.32 -11.05
CA ALA A 47 5.21 -7.29 -12.26
C ALA A 47 5.12 -5.93 -12.95
N GLU A 48 3.92 -5.33 -12.92
CA GLU A 48 3.70 -4.04 -13.54
C GLU A 48 4.58 -2.97 -12.90
N TRP A 49 4.79 -3.10 -11.59
CA TRP A 49 5.61 -2.15 -10.85
C TRP A 49 7.08 -2.25 -11.25
N LYS A 50 7.53 -3.49 -11.51
CA LYS A 50 8.91 -3.72 -11.91
C LYS A 50 9.21 -3.05 -13.25
N LEU A 51 8.20 -2.97 -14.10
CA LEU A 51 8.36 -2.36 -15.41
C LEU A 51 7.87 -0.91 -15.39
N LEU A 52 7.20 -0.52 -14.32
CA LEU A 52 6.67 0.83 -14.18
C LEU A 52 7.79 1.85 -14.28
N SER A 53 7.52 2.96 -14.96
CA SER A 53 8.51 4.02 -15.13
C SER A 53 8.61 4.87 -13.87
N GLU A 54 9.83 5.30 -13.55
CA GLU A 54 10.06 6.12 -12.37
C GLU A 54 9.15 7.34 -12.36
N THR A 55 8.89 7.88 -13.55
CA THR A 55 8.03 9.05 -13.69
C THR A 55 6.59 8.72 -13.30
N GLU A 56 6.14 7.52 -13.64
CA GLU A 56 4.79 7.09 -13.33
C GLU A 56 4.59 6.97 -11.82
N LYS A 57 5.62 6.52 -11.13
CA LYS A 57 5.57 6.36 -9.68
C LYS A 57 5.76 7.71 -8.98
N ARG A 58 6.55 8.58 -9.58
CA ARG A 58 6.81 9.89 -9.02
C ARG A 58 5.59 10.42 -8.28
N PRO A 59 4.45 10.49 -8.99
CA PRO A 59 3.20 10.97 -8.43
C PRO A 59 2.61 10.01 -7.40
N PHE A 60 2.71 8.72 -7.68
CA PHE A 60 2.20 7.70 -6.78
C PHE A 60 2.93 7.73 -5.44
N ILE A 61 4.25 7.62 -5.50
CA ILE A 61 5.07 7.63 -4.28
C ILE A 61 4.74 8.85 -3.42
N ASP A 62 4.60 10.01 -4.06
CA ASP A 62 4.28 11.24 -3.34
C ASP A 62 3.08 11.04 -2.43
N GLU A 63 2.04 10.39 -2.96
CA GLU A 63 0.83 10.14 -2.19
C GLU A 63 1.11 9.26 -0.97
N ALA A 64 1.84 8.17 -1.19
CA ALA A 64 2.18 7.25 -0.12
C ALA A 64 2.82 8.00 1.05
N LYS A 65 3.65 8.99 0.74
CA LYS A 65 4.32 9.78 1.75
C LYS A 65 3.32 10.38 2.72
N ARG A 66 2.15 10.75 2.21
CA ARG A 66 1.10 11.35 3.02
C ARG A 66 0.46 10.30 3.93
N LEU A 67 0.19 9.13 3.38
CA LEU A 67 -0.43 8.05 4.13
C LEU A 67 0.44 7.68 5.34
N ARG A 68 1.75 7.74 5.17
CA ARG A 68 2.68 7.42 6.24
C ARG A 68 2.66 8.49 7.33
N ALA A 69 2.49 9.74 6.91
CA ALA A 69 2.45 10.86 7.84
C ALA A 69 1.18 10.82 8.69
N LEU A 70 0.06 10.49 8.06
CA LEU A 70 -1.22 10.41 8.76
C LEU A 70 -1.35 9.10 9.52
N HIS A 71 -0.76 8.05 8.97
CA HIS A 71 -0.81 6.73 9.60
C HIS A 71 -0.37 6.81 11.06
N MET A 72 0.59 7.69 11.34
CA MET A 72 1.10 7.86 12.69
C MET A 72 -0.04 8.09 13.68
N LYS A 73 -0.95 9.01 13.32
CA LYS A 73 -2.09 9.32 14.17
C LYS A 73 -3.24 8.35 13.93
N GLU A 74 -3.38 7.92 12.67
CA GLU A 74 -4.44 6.99 12.30
C GLU A 74 -3.92 5.55 12.28
N HIS A 75 -3.93 4.91 13.43
CA HIS A 75 -3.47 3.52 13.55
C HIS A 75 -4.13 2.64 12.50
N PRO A 76 -3.43 1.57 12.09
CA PRO A 76 -3.93 0.63 11.08
C PRO A 76 -5.08 -0.21 11.61
N ASP A 77 -5.05 -0.50 12.91
CA ASP A 77 -6.10 -1.31 13.53
C ASP A 77 -6.13 -2.72 12.95
N TYR A 78 -6.80 -3.63 13.65
CA TYR A 78 -6.90 -5.01 13.20
C TYR A 78 -8.32 -5.33 12.74
N LYS A 79 -8.80 -4.59 11.75
CA LYS A 79 -10.14 -4.79 11.21
C LYS A 79 -10.09 -5.02 9.70
N TYR A 80 -9.94 -6.28 9.31
CA TYR A 80 -9.88 -6.64 7.90
C TYR A 80 -8.66 -6.01 7.23
N ARG A 81 -7.50 -6.17 7.85
CA ARG A 81 -6.27 -5.63 7.32
C ARG A 81 -5.21 -6.72 7.15
N PRO A 82 -4.19 -6.44 6.32
CA PRO A 82 -3.11 -7.39 6.05
C PRO A 82 -2.19 -7.57 7.27
N ARG A 83 -1.22 -8.46 7.13
CA ARG A 83 -0.28 -8.74 8.22
C ARG A 83 1.14 -8.36 7.81
N ARG A 84 1.60 -8.92 6.69
CA ARG A 84 2.94 -8.65 6.20
C ARG A 84 4.00 -9.14 7.19
N LYS A 85 5.23 -9.31 6.71
CA LYS A 85 6.33 -9.76 7.54
C LYS A 85 7.65 -9.65 6.81
N THR A 86 8.73 -9.50 7.56
CA THR A 86 10.07 -9.38 6.98
C THR A 86 10.16 -8.17 6.07
N LYS A 87 10.31 -7.00 6.66
CA LYS A 87 10.41 -5.76 5.89
C LYS A 87 11.78 -5.11 6.09
N THR A 88 12.80 -5.94 6.20
CA THR A 88 14.17 -5.45 6.39
C THR A 88 14.74 -4.91 5.08
N LEU A 89 15.82 -4.13 5.19
CA LEU A 89 16.47 -3.56 4.02
C LEU A 89 17.75 -2.85 4.40
N MET A 90 18.63 -2.64 3.43
CA MET A 90 19.90 -1.96 3.67
C MET A 90 20.56 -1.56 2.35
N LYS A 91 20.80 -0.27 2.18
CA LYS A 91 21.43 0.25 0.97
C LYS A 91 22.94 0.37 1.15
N LYS A 92 23.65 0.57 0.05
CA LYS A 92 25.10 0.72 0.08
C LYS A 92 25.56 1.84 -0.84
N ASP A 93 26.19 2.85 -0.25
CA ASP A 93 26.68 3.99 -1.02
C ASP A 93 28.14 4.29 -0.68
N LYS A 94 28.74 5.22 -1.42
CA LYS A 94 30.13 5.59 -1.20
C LYS A 94 30.26 7.11 -1.09
N TYR A 95 31.51 7.58 -1.07
CA TYR A 95 31.78 9.02 -0.97
C TYR A 95 33.14 9.36 -1.56
N THR A 96 33.47 10.64 -1.56
CA THR A 96 34.75 11.10 -2.10
C THR A 96 35.27 12.31 -1.34
N LEU A 97 36.52 12.69 -1.60
CA LEU A 97 37.13 13.83 -0.94
C LEU A 97 36.72 15.13 -1.61
N GLY A 1 -24.77 -26.27 4.20
CA GLY A 1 -24.45 -25.16 3.33
C GLY A 1 -24.69 -23.81 4.00
N SER A 2 -23.67 -23.28 4.66
CA SER A 2 -23.78 -22.01 5.36
C SER A 2 -22.58 -21.12 5.04
N ASN A 3 -22.10 -21.19 3.80
CA ASN A 3 -20.96 -20.40 3.38
C ASN A 3 -19.75 -20.66 4.26
N GLN A 4 -18.66 -19.95 3.99
CA GLN A 4 -17.43 -20.10 4.76
C GLN A 4 -16.81 -18.74 5.09
N LYS A 5 -16.11 -18.68 6.22
CA LYS A 5 -15.47 -17.44 6.65
C LYS A 5 -14.04 -17.70 7.08
N ASN A 6 -13.20 -18.13 6.13
CA ASN A 6 -11.80 -18.41 6.41
C ASN A 6 -10.89 -17.40 5.71
N SER A 7 -10.51 -16.35 6.42
CA SER A 7 -9.65 -15.33 5.87
C SER A 7 -9.17 -14.37 6.95
N PRO A 8 -8.25 -14.85 7.80
CA PRO A 8 -7.68 -14.06 8.90
C PRO A 8 -6.78 -12.94 8.41
N ASP A 9 -7.24 -11.70 8.54
CA ASP A 9 -6.47 -10.54 8.11
C ASP A 9 -6.26 -9.57 9.26
N ARG A 10 -5.21 -8.76 9.16
CA ARG A 10 -4.89 -7.78 10.20
C ARG A 10 -4.07 -6.64 9.63
N VAL A 11 -4.30 -5.44 10.15
CA VAL A 11 -3.58 -4.25 9.70
C VAL A 11 -3.06 -3.44 10.87
N LYS A 12 -1.83 -2.94 10.75
CA LYS A 12 -1.22 -2.14 11.80
C LYS A 12 0.12 -1.57 11.34
N ARG A 13 0.19 -1.17 10.07
CA ARG A 13 1.40 -0.61 9.51
C ARG A 13 1.10 0.20 8.25
N PRO A 14 2.03 1.08 7.87
CA PRO A 14 1.89 1.92 6.68
C PRO A 14 1.98 1.12 5.38
N MET A 15 1.84 1.81 4.26
CA MET A 15 1.92 1.17 2.96
C MET A 15 2.97 1.82 2.08
N ASN A 16 3.20 1.24 0.90
CA ASN A 16 4.20 1.77 -0.03
C ASN A 16 3.53 2.27 -1.31
N ALA A 17 4.29 2.97 -2.14
CA ALA A 17 3.78 3.50 -3.40
C ALA A 17 3.07 2.41 -4.20
N PHE A 18 3.70 1.24 -4.27
CA PHE A 18 3.13 0.12 -5.01
C PHE A 18 1.68 -0.12 -4.62
N MET A 19 1.37 0.17 -3.36
CA MET A 19 0.01 -0.02 -2.85
C MET A 19 -0.92 1.09 -3.36
N VAL A 20 -0.37 2.30 -3.48
CA VAL A 20 -1.14 3.44 -3.95
C VAL A 20 -1.57 3.25 -5.41
N TRP A 21 -0.67 2.70 -6.21
CA TRP A 21 -0.96 2.47 -7.62
C TRP A 21 -1.76 1.18 -7.81
N SER A 22 -1.30 0.11 -7.19
CA SER A 22 -1.98 -1.18 -7.29
C SER A 22 -3.46 -1.04 -6.95
N ARG A 23 -3.75 -0.31 -5.88
CA ARG A 23 -5.13 -0.10 -5.44
C ARG A 23 -6.00 0.37 -6.61
N GLY A 24 -5.41 1.15 -7.51
CA GLY A 24 -6.14 1.66 -8.66
C GLY A 24 -6.20 0.66 -9.79
N GLN A 25 -5.06 0.02 -10.08
CA GLN A 25 -4.99 -0.95 -11.15
C GLN A 25 -5.88 -2.15 -10.86
N ARG A 26 -5.99 -2.51 -9.59
CA ARG A 26 -6.82 -3.64 -9.18
C ARG A 26 -8.26 -3.46 -9.66
N ARG A 27 -8.80 -2.27 -9.45
CA ARG A 27 -10.17 -1.98 -9.86
C ARG A 27 -10.34 -2.20 -11.36
N LYS A 28 -9.34 -1.83 -12.14
CA LYS A 28 -9.38 -1.99 -13.59
C LYS A 28 -9.22 -3.45 -13.97
N MET A 29 -8.25 -4.13 -13.36
CA MET A 29 -8.01 -5.53 -13.64
C MET A 29 -9.16 -6.40 -13.14
N ALA A 30 -9.93 -5.87 -12.19
CA ALA A 30 -11.07 -6.59 -11.64
C ALA A 30 -12.32 -6.38 -12.50
N GLN A 31 -12.63 -5.13 -12.78
CA GLN A 31 -13.80 -4.80 -13.60
C GLN A 31 -13.66 -5.35 -15.01
N GLU A 32 -12.43 -5.35 -15.52
CA GLU A 32 -12.17 -5.86 -16.87
C GLU A 32 -11.95 -7.36 -16.85
N ASN A 33 -11.31 -7.85 -15.79
CA ASN A 33 -11.04 -9.28 -15.65
C ASN A 33 -11.51 -9.79 -14.29
N PRO A 34 -12.82 -9.88 -14.11
CA PRO A 34 -13.42 -10.36 -12.86
C PRO A 34 -13.18 -11.85 -12.63
N LYS A 35 -13.06 -12.60 -13.73
CA LYS A 35 -12.83 -14.04 -13.66
C LYS A 35 -11.44 -14.33 -13.10
N MET A 36 -10.52 -13.39 -13.27
CA MET A 36 -9.16 -13.55 -12.79
C MET A 36 -9.12 -13.52 -11.26
N HIS A 37 -8.58 -14.58 -10.67
CA HIS A 37 -8.48 -14.68 -9.22
C HIS A 37 -7.46 -13.68 -8.67
N ASN A 38 -7.57 -13.36 -7.39
CA ASN A 38 -6.66 -12.41 -6.75
C ASN A 38 -5.21 -12.82 -6.99
N SER A 39 -4.91 -14.09 -6.76
CA SER A 39 -3.56 -14.60 -6.94
C SER A 39 -3.03 -14.25 -8.32
N GLU A 40 -3.93 -14.21 -9.31
CA GLU A 40 -3.55 -13.90 -10.67
C GLU A 40 -3.36 -12.40 -10.85
N ILE A 41 -4.34 -11.62 -10.41
CA ILE A 41 -4.27 -10.17 -10.52
C ILE A 41 -3.03 -9.62 -9.82
N SER A 42 -2.66 -10.26 -8.72
CA SER A 42 -1.50 -9.84 -7.95
C SER A 42 -0.20 -10.08 -8.73
N LYS A 43 -0.13 -11.24 -9.39
CA LYS A 43 1.05 -11.59 -10.17
C LYS A 43 1.31 -10.56 -11.26
N ARG A 44 0.24 -9.97 -11.79
CA ARG A 44 0.35 -8.97 -12.83
C ARG A 44 0.70 -7.60 -12.24
N LEU A 45 0.24 -7.35 -11.03
CA LEU A 45 0.50 -6.09 -10.35
C LEU A 45 1.98 -5.93 -10.06
N GLY A 46 2.54 -6.85 -9.28
CA GLY A 46 3.95 -6.80 -8.94
C GLY A 46 4.83 -6.69 -10.16
N ALA A 47 4.39 -7.30 -11.26
CA ALA A 47 5.16 -7.27 -12.50
C ALA A 47 5.13 -5.88 -13.14
N GLU A 48 3.97 -5.24 -13.07
CA GLU A 48 3.80 -3.91 -13.64
C GLU A 48 4.74 -2.91 -12.97
N TRP A 49 4.84 -2.99 -11.64
CA TRP A 49 5.70 -2.09 -10.89
C TRP A 49 7.14 -2.22 -11.34
N LYS A 50 7.57 -3.45 -11.62
CA LYS A 50 8.93 -3.70 -12.06
C LYS A 50 9.21 -3.02 -13.40
N LEU A 51 8.16 -2.86 -14.20
CA LEU A 51 8.29 -2.22 -15.51
C LEU A 51 7.74 -0.80 -15.48
N LEU A 52 7.36 -0.35 -14.29
CA LEU A 52 6.82 1.00 -14.12
C LEU A 52 7.93 2.05 -14.17
N SER A 53 7.67 3.14 -14.86
CA SER A 53 8.64 4.22 -14.99
C SER A 53 8.69 5.06 -13.72
N GLU A 54 9.90 5.49 -13.35
CA GLU A 54 10.09 6.30 -12.15
C GLU A 54 9.15 7.50 -12.15
N THR A 55 8.92 8.06 -13.34
CA THR A 55 8.05 9.21 -13.48
C THR A 55 6.60 8.87 -13.14
N GLU A 56 6.20 7.65 -13.49
CA GLU A 56 4.84 7.19 -13.21
C GLU A 56 4.60 7.06 -11.72
N LYS A 57 5.60 6.60 -10.99
CA LYS A 57 5.50 6.43 -9.55
C LYS A 57 5.69 7.77 -8.83
N ARG A 58 6.50 8.64 -9.42
CA ARG A 58 6.76 9.95 -8.83
C ARG A 58 5.52 10.48 -8.12
N PRO A 59 4.40 10.57 -8.86
CA PRO A 59 3.13 11.06 -8.30
C PRO A 59 2.52 10.08 -7.31
N PHE A 60 2.63 8.79 -7.61
CA PHE A 60 2.09 7.75 -6.73
C PHE A 60 2.78 7.77 -5.38
N ILE A 61 4.10 7.64 -5.39
CA ILE A 61 4.89 7.64 -4.16
C ILE A 61 4.52 8.82 -3.27
N ASP A 62 4.31 9.97 -3.89
CA ASP A 62 3.94 11.18 -3.16
C ASP A 62 2.69 10.94 -2.30
N GLU A 63 1.71 10.26 -2.88
CA GLU A 63 0.48 9.95 -2.17
C GLU A 63 0.74 9.07 -0.96
N ALA A 64 1.49 7.99 -1.17
CA ALA A 64 1.80 7.06 -0.10
C ALA A 64 2.52 7.77 1.05
N LYS A 65 3.47 8.63 0.71
CA LYS A 65 4.23 9.37 1.72
C LYS A 65 3.29 10.10 2.67
N ARG A 66 2.22 10.67 2.12
CA ARG A 66 1.25 11.39 2.93
C ARG A 66 0.54 10.46 3.91
N LEU A 67 0.21 9.27 3.44
CA LEU A 67 -0.47 8.27 4.27
C LEU A 67 0.39 7.88 5.47
N ARG A 68 1.68 7.65 5.21
CA ARG A 68 2.62 7.27 6.26
C ARG A 68 2.77 8.40 7.28
N ALA A 69 2.72 9.63 6.80
CA ALA A 69 2.86 10.79 7.67
C ALA A 69 1.64 10.96 8.56
N LEU A 70 0.47 10.62 8.03
CA LEU A 70 -0.78 10.73 8.77
C LEU A 70 -0.91 9.60 9.77
N HIS A 71 -0.40 8.43 9.41
CA HIS A 71 -0.46 7.26 10.28
C HIS A 71 0.65 7.31 11.33
N MET A 72 1.79 7.90 10.95
CA MET A 72 2.92 8.00 11.86
C MET A 72 2.50 8.58 13.20
N LYS A 73 1.76 9.68 13.17
CA LYS A 73 1.28 10.33 14.38
C LYS A 73 0.24 9.46 15.09
N GLU A 74 -0.56 8.76 14.29
CA GLU A 74 -1.60 7.89 14.85
C GLU A 74 -2.26 8.53 16.06
N HIS A 75 -2.69 9.78 15.90
CA HIS A 75 -3.33 10.51 16.98
C HIS A 75 -4.48 9.69 17.58
N PRO A 76 -4.76 9.92 18.87
CA PRO A 76 -5.83 9.22 19.59
C PRO A 76 -7.21 9.63 19.12
N ASP A 77 -7.35 10.90 18.72
CA ASP A 77 -8.62 11.42 18.24
C ASP A 77 -9.17 10.56 17.11
N TYR A 78 -10.27 9.87 17.38
CA TYR A 78 -10.90 9.00 16.40
C TYR A 78 -9.96 7.87 15.98
N LYS A 79 -10.13 6.71 16.61
CA LYS A 79 -9.30 5.55 16.30
C LYS A 79 -9.73 4.34 17.13
N TYR A 80 -10.35 3.37 16.46
CA TYR A 80 -10.82 2.17 17.12
C TYR A 80 -10.62 0.94 16.24
N ARG A 81 -9.80 0.00 16.71
CA ARG A 81 -9.52 -1.21 15.96
C ARG A 81 -9.13 -2.35 16.90
N PRO A 82 -9.32 -3.59 16.44
CA PRO A 82 -8.98 -4.79 17.23
C PRO A 82 -7.48 -4.98 17.39
N ARG A 83 -7.09 -6.00 18.13
CA ARG A 83 -5.68 -6.30 18.36
C ARG A 83 -5.38 -7.77 18.13
N ARG A 84 -4.29 -8.04 17.42
CA ARG A 84 -3.88 -9.41 17.13
C ARG A 84 -2.37 -9.58 17.26
N LYS A 85 -1.91 -10.82 17.12
CA LYS A 85 -0.48 -11.11 17.22
C LYS A 85 0.33 -10.22 16.29
N THR A 86 1.63 -10.10 16.58
CA THR A 86 2.51 -9.28 15.76
C THR A 86 3.46 -10.14 14.93
N LYS A 87 3.80 -9.65 13.74
CA LYS A 87 4.70 -10.37 12.85
C LYS A 87 5.31 -9.44 11.82
N THR A 88 6.21 -8.56 12.28
CA THR A 88 6.88 -7.61 11.40
C THR A 88 8.39 -7.64 11.60
N LEU A 89 9.12 -7.57 10.50
CA LEU A 89 10.58 -7.59 10.55
C LEU A 89 11.13 -6.18 10.76
N MET A 90 12.41 -6.10 11.14
CA MET A 90 13.06 -4.82 11.38
C MET A 90 14.09 -4.52 10.29
N LYS A 91 14.32 -3.25 10.04
CA LYS A 91 15.29 -2.83 9.03
C LYS A 91 16.47 -2.10 9.67
N LYS A 92 17.68 -2.47 9.25
CA LYS A 92 18.89 -1.86 9.78
C LYS A 92 19.28 -0.63 8.97
N ASP A 93 19.96 0.31 9.61
CA ASP A 93 20.39 1.53 8.94
C ASP A 93 21.91 1.69 9.02
N LYS A 94 22.43 2.76 8.42
CA LYS A 94 23.86 3.02 8.43
C LYS A 94 24.13 4.52 8.41
N TYR A 95 25.09 4.96 9.23
CA TYR A 95 25.45 6.36 9.31
C TYR A 95 26.93 6.56 9.03
N THR A 96 27.23 7.20 7.91
CA THR A 96 28.61 7.45 7.51
C THR A 96 29.34 8.28 8.57
N LEU A 97 30.66 8.13 8.62
CA LEU A 97 31.48 8.85 9.59
C LEU A 97 31.38 10.35 9.37
N GLY A 1 -12.11 -17.40 20.66
CA GLY A 1 -13.45 -17.35 21.23
C GLY A 1 -13.51 -16.52 22.49
N SER A 2 -14.69 -16.43 23.08
CA SER A 2 -14.89 -15.64 24.29
C SER A 2 -14.49 -14.19 24.07
N ASN A 3 -14.97 -13.61 22.96
CA ASN A 3 -14.67 -12.23 22.63
C ASN A 3 -13.20 -12.07 22.25
N GLN A 4 -12.33 -12.09 23.25
CA GLN A 4 -10.90 -11.94 23.02
C GLN A 4 -10.58 -10.59 22.39
N LYS A 5 -9.29 -10.28 22.28
CA LYS A 5 -8.86 -9.02 21.69
C LYS A 5 -7.96 -9.27 20.48
N ASN A 6 -7.13 -10.30 20.57
CA ASN A 6 -6.22 -10.65 19.48
C ASN A 6 -5.28 -9.49 19.17
N SER A 7 -4.49 -9.65 18.11
CA SER A 7 -3.53 -8.62 17.71
C SER A 7 -2.64 -8.22 18.88
N PRO A 8 -1.72 -9.12 19.25
CA PRO A 8 -0.79 -8.88 20.36
C PRO A 8 0.26 -7.81 20.03
N ASP A 9 1.19 -7.59 20.94
CA ASP A 9 2.24 -6.60 20.74
C ASP A 9 3.14 -6.99 19.58
N ARG A 10 3.30 -6.07 18.63
CA ARG A 10 4.13 -6.32 17.46
C ARG A 10 4.34 -5.03 16.66
N VAL A 11 5.49 -4.92 16.01
CA VAL A 11 5.81 -3.75 15.22
C VAL A 11 5.35 -3.92 13.77
N LYS A 12 4.91 -2.83 13.16
CA LYS A 12 4.46 -2.86 11.78
C LYS A 12 4.80 -1.55 11.06
N ARG A 13 4.68 -1.56 9.73
CA ARG A 13 4.99 -0.38 8.93
C ARG A 13 3.80 -0.02 8.03
N PRO A 14 3.78 1.23 7.55
CA PRO A 14 2.71 1.73 6.68
C PRO A 14 2.77 1.10 5.30
N MET A 15 1.94 1.61 4.38
CA MET A 15 1.89 1.10 3.02
C MET A 15 2.95 1.78 2.15
N ASN A 16 3.11 1.27 0.93
CA ASN A 16 4.08 1.84 0.00
C ASN A 16 3.40 2.33 -1.27
N ALA A 17 4.15 3.06 -2.09
CA ALA A 17 3.62 3.60 -3.34
C ALA A 17 2.92 2.51 -4.15
N PHE A 18 3.56 1.35 -4.23
CA PHE A 18 3.01 0.22 -4.98
C PHE A 18 1.54 -0.02 -4.60
N MET A 19 1.22 0.25 -3.34
CA MET A 19 -0.13 0.05 -2.84
C MET A 19 -1.06 1.16 -3.35
N VAL A 20 -0.53 2.36 -3.48
CA VAL A 20 -1.31 3.50 -3.96
C VAL A 20 -1.72 3.29 -5.41
N TRP A 21 -0.84 2.72 -6.21
CA TRP A 21 -1.12 2.47 -7.62
C TRP A 21 -1.90 1.18 -7.80
N SER A 22 -1.41 0.11 -7.17
CA SER A 22 -2.07 -1.20 -7.27
C SER A 22 -3.55 -1.09 -6.91
N ARG A 23 -3.83 -0.40 -5.81
CA ARG A 23 -5.21 -0.23 -5.36
C ARG A 23 -6.09 0.29 -6.50
N GLY A 24 -5.52 1.13 -7.35
CA GLY A 24 -6.27 1.68 -8.46
C GLY A 24 -6.32 0.73 -9.66
N GLN A 25 -5.26 -0.05 -9.83
CA GLN A 25 -5.19 -1.00 -10.94
C GLN A 25 -6.08 -2.20 -10.68
N ARG A 26 -6.22 -2.58 -9.41
CA ARG A 26 -7.05 -3.71 -9.03
C ARG A 26 -8.48 -3.53 -9.53
N ARG A 27 -9.03 -2.35 -9.30
CA ARG A 27 -10.40 -2.05 -9.73
C ARG A 27 -10.54 -2.24 -11.24
N LYS A 28 -9.52 -1.85 -11.98
CA LYS A 28 -9.53 -1.97 -13.43
C LYS A 28 -9.37 -3.43 -13.86
N MET A 29 -8.41 -4.12 -13.24
CA MET A 29 -8.16 -5.52 -13.56
C MET A 29 -9.32 -6.39 -13.11
N ALA A 30 -10.10 -5.88 -12.15
CA ALA A 30 -11.25 -6.63 -11.64
C ALA A 30 -12.49 -6.40 -12.50
N GLN A 31 -12.78 -5.14 -12.78
CA GLN A 31 -13.94 -4.78 -13.59
C GLN A 31 -13.76 -5.28 -15.03
N GLU A 32 -12.53 -5.26 -15.51
CA GLU A 32 -12.23 -5.71 -16.87
C GLU A 32 -11.96 -7.21 -16.90
N ASN A 33 -11.27 -7.71 -15.87
CA ASN A 33 -10.95 -9.13 -15.77
C ASN A 33 -11.39 -9.70 -14.44
N PRO A 34 -12.72 -9.80 -14.25
CA PRO A 34 -13.30 -10.34 -13.02
C PRO A 34 -13.06 -11.84 -12.86
N LYS A 35 -12.93 -12.53 -13.98
CA LYS A 35 -12.68 -13.97 -13.97
C LYS A 35 -11.30 -14.29 -13.42
N MET A 36 -10.39 -13.32 -13.53
CA MET A 36 -9.03 -13.50 -13.04
C MET A 36 -8.99 -13.52 -11.51
N HIS A 37 -8.44 -14.60 -10.95
CA HIS A 37 -8.35 -14.74 -9.50
C HIS A 37 -7.35 -13.74 -8.92
N ASN A 38 -7.46 -13.51 -7.62
CA ASN A 38 -6.57 -12.57 -6.94
C ASN A 38 -5.11 -12.95 -7.17
N SER A 39 -4.79 -14.22 -6.96
CA SER A 39 -3.42 -14.71 -7.14
C SER A 39 -2.89 -14.32 -8.51
N GLU A 40 -3.79 -14.28 -9.51
CA GLU A 40 -3.40 -13.93 -10.87
C GLU A 40 -3.21 -12.43 -11.00
N ILE A 41 -4.19 -11.67 -10.55
CA ILE A 41 -4.13 -10.21 -10.61
C ILE A 41 -2.89 -9.68 -9.88
N SER A 42 -2.54 -10.34 -8.79
CA SER A 42 -1.38 -9.93 -8.00
C SER A 42 -0.09 -10.11 -8.80
N LYS A 43 0.03 -11.26 -9.47
CA LYS A 43 1.21 -11.55 -10.28
C LYS A 43 1.46 -10.45 -11.30
N ARG A 44 0.38 -9.85 -11.79
CA ARG A 44 0.48 -8.78 -12.78
C ARG A 44 0.77 -7.45 -12.10
N LEU A 45 0.28 -7.29 -10.89
CA LEU A 45 0.47 -6.05 -10.13
C LEU A 45 1.95 -5.86 -9.79
N GLY A 46 2.51 -6.81 -9.07
CA GLY A 46 3.91 -6.73 -8.67
C GLY A 46 4.83 -6.62 -9.88
N ALA A 47 4.44 -7.26 -10.98
CA ALA A 47 5.24 -7.24 -12.20
C ALA A 47 5.16 -5.87 -12.89
N GLU A 48 3.95 -5.31 -12.92
CA GLU A 48 3.73 -4.00 -13.54
C GLU A 48 4.58 -2.92 -12.87
N TRP A 49 4.76 -3.06 -11.55
CA TRP A 49 5.55 -2.10 -10.78
C TRP A 49 7.03 -2.22 -11.11
N LYS A 50 7.48 -3.45 -11.31
CA LYS A 50 8.88 -3.71 -11.63
C LYS A 50 9.26 -3.05 -12.96
N LEU A 51 8.29 -2.94 -13.86
CA LEU A 51 8.52 -2.33 -15.16
C LEU A 51 8.02 -0.89 -15.19
N LEU A 52 7.27 -0.51 -14.16
CA LEU A 52 6.73 0.85 -14.06
C LEU A 52 7.84 1.88 -14.16
N SER A 53 7.56 2.99 -14.85
CA SER A 53 8.54 4.05 -15.01
C SER A 53 8.64 4.90 -13.75
N GLU A 54 9.85 5.33 -13.42
CA GLU A 54 10.08 6.15 -12.24
C GLU A 54 9.17 7.36 -12.24
N THR A 55 8.91 7.91 -13.43
CA THR A 55 8.05 9.08 -13.57
C THR A 55 6.61 8.75 -13.20
N GLU A 56 6.18 7.53 -13.55
CA GLU A 56 4.82 7.10 -13.26
C GLU A 56 4.59 7.00 -11.76
N LYS A 57 5.61 6.54 -11.04
CA LYS A 57 5.51 6.40 -9.59
C LYS A 57 5.71 7.74 -8.90
N ARG A 58 6.52 8.60 -9.50
CA ARG A 58 6.79 9.92 -8.95
C ARG A 58 5.56 10.46 -8.22
N PRO A 59 4.43 10.55 -8.94
CA PRO A 59 3.17 11.05 -8.39
C PRO A 59 2.56 10.09 -7.38
N PHE A 60 2.66 8.80 -7.65
CA PHE A 60 2.12 7.77 -6.76
C PHE A 60 2.82 7.80 -5.41
N ILE A 61 4.14 7.70 -5.43
CA ILE A 61 4.93 7.71 -4.20
C ILE A 61 4.57 8.92 -3.33
N ASP A 62 4.40 10.07 -3.97
CA ASP A 62 4.04 11.29 -3.25
C ASP A 62 2.76 11.09 -2.43
N GLU A 63 1.82 10.35 -3.00
CA GLU A 63 0.55 10.08 -2.32
C GLU A 63 0.77 9.21 -1.09
N ALA A 64 1.53 8.12 -1.26
CA ALA A 64 1.81 7.20 -0.17
C ALA A 64 2.47 7.93 0.99
N LYS A 65 3.37 8.86 0.68
CA LYS A 65 4.07 9.62 1.70
C LYS A 65 3.09 10.27 2.67
N ARG A 66 2.00 10.82 2.12
CA ARG A 66 0.98 11.46 2.94
C ARG A 66 0.37 10.48 3.94
N LEU A 67 0.13 9.26 3.49
CA LEU A 67 -0.45 8.23 4.34
C LEU A 67 0.52 7.81 5.43
N ARG A 68 1.79 7.65 5.06
CA ARG A 68 2.82 7.25 5.99
C ARG A 68 3.05 8.33 7.05
N ALA A 69 3.10 9.59 6.61
CA ALA A 69 3.31 10.70 7.51
C ALA A 69 2.19 10.79 8.53
N LEU A 70 0.95 10.69 8.07
CA LEU A 70 -0.21 10.76 8.96
C LEU A 70 -0.31 9.50 9.81
N HIS A 71 0.07 8.36 9.23
CA HIS A 71 0.02 7.09 9.94
C HIS A 71 0.98 7.09 11.13
N MET A 72 2.07 7.83 11.00
CA MET A 72 3.07 7.93 12.06
C MET A 72 2.41 8.28 13.40
N LYS A 73 1.55 9.29 13.38
CA LYS A 73 0.85 9.71 14.58
C LYS A 73 -0.51 9.03 14.69
N GLU A 74 -1.11 8.73 13.55
CA GLU A 74 -2.41 8.07 13.53
C GLU A 74 -2.38 6.82 12.65
N HIS A 75 -1.72 5.78 13.14
CA HIS A 75 -1.61 4.52 12.41
C HIS A 75 -2.90 3.72 12.51
N PRO A 76 -3.18 2.92 11.48
CA PRO A 76 -4.39 2.08 11.43
C PRO A 76 -4.34 0.93 12.44
N ASP A 77 -3.21 0.27 12.50
CA ASP A 77 -3.03 -0.86 13.43
C ASP A 77 -4.17 -1.86 13.28
N TYR A 78 -4.70 -1.98 12.07
CA TYR A 78 -5.80 -2.90 11.81
C TYR A 78 -6.20 -2.86 10.34
N LYS A 79 -6.15 -4.01 9.68
CA LYS A 79 -6.49 -4.11 8.27
C LYS A 79 -6.42 -5.56 7.79
N TYR A 80 -6.87 -6.48 8.64
CA TYR A 80 -6.84 -7.90 8.30
C TYR A 80 -5.46 -8.32 7.80
N ARG A 81 -4.45 -8.11 8.64
CA ARG A 81 -3.08 -8.48 8.29
C ARG A 81 -3.01 -9.93 7.81
N PRO A 82 -1.95 -10.25 7.06
CA PRO A 82 -1.73 -11.61 6.54
C PRO A 82 -1.38 -12.61 7.64
N ARG A 83 -0.75 -12.12 8.70
CA ARG A 83 -0.36 -12.97 9.82
C ARG A 83 0.68 -13.99 9.39
N ARG A 84 1.55 -14.37 10.32
CA ARG A 84 2.60 -15.34 10.04
C ARG A 84 3.40 -14.93 8.81
N LYS A 85 3.59 -13.63 8.64
CA LYS A 85 4.33 -13.10 7.51
C LYS A 85 5.75 -13.68 7.47
N THR A 86 6.48 -13.39 6.39
CA THR A 86 7.83 -13.89 6.22
C THR A 86 8.84 -12.90 6.81
N LYS A 87 10.13 -13.22 6.66
CA LYS A 87 11.18 -12.37 7.17
C LYS A 87 12.01 -11.77 6.03
N THR A 88 12.20 -12.57 4.98
CA THR A 88 12.97 -12.12 3.82
C THR A 88 12.06 -11.55 2.74
N LEU A 89 12.45 -10.42 2.17
CA LEU A 89 11.67 -9.77 1.13
C LEU A 89 12.58 -9.06 0.12
N MET A 90 13.59 -8.37 0.64
CA MET A 90 14.54 -7.65 -0.21
C MET A 90 15.97 -7.88 0.26
N LYS A 91 16.92 -7.25 -0.43
CA LYS A 91 18.33 -7.39 -0.09
C LYS A 91 19.11 -6.15 -0.51
N LYS A 92 20.38 -6.09 -0.12
CA LYS A 92 21.23 -4.96 -0.45
C LYS A 92 22.52 -5.43 -1.10
N ASP A 93 22.40 -6.06 -2.26
CA ASP A 93 23.57 -6.56 -2.99
C ASP A 93 24.03 -5.55 -4.03
N LYS A 94 25.24 -5.03 -3.85
CA LYS A 94 25.80 -4.05 -4.78
C LYS A 94 27.30 -4.27 -4.94
N TYR A 95 27.87 -3.62 -5.96
CA TYR A 95 29.30 -3.74 -6.22
C TYR A 95 29.99 -2.39 -6.11
N THR A 96 31.28 -2.41 -5.76
CA THR A 96 32.06 -1.19 -5.62
C THR A 96 33.46 -1.36 -6.17
N LEU A 97 34.03 -0.27 -6.67
CA LEU A 97 35.38 -0.30 -7.23
C LEU A 97 35.97 1.10 -7.30
N GLY A 1 -20.82 -27.27 1.78
CA GLY A 1 -19.46 -27.23 2.29
C GLY A 1 -19.03 -25.84 2.68
N SER A 2 -19.96 -25.07 3.24
CA SER A 2 -19.66 -23.71 3.66
C SER A 2 -19.30 -23.66 5.15
N ASN A 3 -18.10 -23.17 5.44
CA ASN A 3 -17.64 -23.06 6.82
C ASN A 3 -16.70 -21.88 6.99
N GLN A 4 -17.26 -20.72 7.31
CA GLN A 4 -16.47 -19.50 7.50
C GLN A 4 -17.27 -18.45 8.24
N LYS A 5 -16.96 -18.27 9.53
CA LYS A 5 -17.65 -17.29 10.35
C LYS A 5 -16.79 -16.04 10.55
N ASN A 6 -15.58 -16.24 11.05
CA ASN A 6 -14.66 -15.13 11.28
C ASN A 6 -13.60 -15.07 10.19
N SER A 7 -12.82 -14.00 10.19
CA SER A 7 -11.76 -13.81 9.20
C SER A 7 -10.99 -12.52 9.45
N PRO A 8 -9.78 -12.43 8.90
CA PRO A 8 -8.91 -11.26 9.05
C PRO A 8 -9.45 -10.04 8.30
N ASP A 9 -10.14 -9.16 9.03
CA ASP A 9 -10.71 -7.96 8.43
C ASP A 9 -10.35 -6.73 9.27
N ARG A 10 -9.08 -6.62 9.63
CA ARG A 10 -8.61 -5.49 10.44
C ARG A 10 -7.19 -5.12 10.06
N VAL A 11 -7.00 -3.90 9.58
CA VAL A 11 -5.68 -3.41 9.19
C VAL A 11 -5.24 -2.25 10.07
N LYS A 12 -3.95 -2.24 10.39
CA LYS A 12 -3.38 -1.19 11.24
C LYS A 12 -1.90 -0.96 10.92
N ARG A 13 -1.58 -0.96 9.63
CA ARG A 13 -0.20 -0.76 9.19
C ARG A 13 -0.16 0.18 8.00
N PRO A 14 1.02 0.82 7.80
CA PRO A 14 1.23 1.76 6.69
C PRO A 14 1.25 1.06 5.33
N MET A 15 1.58 1.82 4.29
CA MET A 15 1.65 1.28 2.94
C MET A 15 2.71 2.00 2.11
N ASN A 16 2.92 1.52 0.89
CA ASN A 16 3.92 2.12 0.00
C ASN A 16 3.27 2.60 -1.29
N ALA A 17 4.03 3.32 -2.10
CA ALA A 17 3.53 3.83 -3.37
C ALA A 17 2.86 2.73 -4.18
N PHE A 18 3.50 1.57 -4.25
CA PHE A 18 2.97 0.43 -4.99
C PHE A 18 1.51 0.18 -4.62
N MET A 19 1.17 0.44 -3.37
CA MET A 19 -0.20 0.25 -2.88
C MET A 19 -1.13 1.32 -3.45
N VAL A 20 -0.60 2.53 -3.61
CA VAL A 20 -1.39 3.64 -4.14
C VAL A 20 -1.79 3.38 -5.59
N TRP A 21 -0.90 2.74 -6.34
CA TRP A 21 -1.16 2.44 -7.74
C TRP A 21 -1.94 1.13 -7.88
N SER A 22 -1.45 0.10 -7.21
CA SER A 22 -2.11 -1.21 -7.27
C SER A 22 -3.57 -1.10 -6.87
N ARG A 23 -3.83 -0.43 -5.75
CA ARG A 23 -5.20 -0.26 -5.26
C ARG A 23 -6.12 0.25 -6.36
N GLY A 24 -5.59 1.14 -7.20
CA GLY A 24 -6.38 1.69 -8.30
C GLY A 24 -6.41 0.76 -9.50
N GLN A 25 -5.37 -0.04 -9.65
CA GLN A 25 -5.29 -0.96 -10.77
C GLN A 25 -6.17 -2.19 -10.54
N ARG A 26 -6.31 -2.57 -9.28
CA ARG A 26 -7.13 -3.72 -8.91
C ARG A 26 -8.56 -3.56 -9.43
N ARG A 27 -9.14 -2.38 -9.19
CA ARG A 27 -10.50 -2.10 -9.62
C ARG A 27 -10.63 -2.26 -11.13
N LYS A 28 -9.61 -1.85 -11.86
CA LYS A 28 -9.61 -1.95 -13.31
C LYS A 28 -9.42 -3.40 -13.75
N MET A 29 -8.46 -4.07 -13.15
CA MET A 29 -8.19 -5.47 -13.49
C MET A 29 -9.33 -6.38 -13.04
N ALA A 30 -10.12 -5.89 -12.08
CA ALA A 30 -11.25 -6.65 -11.56
C ALA A 30 -12.49 -6.43 -12.42
N GLN A 31 -12.81 -5.18 -12.69
CA GLN A 31 -13.97 -4.84 -13.49
C GLN A 31 -13.79 -5.30 -14.94
N GLU A 32 -12.56 -5.24 -15.42
CA GLU A 32 -12.26 -5.65 -16.78
C GLU A 32 -11.98 -7.15 -16.85
N ASN A 33 -11.34 -7.68 -15.81
CA ASN A 33 -11.02 -9.09 -15.75
C ASN A 33 -11.46 -9.71 -14.43
N PRO A 34 -12.79 -9.86 -14.26
CA PRO A 34 -13.37 -10.43 -13.04
C PRO A 34 -13.07 -11.92 -12.90
N LYS A 35 -12.94 -12.59 -14.03
CA LYS A 35 -12.65 -14.03 -14.04
C LYS A 35 -11.25 -14.30 -13.51
N MET A 36 -10.37 -13.32 -13.65
CA MET A 36 -8.99 -13.45 -13.19
C MET A 36 -8.93 -13.55 -11.67
N HIS A 37 -8.40 -14.67 -11.17
CA HIS A 37 -8.29 -14.88 -9.74
C HIS A 37 -7.33 -13.87 -9.11
N ASN A 38 -7.54 -13.58 -7.83
CA ASN A 38 -6.70 -12.63 -7.11
C ASN A 38 -5.22 -12.98 -7.28
N SER A 39 -4.89 -14.24 -7.03
CA SER A 39 -3.51 -14.70 -7.15
C SER A 39 -2.91 -14.32 -8.51
N GLU A 40 -3.76 -14.30 -9.54
CA GLU A 40 -3.32 -13.95 -10.87
C GLU A 40 -3.15 -12.44 -11.01
N ILE A 41 -4.14 -11.69 -10.56
CA ILE A 41 -4.10 -10.24 -10.63
C ILE A 41 -2.87 -9.69 -9.89
N SER A 42 -2.52 -10.34 -8.79
CA SER A 42 -1.38 -9.92 -7.98
C SER A 42 -0.08 -10.10 -8.76
N LYS A 43 0.08 -11.25 -9.39
CA LYS A 43 1.28 -11.54 -10.17
C LYS A 43 1.56 -10.43 -11.18
N ARG A 44 0.48 -9.85 -11.73
CA ARG A 44 0.61 -8.78 -12.71
C ARG A 44 0.83 -7.43 -12.02
N LEU A 45 0.27 -7.29 -10.82
CA LEU A 45 0.40 -6.06 -10.05
C LEU A 45 1.85 -5.82 -9.67
N GLY A 46 2.45 -6.82 -9.02
CA GLY A 46 3.84 -6.69 -8.60
C GLY A 46 4.80 -6.59 -9.77
N ALA A 47 4.45 -7.24 -10.88
CA ALA A 47 5.28 -7.22 -12.07
C ALA A 47 5.20 -5.86 -12.78
N GLU A 48 4.00 -5.30 -12.80
CA GLU A 48 3.79 -4.00 -13.45
C GLU A 48 4.64 -2.92 -12.78
N TRP A 49 4.79 -3.02 -11.46
CA TRP A 49 5.58 -2.05 -10.70
C TRP A 49 7.06 -2.21 -11.00
N LYS A 50 7.50 -3.45 -11.19
CA LYS A 50 8.91 -3.73 -11.49
C LYS A 50 9.32 -3.08 -12.80
N LEU A 51 8.37 -2.94 -13.71
CA LEU A 51 8.64 -2.34 -15.02
C LEU A 51 8.15 -0.89 -15.05
N LEU A 52 7.35 -0.52 -14.07
CA LEU A 52 6.82 0.84 -13.99
C LEU A 52 7.93 1.87 -14.09
N SER A 53 7.67 2.96 -14.81
CA SER A 53 8.66 4.01 -14.99
C SER A 53 8.73 4.89 -13.75
N GLU A 54 9.94 5.32 -13.42
CA GLU A 54 10.16 6.17 -12.25
C GLU A 54 9.23 7.39 -12.28
N THR A 55 8.97 7.90 -13.48
CA THR A 55 8.10 9.06 -13.65
C THR A 55 6.67 8.73 -13.28
N GLU A 56 6.24 7.51 -13.61
CA GLU A 56 4.88 7.06 -13.31
C GLU A 56 4.66 6.98 -11.80
N LYS A 57 5.69 6.55 -11.08
CA LYS A 57 5.60 6.42 -9.63
C LYS A 57 5.77 7.78 -8.95
N ARG A 58 6.57 8.65 -9.57
CA ARG A 58 6.81 9.99 -9.03
C ARG A 58 5.56 10.51 -8.31
N PRO A 59 4.44 10.57 -9.05
CA PRO A 59 3.17 11.05 -8.51
C PRO A 59 2.57 10.10 -7.48
N PHE A 60 2.70 8.80 -7.75
CA PHE A 60 2.17 7.79 -6.85
C PHE A 60 2.85 7.86 -5.48
N ILE A 61 4.17 7.80 -5.49
CA ILE A 61 4.95 7.85 -4.26
C ILE A 61 4.53 9.05 -3.40
N ASP A 62 4.40 10.21 -4.04
CA ASP A 62 4.00 11.42 -3.34
C ASP A 62 2.72 11.20 -2.54
N GLU A 63 1.81 10.42 -3.10
CA GLU A 63 0.54 10.13 -2.44
C GLU A 63 0.75 9.19 -1.25
N ALA A 64 1.56 8.16 -1.46
CA ALA A 64 1.85 7.19 -0.41
C ALA A 64 2.54 7.86 0.79
N LYS A 65 3.45 8.78 0.49
CA LYS A 65 4.17 9.49 1.53
C LYS A 65 3.22 10.10 2.55
N ARG A 66 2.18 10.76 2.06
CA ARG A 66 1.19 11.40 2.92
C ARG A 66 0.56 10.36 3.86
N LEU A 67 0.30 9.18 3.32
CA LEU A 67 -0.31 8.11 4.11
C LEU A 67 0.59 7.71 5.27
N ARG A 68 1.86 7.46 4.98
CA ARG A 68 2.83 7.08 6.00
C ARG A 68 2.94 8.16 7.07
N ALA A 69 3.03 9.41 6.64
CA ALA A 69 3.14 10.53 7.56
C ALA A 69 2.05 10.49 8.62
N LEU A 70 0.81 10.28 8.18
CA LEU A 70 -0.32 10.22 9.09
C LEU A 70 -0.09 9.18 10.19
N HIS A 71 0.68 8.14 9.85
CA HIS A 71 0.99 7.08 10.81
C HIS A 71 2.24 7.42 11.62
N MET A 72 3.14 8.17 11.01
CA MET A 72 4.38 8.58 11.68
C MET A 72 4.09 9.65 12.74
N LYS A 73 3.20 10.57 12.41
CA LYS A 73 2.84 11.64 13.34
C LYS A 73 2.34 11.08 14.66
N GLU A 74 1.67 9.93 14.59
CA GLU A 74 1.14 9.28 15.78
C GLU A 74 2.16 8.31 16.39
N HIS A 75 2.93 7.66 15.51
CA HIS A 75 3.95 6.71 15.95
C HIS A 75 4.85 7.33 17.02
N PRO A 76 5.40 6.48 17.90
CA PRO A 76 6.29 6.92 18.98
C PRO A 76 7.63 7.40 18.46
N ASP A 77 8.21 6.64 17.53
CA ASP A 77 9.50 6.99 16.95
C ASP A 77 9.92 5.97 15.90
N TYR A 78 11.12 6.16 15.33
CA TYR A 78 11.62 5.26 14.32
C TYR A 78 13.02 4.77 14.67
N LYS A 79 13.71 4.19 13.69
CA LYS A 79 15.06 3.68 13.89
C LYS A 79 15.77 3.45 12.56
N TYR A 80 15.55 4.36 11.62
CA TYR A 80 16.17 4.25 10.30
C TYR A 80 16.42 5.63 9.71
N ARG A 81 17.69 5.96 9.53
CA ARG A 81 18.08 7.25 8.97
C ARG A 81 19.34 7.13 8.12
N PRO A 82 19.52 8.06 7.17
CA PRO A 82 20.67 8.08 6.28
C PRO A 82 21.97 8.43 7.01
N ARG A 83 21.86 9.26 8.04
CA ARG A 83 23.02 9.67 8.81
C ARG A 83 22.60 10.61 9.95
N ARG A 84 23.52 10.84 10.88
CA ARG A 84 23.25 11.71 12.01
C ARG A 84 23.42 13.19 11.62
N LYS A 85 22.35 13.78 11.11
CA LYS A 85 22.38 15.18 10.69
C LYS A 85 21.26 15.97 11.35
N THR A 86 21.13 17.24 10.98
CA THR A 86 20.09 18.10 11.54
C THR A 86 19.12 18.55 10.46
N LYS A 87 17.96 19.05 10.88
CA LYS A 87 16.95 19.52 9.95
C LYS A 87 15.96 20.45 10.65
N THR A 88 15.08 21.07 9.86
CA THR A 88 14.09 21.99 10.40
C THR A 88 12.69 21.61 9.95
N LEU A 89 11.92 21.00 10.85
CA LEU A 89 10.56 20.59 10.55
C LEU A 89 9.58 21.15 11.56
N MET A 90 8.87 22.21 11.18
CA MET A 90 7.89 22.85 12.05
C MET A 90 6.52 22.88 11.40
N LYS A 91 5.75 21.81 11.55
CA LYS A 91 4.42 21.72 10.98
C LYS A 91 3.50 22.78 11.58
N LYS A 92 2.70 23.41 10.72
CA LYS A 92 1.77 24.44 11.17
C LYS A 92 0.34 24.11 10.74
N ASP A 93 -0.44 23.58 11.69
CA ASP A 93 -1.82 23.23 11.42
C ASP A 93 -2.72 23.62 12.58
N LYS A 94 -3.12 24.89 12.61
CA LYS A 94 -3.99 25.39 13.67
C LYS A 94 -4.50 26.79 13.32
N TYR A 95 -5.82 26.95 13.34
CA TYR A 95 -6.44 28.23 13.03
C TYR A 95 -7.74 28.41 13.81
N THR A 96 -7.67 29.18 14.89
CA THR A 96 -8.84 29.43 15.71
C THR A 96 -8.58 30.56 16.71
N LEU A 97 -9.58 31.41 16.92
CA LEU A 97 -9.46 32.52 17.85
C LEU A 97 -10.81 33.16 18.12
N GLY A 1 2.58 -3.66 25.86
CA GLY A 1 3.31 -2.85 26.81
C GLY A 1 4.80 -2.85 26.54
N SER A 2 5.59 -3.17 27.56
CA SER A 2 7.05 -3.19 27.43
C SER A 2 7.59 -4.60 27.70
N ASN A 3 7.26 -5.53 26.81
CA ASN A 3 7.72 -6.91 26.95
C ASN A 3 7.36 -7.73 25.72
N GLN A 4 8.28 -8.59 25.30
CA GLN A 4 8.06 -9.44 24.12
C GLN A 4 8.34 -10.90 24.45
N LYS A 5 7.35 -11.75 24.22
CA LYS A 5 7.49 -13.18 24.49
C LYS A 5 6.21 -13.93 24.11
N ASN A 6 5.07 -13.38 24.51
CA ASN A 6 3.78 -13.99 24.21
C ASN A 6 2.63 -13.09 24.63
N SER A 7 2.15 -12.27 23.69
CA SER A 7 1.05 -11.35 23.96
C SER A 7 0.51 -10.74 22.67
N PRO A 8 -0.72 -10.22 22.74
CA PRO A 8 -1.38 -9.61 21.58
C PRO A 8 -0.72 -8.28 21.18
N ASP A 9 -1.37 -7.57 20.27
CA ASP A 9 -0.86 -6.29 19.80
C ASP A 9 0.52 -6.45 19.16
N ARG A 10 0.55 -6.49 17.82
CA ARG A 10 1.79 -6.65 17.09
C ARG A 10 2.26 -5.32 16.50
N VAL A 11 3.23 -5.38 15.61
CA VAL A 11 3.77 -4.18 14.98
C VAL A 11 2.88 -3.73 13.83
N LYS A 12 2.87 -2.42 13.57
CA LYS A 12 2.06 -1.86 12.50
C LYS A 12 2.86 -0.86 11.68
N ARG A 13 2.88 -1.05 10.37
CA ARG A 13 3.60 -0.17 9.47
C ARG A 13 2.69 0.38 8.38
N PRO A 14 3.07 1.54 7.81
CA PRO A 14 2.30 2.20 6.75
C PRO A 14 2.35 1.42 5.45
N MET A 15 1.83 2.04 4.38
CA MET A 15 1.83 1.41 3.06
C MET A 15 2.92 1.99 2.17
N ASN A 16 3.10 1.40 1.00
CA ASN A 16 4.12 1.86 0.06
C ASN A 16 3.48 2.36 -1.23
N ALA A 17 4.27 3.07 -2.04
CA ALA A 17 3.77 3.59 -3.31
C ALA A 17 3.07 2.51 -4.12
N PHE A 18 3.69 1.33 -4.20
CA PHE A 18 3.13 0.22 -4.94
C PHE A 18 1.67 0.00 -4.57
N MET A 19 1.33 0.27 -3.31
CA MET A 19 -0.04 0.10 -2.83
C MET A 19 -0.94 1.20 -3.37
N VAL A 20 -0.39 2.40 -3.52
CA VAL A 20 -1.15 3.53 -4.03
C VAL A 20 -1.54 3.31 -5.49
N TRP A 21 -0.65 2.68 -6.25
CA TRP A 21 -0.90 2.41 -7.65
C TRP A 21 -1.71 1.13 -7.83
N SER A 22 -1.24 0.06 -7.19
CA SER A 22 -1.91 -1.23 -7.28
C SER A 22 -3.38 -1.11 -6.88
N ARG A 23 -3.64 -0.43 -5.77
CA ARG A 23 -5.00 -0.24 -5.29
C ARG A 23 -5.92 0.25 -6.41
N GLY A 24 -5.37 1.11 -7.26
CA GLY A 24 -6.15 1.64 -8.37
C GLY A 24 -6.21 0.70 -9.55
N GLN A 25 -5.19 -0.14 -9.69
CA GLN A 25 -5.13 -1.09 -10.79
C GLN A 25 -6.05 -2.28 -10.53
N ARG A 26 -6.17 -2.66 -9.26
CA ARG A 26 -7.02 -3.77 -8.87
C ARG A 26 -8.45 -3.57 -9.36
N ARG A 27 -8.99 -2.38 -9.14
CA ARG A 27 -10.35 -2.06 -9.55
C ARG A 27 -10.53 -2.29 -11.05
N LYS A 28 -9.54 -1.87 -11.83
CA LYS A 28 -9.57 -2.03 -13.27
C LYS A 28 -9.45 -3.50 -13.66
N MET A 29 -8.53 -4.20 -13.02
CA MET A 29 -8.32 -5.62 -13.29
C MET A 29 -9.51 -6.45 -12.83
N ALA A 30 -10.28 -5.90 -11.89
CA ALA A 30 -11.44 -6.58 -11.35
C ALA A 30 -12.67 -6.34 -12.22
N GLN A 31 -12.93 -5.07 -12.54
CA GLN A 31 -14.07 -4.71 -13.37
C GLN A 31 -13.89 -5.22 -14.80
N GLU A 32 -12.64 -5.23 -15.26
CA GLU A 32 -12.35 -5.69 -16.61
C GLU A 32 -12.09 -7.19 -16.63
N ASN A 33 -11.41 -7.68 -15.60
CA ASN A 33 -11.11 -9.11 -15.50
C ASN A 33 -11.56 -9.67 -14.16
N PRO A 34 -12.89 -9.76 -13.98
CA PRO A 34 -13.50 -10.27 -12.75
C PRO A 34 -13.27 -11.78 -12.58
N LYS A 35 -13.20 -12.49 -13.70
CA LYS A 35 -12.99 -13.93 -13.68
C LYS A 35 -11.58 -14.27 -13.20
N MET A 36 -10.65 -13.33 -13.38
CA MET A 36 -9.27 -13.53 -12.97
C MET A 36 -9.15 -13.49 -11.44
N HIS A 37 -8.58 -14.55 -10.87
CA HIS A 37 -8.41 -14.64 -9.43
C HIS A 37 -7.40 -13.60 -8.94
N ASN A 38 -7.50 -13.25 -7.66
CA ASN A 38 -6.61 -12.27 -7.07
C ASN A 38 -5.15 -12.66 -7.28
N SER A 39 -4.85 -13.93 -7.03
CA SER A 39 -3.48 -14.44 -7.18
C SER A 39 -2.93 -14.10 -8.56
N GLU A 40 -3.80 -14.09 -9.56
CA GLU A 40 -3.40 -13.78 -10.92
C GLU A 40 -3.20 -12.28 -11.10
N ILE A 41 -4.18 -11.49 -10.66
CA ILE A 41 -4.11 -10.04 -10.77
C ILE A 41 -2.88 -9.50 -10.06
N SER A 42 -2.51 -10.14 -8.95
CA SER A 42 -1.35 -9.71 -8.17
C SER A 42 -0.06 -9.92 -8.96
N LYS A 43 0.07 -11.09 -9.58
CA LYS A 43 1.25 -11.43 -10.37
C LYS A 43 1.50 -10.36 -11.43
N ARG A 44 0.42 -9.80 -11.97
CA ARG A 44 0.54 -8.77 -12.99
C ARG A 44 0.87 -7.41 -12.38
N LEU A 45 0.41 -7.20 -11.15
CA LEU A 45 0.65 -5.95 -10.44
C LEU A 45 2.12 -5.83 -10.03
N GLY A 46 2.57 -6.77 -9.19
CA GLY A 46 3.94 -6.75 -8.74
C GLY A 46 4.93 -6.69 -9.88
N ALA A 47 4.55 -7.26 -11.02
CA ALA A 47 5.41 -7.28 -12.20
C ALA A 47 5.36 -5.94 -12.93
N GLU A 48 4.17 -5.32 -12.95
CA GLU A 48 3.99 -4.04 -13.62
C GLU A 48 4.81 -2.95 -12.93
N TRP A 49 4.94 -3.06 -11.62
CA TRP A 49 5.70 -2.08 -10.85
C TRP A 49 7.19 -2.19 -11.13
N LYS A 50 7.66 -3.43 -11.28
CA LYS A 50 9.08 -3.68 -11.56
C LYS A 50 9.50 -3.04 -12.86
N LEU A 51 8.55 -2.92 -13.79
CA LEU A 51 8.82 -2.33 -15.10
C LEU A 51 8.30 -0.89 -15.16
N LEU A 52 7.49 -0.53 -14.18
CA LEU A 52 6.92 0.82 -14.11
C LEU A 52 8.01 1.88 -14.22
N SER A 53 7.72 2.97 -14.93
CA SER A 53 8.67 4.05 -15.10
C SER A 53 8.75 4.93 -13.86
N GLU A 54 9.96 5.37 -13.53
CA GLU A 54 10.15 6.22 -12.35
C GLU A 54 9.22 7.42 -12.38
N THR A 55 8.96 7.93 -13.58
CA THR A 55 8.08 9.09 -13.75
C THR A 55 6.65 8.75 -13.36
N GLU A 56 6.23 7.54 -13.69
CA GLU A 56 4.87 7.09 -13.38
C GLU A 56 4.67 6.98 -11.88
N LYS A 57 5.71 6.55 -11.17
CA LYS A 57 5.65 6.40 -9.72
C LYS A 57 5.80 7.75 -9.03
N ARG A 58 6.58 8.64 -9.64
CA ARG A 58 6.81 9.97 -9.08
C ARG A 58 5.57 10.47 -8.36
N PRO A 59 4.44 10.52 -9.09
CA PRO A 59 3.17 10.98 -8.54
C PRO A 59 2.58 10.01 -7.51
N PHE A 60 2.73 8.72 -7.79
CA PHE A 60 2.21 7.69 -6.89
C PHE A 60 2.92 7.74 -5.55
N ILE A 61 4.24 7.66 -5.58
CA ILE A 61 5.04 7.70 -4.36
C ILE A 61 4.66 8.90 -3.49
N ASP A 62 4.49 10.05 -4.13
CA ASP A 62 4.12 11.28 -3.42
C ASP A 62 2.91 11.03 -2.51
N GLU A 63 1.91 10.34 -3.05
CA GLU A 63 0.70 10.05 -2.30
C GLU A 63 1.01 9.18 -1.08
N ALA A 64 1.77 8.11 -1.29
CA ALA A 64 2.14 7.21 -0.22
C ALA A 64 2.74 7.97 0.96
N LYS A 65 3.54 8.98 0.66
CA LYS A 65 4.17 9.80 1.69
C LYS A 65 3.14 10.36 2.66
N ARG A 66 1.96 10.69 2.14
CA ARG A 66 0.88 11.23 2.96
C ARG A 66 0.29 10.15 3.85
N LEU A 67 0.07 8.98 3.28
CA LEU A 67 -0.50 7.85 4.03
C LEU A 67 0.37 7.50 5.23
N ARG A 68 1.68 7.64 5.06
CA ARG A 68 2.62 7.33 6.12
C ARG A 68 2.57 8.39 7.22
N ALA A 69 2.29 9.63 6.82
CA ALA A 69 2.20 10.74 7.78
C ALA A 69 0.95 10.62 8.64
N LEU A 70 -0.13 10.11 8.04
CA LEU A 70 -1.39 9.95 8.74
C LEU A 70 -1.43 8.61 9.49
N HIS A 71 -0.94 7.57 8.84
CA HIS A 71 -0.92 6.24 9.43
C HIS A 71 -0.19 6.26 10.78
N MET A 72 0.76 7.17 10.92
CA MET A 72 1.53 7.30 12.16
C MET A 72 0.60 7.35 13.36
N LYS A 73 -0.50 8.09 13.23
CA LYS A 73 -1.46 8.23 14.31
C LYS A 73 -2.60 7.21 14.16
N GLU A 74 -2.92 6.87 12.92
CA GLU A 74 -3.98 5.91 12.64
C GLU A 74 -3.48 4.79 11.74
N HIS A 75 -2.66 3.90 12.31
CA HIS A 75 -2.11 2.78 11.55
C HIS A 75 -3.21 2.02 10.83
N PRO A 76 -2.85 1.40 9.69
CA PRO A 76 -3.80 0.62 8.89
C PRO A 76 -4.22 -0.68 9.57
N ASP A 77 -3.25 -1.40 10.13
CA ASP A 77 -3.53 -2.65 10.82
C ASP A 77 -2.24 -3.26 11.36
N TYR A 78 -2.34 -4.51 11.80
CA TYR A 78 -1.18 -5.21 12.35
C TYR A 78 -0.72 -6.33 11.42
N LYS A 79 -0.41 -5.96 10.18
CA LYS A 79 0.03 -6.93 9.19
C LYS A 79 1.54 -6.86 8.99
N TYR A 80 2.24 -7.94 9.33
CA TYR A 80 3.69 -7.99 9.19
C TYR A 80 4.11 -7.66 7.77
N ARG A 81 5.04 -6.72 7.63
CA ARG A 81 5.53 -6.32 6.31
C ARG A 81 6.71 -5.36 6.45
N PRO A 82 7.92 -5.93 6.65
CA PRO A 82 9.14 -5.15 6.80
C PRO A 82 9.56 -4.48 5.49
N ARG A 83 10.47 -3.51 5.59
CA ARG A 83 10.96 -2.79 4.43
C ARG A 83 12.10 -1.86 4.80
N ARG A 84 11.89 -1.05 5.82
CA ARG A 84 12.91 -0.10 6.29
C ARG A 84 13.21 0.93 5.20
N LYS A 85 13.90 1.99 5.59
CA LYS A 85 14.27 3.05 4.65
C LYS A 85 15.31 3.99 5.26
N THR A 86 15.61 5.06 4.56
CA THR A 86 16.59 6.04 5.03
C THR A 86 16.43 7.37 4.30
N LYS A 87 16.86 7.40 3.04
CA LYS A 87 16.77 8.62 2.24
C LYS A 87 17.47 9.79 2.93
N THR A 88 18.74 9.98 2.59
CA THR A 88 19.53 11.06 3.17
C THR A 88 20.61 11.54 2.21
N LEU A 89 20.94 12.82 2.30
CA LEU A 89 21.96 13.41 1.43
C LEU A 89 22.49 14.70 2.03
N MET A 90 21.59 15.64 2.30
CA MET A 90 21.98 16.92 2.87
C MET A 90 22.88 17.71 1.91
N LYS A 91 23.18 18.94 2.27
CA LYS A 91 24.03 19.79 1.45
C LYS A 91 24.54 20.99 2.23
N LYS A 92 23.62 21.88 2.62
CA LYS A 92 23.98 23.07 3.39
C LYS A 92 24.90 23.98 2.57
N ASP A 93 24.30 24.94 1.87
CA ASP A 93 25.06 25.87 1.05
C ASP A 93 25.55 27.05 1.89
N LYS A 94 26.25 27.98 1.24
CA LYS A 94 26.78 29.15 1.93
C LYS A 94 26.18 30.43 1.35
N TYR A 95 25.34 31.10 2.13
CA TYR A 95 24.71 32.34 1.69
C TYR A 95 25.51 33.55 2.14
N THR A 96 25.16 34.71 1.61
CA THR A 96 25.84 35.95 1.96
C THR A 96 24.97 37.17 1.68
N LEU A 97 25.46 38.35 2.05
CA LEU A 97 24.72 39.59 1.83
C LEU A 97 25.66 40.73 1.49
N GLY A 1 -29.33 -20.45 -2.10
CA GLY A 1 -28.22 -20.54 -3.03
C GLY A 1 -27.42 -19.26 -3.10
N SER A 2 -27.20 -18.64 -1.94
CA SER A 2 -26.44 -17.40 -1.88
C SER A 2 -24.98 -17.63 -2.25
N ASN A 3 -24.22 -16.53 -2.34
CA ASN A 3 -22.81 -16.61 -2.69
C ASN A 3 -22.14 -15.25 -2.56
N GLN A 4 -21.56 -14.98 -1.39
CA GLN A 4 -20.89 -13.71 -1.14
C GLN A 4 -19.55 -13.94 -0.45
N LYS A 5 -19.55 -14.77 0.58
CA LYS A 5 -18.33 -15.07 1.32
C LYS A 5 -17.64 -13.79 1.78
N ASN A 6 -18.20 -13.15 2.81
CA ASN A 6 -17.63 -11.92 3.34
C ASN A 6 -17.27 -12.08 4.81
N SER A 7 -16.40 -11.20 5.30
CA SER A 7 -15.98 -11.24 6.69
C SER A 7 -15.34 -9.91 7.10
N PRO A 8 -15.28 -9.68 8.42
CA PRO A 8 -14.70 -8.45 8.98
C PRO A 8 -13.19 -8.38 8.79
N ASP A 9 -12.63 -7.19 8.99
CA ASP A 9 -11.20 -6.99 8.84
C ASP A 9 -10.67 -6.00 9.88
N ARG A 10 -9.42 -6.17 10.28
CA ARG A 10 -8.80 -5.30 11.26
C ARG A 10 -7.29 -5.26 11.08
N VAL A 11 -6.83 -4.45 10.14
CA VAL A 11 -5.40 -4.31 9.87
C VAL A 11 -4.89 -2.93 10.27
N LYS A 12 -3.63 -2.87 10.69
CA LYS A 12 -3.02 -1.62 11.10
C LYS A 12 -1.53 -1.61 10.78
N ARG A 13 -1.18 -1.17 9.58
CA ARG A 13 0.21 -1.12 9.16
C ARG A 13 0.39 -0.11 8.03
N PRO A 14 1.65 0.33 7.83
CA PRO A 14 1.99 1.30 6.78
C PRO A 14 1.86 0.71 5.39
N MET A 15 2.11 1.54 4.38
CA MET A 15 2.03 1.10 2.99
C MET A 15 3.08 1.79 2.14
N ASN A 16 3.20 1.36 0.87
CA ASN A 16 4.17 1.94 -0.04
C ASN A 16 3.49 2.42 -1.31
N ALA A 17 4.24 3.16 -2.13
CA ALA A 17 3.71 3.69 -3.39
C ALA A 17 3.01 2.59 -4.19
N PHE A 18 3.65 1.43 -4.27
CA PHE A 18 3.10 0.30 -5.01
C PHE A 18 1.64 0.06 -4.62
N MET A 19 1.32 0.34 -3.36
CA MET A 19 -0.04 0.15 -2.86
C MET A 19 -0.97 1.24 -3.40
N VAL A 20 -0.44 2.45 -3.56
CA VAL A 20 -1.22 3.56 -4.07
C VAL A 20 -1.65 3.32 -5.51
N TRP A 21 -0.77 2.69 -6.29
CA TRP A 21 -1.06 2.40 -7.69
C TRP A 21 -1.83 1.10 -7.82
N SER A 22 -1.33 0.04 -7.17
CA SER A 22 -1.97 -1.25 -7.22
C SER A 22 -3.44 -1.16 -6.83
N ARG A 23 -3.70 -0.51 -5.71
CA ARG A 23 -5.06 -0.34 -5.21
C ARG A 23 -5.97 0.21 -6.30
N GLY A 24 -5.43 1.09 -7.13
CA GLY A 24 -6.21 1.67 -8.22
C GLY A 24 -6.26 0.77 -9.43
N GLN A 25 -5.24 -0.06 -9.60
CA GLN A 25 -5.18 -0.96 -10.74
C GLN A 25 -6.05 -2.19 -10.51
N ARG A 26 -6.19 -2.58 -9.24
CA ARG A 26 -7.00 -3.74 -8.90
C ARG A 26 -8.45 -3.56 -9.35
N ARG A 27 -9.00 -2.38 -9.06
CA ARG A 27 -10.38 -2.08 -9.46
C ARG A 27 -10.57 -2.23 -10.96
N LYS A 28 -9.60 -1.74 -11.73
CA LYS A 28 -9.65 -1.82 -13.17
C LYS A 28 -9.45 -3.25 -13.66
N MET A 29 -8.46 -3.93 -13.08
CA MET A 29 -8.16 -5.30 -13.45
C MET A 29 -9.29 -6.23 -13.01
N ALA A 30 -10.09 -5.78 -12.04
CA ALA A 30 -11.20 -6.58 -11.54
C ALA A 30 -12.45 -6.37 -12.39
N GLN A 31 -12.77 -5.10 -12.67
CA GLN A 31 -13.94 -4.78 -13.47
C GLN A 31 -13.79 -5.30 -14.89
N GLU A 32 -12.56 -5.28 -15.40
CA GLU A 32 -12.28 -5.75 -16.75
C GLU A 32 -11.99 -7.25 -16.76
N ASN A 33 -11.28 -7.71 -15.74
CA ASN A 33 -10.94 -9.13 -15.62
C ASN A 33 -11.42 -9.70 -14.29
N PRO A 34 -12.75 -9.80 -14.14
CA PRO A 34 -13.37 -10.33 -12.92
C PRO A 34 -13.15 -11.83 -12.78
N LYS A 35 -13.06 -12.53 -13.90
CA LYS A 35 -12.84 -13.97 -13.88
C LYS A 35 -11.44 -14.31 -13.38
N MET A 36 -10.52 -13.36 -13.53
CA MET A 36 -9.14 -13.55 -13.08
C MET A 36 -9.07 -13.57 -11.56
N HIS A 37 -8.52 -14.65 -11.02
CA HIS A 37 -8.38 -14.80 -9.57
C HIS A 37 -7.39 -13.78 -9.01
N ASN A 38 -7.56 -13.43 -7.74
CA ASN A 38 -6.68 -12.45 -7.09
C ASN A 38 -5.21 -12.85 -7.27
N SER A 39 -4.91 -14.13 -7.05
CA SER A 39 -3.55 -14.62 -7.18
C SER A 39 -2.96 -14.25 -8.53
N GLU A 40 -3.82 -14.22 -9.56
CA GLU A 40 -3.38 -13.87 -10.91
C GLU A 40 -3.19 -12.37 -11.04
N ILE A 41 -4.17 -11.61 -10.60
CA ILE A 41 -4.12 -10.15 -10.67
C ILE A 41 -2.91 -9.61 -9.92
N SER A 42 -2.57 -10.26 -8.81
CA SER A 42 -1.43 -9.86 -7.99
C SER A 42 -0.13 -10.04 -8.76
N LYS A 43 0.03 -11.19 -9.40
CA LYS A 43 1.24 -11.50 -10.16
C LYS A 43 1.51 -10.41 -11.19
N ARG A 44 0.44 -9.82 -11.72
CA ARG A 44 0.57 -8.76 -12.72
C ARG A 44 0.83 -7.41 -12.06
N LEU A 45 0.30 -7.24 -10.85
CA LEU A 45 0.47 -6.01 -10.11
C LEU A 45 1.93 -5.79 -9.73
N GLY A 46 2.51 -6.78 -9.05
CA GLY A 46 3.90 -6.68 -8.65
C GLY A 46 4.84 -6.59 -9.82
N ALA A 47 4.47 -7.23 -10.93
CA ALA A 47 5.29 -7.21 -12.13
C ALA A 47 5.21 -5.87 -12.84
N GLU A 48 4.01 -5.30 -12.88
CA GLU A 48 3.81 -4.01 -13.53
C GLU A 48 4.65 -2.92 -12.87
N TRP A 49 4.80 -3.02 -11.55
CA TRP A 49 5.59 -2.05 -10.79
C TRP A 49 7.08 -2.19 -11.11
N LYS A 50 7.53 -3.42 -11.29
CA LYS A 50 8.92 -3.69 -11.60
C LYS A 50 9.33 -3.05 -12.92
N LEU A 51 8.37 -2.94 -13.83
CA LEU A 51 8.62 -2.34 -15.14
C LEU A 51 8.12 -0.90 -15.18
N LEU A 52 7.35 -0.52 -14.17
CA LEU A 52 6.81 0.84 -14.10
C LEU A 52 7.92 1.88 -14.20
N SER A 53 7.65 2.96 -14.91
CA SER A 53 8.63 4.03 -15.10
C SER A 53 8.72 4.90 -13.84
N GLU A 54 9.93 5.33 -13.51
CA GLU A 54 10.15 6.17 -12.34
C GLU A 54 9.23 7.38 -12.36
N THR A 55 8.98 7.90 -13.56
CA THR A 55 8.11 9.06 -13.72
C THR A 55 6.67 8.73 -13.34
N GLU A 56 6.24 7.52 -13.67
CA GLU A 56 4.88 7.09 -13.37
C GLU A 56 4.66 7.00 -11.86
N LYS A 57 5.69 6.56 -11.15
CA LYS A 57 5.61 6.42 -9.70
C LYS A 57 5.79 7.78 -9.02
N ARG A 58 6.60 8.64 -9.63
CA ARG A 58 6.85 9.97 -9.10
C ARG A 58 5.62 10.51 -8.37
N PRO A 59 4.50 10.58 -9.10
CA PRO A 59 3.23 11.08 -8.54
C PRO A 59 2.63 10.12 -7.52
N PHE A 60 2.74 8.82 -7.78
CA PHE A 60 2.21 7.80 -6.89
C PHE A 60 2.91 7.86 -5.53
N ILE A 61 4.23 7.79 -5.54
CA ILE A 61 5.01 7.82 -4.32
C ILE A 61 4.62 9.03 -3.46
N ASP A 62 4.45 10.18 -4.10
CA ASP A 62 4.08 11.39 -3.40
C ASP A 62 2.86 11.15 -2.51
N GLU A 63 1.87 10.43 -3.04
CA GLU A 63 0.65 10.14 -2.30
C GLU A 63 0.96 9.26 -1.08
N ALA A 64 1.71 8.20 -1.31
CA ALA A 64 2.08 7.27 -0.25
C ALA A 64 2.67 8.02 0.94
N LYS A 65 3.49 9.02 0.65
CA LYS A 65 4.13 9.83 1.70
C LYS A 65 3.09 10.33 2.70
N ARG A 66 1.91 10.66 2.20
CA ARG A 66 0.83 11.16 3.05
C ARG A 66 0.24 10.04 3.88
N LEU A 67 0.00 8.90 3.24
CA LEU A 67 -0.58 7.74 3.93
C LEU A 67 0.30 7.31 5.10
N ARG A 68 1.61 7.43 4.93
CA ARG A 68 2.55 7.05 5.98
C ARG A 68 2.64 8.14 7.05
N ALA A 69 2.63 9.39 6.61
CA ALA A 69 2.71 10.52 7.53
C ALA A 69 1.49 10.55 8.46
N LEU A 70 0.34 10.17 7.94
CA LEU A 70 -0.89 10.15 8.73
C LEU A 70 -0.79 9.15 9.87
N HIS A 71 -0.13 8.04 9.61
CA HIS A 71 0.04 6.99 10.62
C HIS A 71 0.88 7.50 11.79
N MET A 72 2.03 8.09 11.48
CA MET A 72 2.92 8.62 12.51
C MET A 72 2.28 9.82 13.21
N LYS A 73 1.52 10.60 12.46
CA LYS A 73 0.86 11.78 13.01
C LYS A 73 -0.29 11.38 13.92
N GLU A 74 -0.98 10.29 13.56
CA GLU A 74 -2.09 9.80 14.35
C GLU A 74 -1.60 9.13 15.64
N HIS A 75 -1.21 9.95 16.61
CA HIS A 75 -0.72 9.44 17.88
C HIS A 75 -1.88 9.08 18.80
N PRO A 76 -1.65 8.11 19.70
CA PRO A 76 -2.67 7.65 20.65
C PRO A 76 -2.97 8.70 21.72
N ASP A 77 -1.96 9.46 22.09
CA ASP A 77 -2.12 10.51 23.11
C ASP A 77 -2.59 11.81 22.47
N TYR A 78 -2.57 12.88 23.25
CA TYR A 78 -3.00 14.19 22.77
C TYR A 78 -1.80 15.13 22.60
N LYS A 79 -1.24 15.13 21.40
CA LYS A 79 -0.08 15.98 21.10
C LYS A 79 -0.54 17.35 20.63
N TYR A 80 0.22 18.38 21.01
CA TYR A 80 -0.11 19.75 20.63
C TYR A 80 0.87 20.27 19.57
N ARG A 81 0.32 20.75 18.46
CA ARG A 81 1.13 21.27 17.38
C ARG A 81 0.30 22.16 16.45
N PRO A 82 0.98 23.00 15.68
CA PRO A 82 0.33 23.92 14.73
C PRO A 82 -0.30 23.20 13.56
N ARG A 83 -1.64 23.14 13.56
CA ARG A 83 -2.37 22.47 12.49
C ARG A 83 -2.96 23.48 11.52
N ARG A 84 -3.58 22.99 10.45
CA ARG A 84 -4.19 23.85 9.45
C ARG A 84 -5.35 23.14 8.76
N LYS A 85 -6.52 23.76 8.78
CA LYS A 85 -7.71 23.20 8.16
C LYS A 85 -7.57 23.19 6.64
N THR A 86 -8.15 22.17 6.01
CA THR A 86 -8.09 22.05 4.56
C THR A 86 -8.92 20.85 4.08
N LYS A 87 -8.83 19.76 4.82
CA LYS A 87 -9.58 18.55 4.48
C LYS A 87 -10.71 18.29 5.48
N THR A 88 -11.90 18.77 5.15
CA THR A 88 -13.06 18.59 6.01
C THR A 88 -13.61 17.18 5.91
N LEU A 89 -14.35 16.76 6.94
CA LEU A 89 -14.93 15.42 6.96
C LEU A 89 -16.13 15.34 6.02
N MET A 90 -16.50 14.11 5.65
CA MET A 90 -17.63 13.89 4.76
C MET A 90 -18.95 14.24 5.45
N LYS A 91 -19.90 14.77 4.69
CA LYS A 91 -21.19 15.14 5.23
C LYS A 91 -22.16 15.52 4.11
N LYS A 92 -23.46 15.46 4.40
CA LYS A 92 -24.49 15.80 3.42
C LYS A 92 -24.31 14.96 2.15
N ASP A 93 -23.96 13.70 2.32
CA ASP A 93 -23.77 12.80 1.18
C ASP A 93 -25.08 12.57 0.45
N LYS A 94 -25.01 12.45 -0.88
CA LYS A 94 -26.19 12.23 -1.69
C LYS A 94 -26.81 10.86 -1.40
N TYR A 95 -28.10 10.86 -1.10
CA TYR A 95 -28.82 9.62 -0.79
C TYR A 95 -30.02 9.46 -1.70
N THR A 96 -30.32 8.20 -2.04
CA THR A 96 -31.46 7.90 -2.91
C THR A 96 -32.55 7.14 -2.15
N LEU A 97 -33.79 7.31 -2.60
CA LEU A 97 -34.91 6.65 -1.95
C LEU A 97 -34.67 5.14 -1.83
N GLY A 1 -10.17 -2.59 21.22
CA GLY A 1 -9.90 -2.96 22.59
C GLY A 1 -8.49 -3.48 22.80
N SER A 2 -7.53 -2.58 22.87
CA SER A 2 -6.14 -2.94 23.05
C SER A 2 -5.61 -2.43 24.39
N ASN A 3 -4.40 -2.87 24.76
CA ASN A 3 -3.79 -2.46 26.01
C ASN A 3 -2.37 -3.00 26.12
N GLN A 4 -1.76 -2.79 27.29
CA GLN A 4 -0.40 -3.26 27.52
C GLN A 4 0.61 -2.49 26.68
N LYS A 5 0.65 -2.79 25.38
CA LYS A 5 1.56 -2.12 24.47
C LYS A 5 3.01 -2.29 24.92
N ASN A 6 3.92 -1.57 24.27
CA ASN A 6 5.33 -1.63 24.62
C ASN A 6 5.99 -0.27 24.49
N SER A 7 7.30 -0.22 24.73
CA SER A 7 8.05 1.03 24.64
C SER A 7 9.05 0.99 23.50
N PRO A 8 8.55 1.08 22.26
CA PRO A 8 9.38 1.06 21.05
C PRO A 8 10.22 2.32 20.91
N ASP A 9 11.01 2.38 19.84
CA ASP A 9 11.87 3.54 19.59
C ASP A 9 11.36 4.33 18.38
N ARG A 10 10.06 4.54 18.32
CA ARG A 10 9.45 5.29 17.23
C ARG A 10 9.65 4.56 15.90
N VAL A 11 8.74 3.64 15.60
CA VAL A 11 8.82 2.86 14.37
C VAL A 11 7.43 2.69 13.74
N LYS A 12 7.39 2.75 12.41
CA LYS A 12 6.14 2.61 11.69
C LYS A 12 6.36 1.95 10.33
N ARG A 13 5.55 0.94 10.04
CA ARG A 13 5.66 0.22 8.77
C ARG A 13 4.38 0.37 7.94
N PRO A 14 4.12 1.59 7.47
CA PRO A 14 2.94 1.90 6.66
C PRO A 14 3.01 1.27 5.27
N MET A 15 2.12 1.70 4.39
CA MET A 15 2.09 1.18 3.02
C MET A 15 3.15 1.87 2.16
N ASN A 16 3.30 1.39 0.93
CA ASN A 16 4.27 1.95 0.00
C ASN A 16 3.60 2.43 -1.29
N ALA A 17 4.34 3.16 -2.10
CA ALA A 17 3.81 3.68 -3.36
C ALA A 17 3.12 2.57 -4.16
N PHE A 18 3.77 1.41 -4.25
CA PHE A 18 3.21 0.29 -4.99
C PHE A 18 1.76 0.04 -4.59
N MET A 19 1.44 0.30 -3.33
CA MET A 19 0.09 0.11 -2.82
C MET A 19 -0.84 1.19 -3.35
N VAL A 20 -0.33 2.40 -3.50
CA VAL A 20 -1.11 3.52 -4.00
C VAL A 20 -1.56 3.27 -5.44
N TRP A 21 -0.69 2.65 -6.23
CA TRP A 21 -0.98 2.37 -7.62
C TRP A 21 -1.76 1.05 -7.75
N SER A 22 -1.25 0.01 -7.10
CA SER A 22 -1.90 -1.30 -7.15
C SER A 22 -3.36 -1.20 -6.76
N ARG A 23 -3.62 -0.55 -5.64
CA ARG A 23 -4.99 -0.38 -5.15
C ARG A 23 -5.90 0.16 -6.26
N GLY A 24 -5.36 1.07 -7.06
CA GLY A 24 -6.13 1.65 -8.14
C GLY A 24 -6.20 0.76 -9.36
N GLN A 25 -5.18 -0.07 -9.53
CA GLN A 25 -5.12 -0.98 -10.67
C GLN A 25 -6.02 -2.19 -10.44
N ARG A 26 -6.14 -2.61 -9.19
CA ARG A 26 -6.98 -3.75 -8.85
C ARG A 26 -8.42 -3.54 -9.33
N ARG A 27 -8.96 -2.36 -9.06
CA ARG A 27 -10.32 -2.04 -9.46
C ARG A 27 -10.50 -2.21 -10.96
N LYS A 28 -9.53 -1.71 -11.72
CA LYS A 28 -9.58 -1.81 -13.18
C LYS A 28 -9.39 -3.25 -13.63
N MET A 29 -8.44 -3.95 -13.03
CA MET A 29 -8.17 -5.34 -13.37
C MET A 29 -9.33 -6.24 -12.94
N ALA A 30 -10.12 -5.77 -11.99
CA ALA A 30 -11.26 -6.52 -11.50
C ALA A 30 -12.50 -6.26 -12.34
N GLN A 31 -12.78 -5.00 -12.60
CA GLN A 31 -13.94 -4.61 -13.40
C GLN A 31 -13.76 -5.04 -14.85
N GLU A 32 -12.52 -4.98 -15.33
CA GLU A 32 -12.23 -5.36 -16.71
C GLU A 32 -11.96 -6.86 -16.82
N ASN A 33 -11.28 -7.41 -15.81
CA ASN A 33 -10.96 -8.83 -15.79
C ASN A 33 -11.42 -9.48 -14.48
N PRO A 34 -12.75 -9.61 -14.33
CA PRO A 34 -13.35 -10.21 -13.14
C PRO A 34 -13.07 -11.71 -13.04
N LYS A 35 -12.92 -12.35 -14.19
CA LYS A 35 -12.64 -13.78 -14.24
C LYS A 35 -11.26 -14.10 -13.68
N MET A 36 -10.37 -13.11 -13.71
CA MET A 36 -9.02 -13.28 -13.22
C MET A 36 -9.02 -13.41 -11.70
N HIS A 37 -8.38 -14.47 -11.19
CA HIS A 37 -8.30 -14.71 -9.76
C HIS A 37 -7.39 -13.69 -9.09
N ASN A 38 -7.69 -13.38 -7.82
CA ASN A 38 -6.90 -12.41 -7.07
C ASN A 38 -5.42 -12.78 -7.11
N SER A 39 -5.12 -14.04 -6.83
CA SER A 39 -3.74 -14.52 -6.82
C SER A 39 -3.04 -14.15 -8.13
N GLU A 40 -3.80 -14.13 -9.22
CA GLU A 40 -3.25 -13.79 -10.53
C GLU A 40 -3.09 -12.29 -10.68
N ILE A 41 -4.11 -11.54 -10.25
CA ILE A 41 -4.08 -10.08 -10.35
C ILE A 41 -2.91 -9.51 -9.55
N SER A 42 -2.59 -10.15 -8.43
CA SER A 42 -1.50 -9.69 -7.58
C SER A 42 -0.15 -9.97 -8.23
N LYS A 43 -0.03 -11.15 -8.83
CA LYS A 43 1.21 -11.54 -9.49
C LYS A 43 1.56 -10.58 -10.63
N ARG A 44 0.53 -10.11 -11.33
CA ARG A 44 0.71 -9.18 -12.44
C ARG A 44 1.11 -7.80 -11.92
N LEU A 45 0.39 -7.31 -10.92
CA LEU A 45 0.67 -6.00 -10.35
C LEU A 45 2.14 -5.87 -9.98
N GLY A 46 2.63 -6.80 -9.15
CA GLY A 46 4.01 -6.77 -8.74
C GLY A 46 4.97 -6.67 -9.92
N ALA A 47 4.62 -7.33 -11.01
CA ALA A 47 5.45 -7.32 -12.21
C ALA A 47 5.33 -5.98 -12.94
N GLU A 48 4.14 -5.41 -12.93
CA GLU A 48 3.90 -4.13 -13.59
C GLU A 48 4.73 -3.02 -12.95
N TRP A 49 4.90 -3.11 -11.63
CA TRP A 49 5.66 -2.11 -10.90
C TRP A 49 7.15 -2.20 -11.25
N LYS A 50 7.61 -3.42 -11.48
CA LYS A 50 9.02 -3.65 -11.82
C LYS A 50 9.37 -2.97 -13.14
N LEU A 51 8.40 -2.89 -14.04
CA LEU A 51 8.61 -2.26 -15.34
C LEU A 51 8.09 -0.83 -15.34
N LEU A 52 7.30 -0.49 -14.33
CA LEU A 52 6.73 0.85 -14.21
C LEU A 52 7.83 1.91 -14.32
N SER A 53 7.53 3.00 -15.03
CA SER A 53 8.47 4.08 -15.21
C SER A 53 8.58 4.94 -13.95
N GLU A 54 9.78 5.39 -13.65
CA GLU A 54 10.01 6.22 -12.47
C GLU A 54 9.07 7.42 -12.47
N THR A 55 8.78 7.94 -13.66
CA THR A 55 7.89 9.09 -13.79
C THR A 55 6.47 8.73 -13.38
N GLU A 56 6.04 7.53 -13.72
CA GLU A 56 4.69 7.06 -13.38
C GLU A 56 4.51 6.97 -11.87
N LYS A 57 5.57 6.52 -11.20
CA LYS A 57 5.53 6.39 -9.74
C LYS A 57 5.70 7.74 -9.06
N ARG A 58 6.47 8.62 -9.69
CA ARG A 58 6.72 9.95 -9.14
C ARG A 58 5.49 10.46 -8.38
N PRO A 59 4.35 10.51 -9.09
CA PRO A 59 3.09 10.98 -8.52
C PRO A 59 2.52 10.01 -7.48
N PHE A 60 2.65 8.71 -7.76
CA PHE A 60 2.16 7.69 -6.85
C PHE A 60 2.87 7.74 -5.51
N ILE A 61 4.20 7.72 -5.55
CA ILE A 61 5.00 7.77 -4.33
C ILE A 61 4.59 8.95 -3.46
N ASP A 62 4.40 10.11 -4.08
CA ASP A 62 4.00 11.31 -3.35
C ASP A 62 2.78 11.04 -2.49
N GLU A 63 1.81 10.32 -3.05
CA GLU A 63 0.59 10.00 -2.33
C GLU A 63 0.89 9.15 -1.10
N ALA A 64 1.68 8.09 -1.30
CA ALA A 64 2.04 7.20 -0.20
C ALA A 64 2.59 7.99 0.99
N LYS A 65 3.36 9.02 0.70
CA LYS A 65 3.94 9.85 1.75
C LYS A 65 2.87 10.36 2.70
N ARG A 66 1.71 10.70 2.15
CA ARG A 66 0.60 11.21 2.94
C ARG A 66 -0.02 10.09 3.78
N LEU A 67 -0.26 8.95 3.17
CA LEU A 67 -0.84 7.81 3.87
C LEU A 67 0.09 7.32 4.98
N ARG A 68 1.40 7.32 4.71
CA ARG A 68 2.37 6.89 5.69
C ARG A 68 2.55 7.93 6.79
N ALA A 69 2.65 9.20 6.38
CA ALA A 69 2.82 10.29 7.34
C ALA A 69 1.67 10.32 8.34
N LEU A 70 0.47 9.98 7.87
CA LEU A 70 -0.71 9.98 8.73
C LEU A 70 -0.88 8.63 9.42
N HIS A 71 -0.44 7.57 8.75
CA HIS A 71 -0.53 6.22 9.30
C HIS A 71 0.05 6.16 10.70
N MET A 72 1.06 7.00 10.96
CA MET A 72 1.71 7.04 12.26
C MET A 72 0.70 7.35 13.36
N LYS A 73 -0.25 8.23 13.06
CA LYS A 73 -1.28 8.60 14.02
C LYS A 73 -2.54 7.78 13.82
N GLU A 74 -2.80 7.39 12.57
CA GLU A 74 -3.97 6.59 12.25
C GLU A 74 -4.07 5.37 13.16
N HIS A 75 -3.05 4.50 13.09
CA HIS A 75 -3.02 3.29 13.90
C HIS A 75 -2.26 3.53 15.20
N PRO A 76 -2.63 2.79 16.25
CA PRO A 76 -1.99 2.91 17.56
C PRO A 76 -0.56 2.37 17.56
N ASP A 77 -0.38 1.20 16.95
CA ASP A 77 0.94 0.58 16.88
C ASP A 77 1.38 0.41 15.42
N TYR A 78 2.44 -0.35 15.22
CA TYR A 78 2.96 -0.60 13.88
C TYR A 78 3.17 -2.08 13.63
N LYS A 79 2.33 -2.66 12.78
CA LYS A 79 2.41 -4.08 12.46
C LYS A 79 3.77 -4.41 11.86
N TYR A 80 3.94 -5.68 11.46
CA TYR A 80 5.20 -6.13 10.87
C TYR A 80 5.05 -6.30 9.36
N ARG A 81 5.92 -5.65 8.61
CA ARG A 81 5.90 -5.74 7.16
C ARG A 81 7.31 -5.84 6.59
N PRO A 82 7.42 -6.31 5.34
CA PRO A 82 8.71 -6.47 4.66
C PRO A 82 9.34 -5.13 4.30
N ARG A 83 10.19 -4.63 5.20
CA ARG A 83 10.86 -3.35 4.99
C ARG A 83 11.61 -3.35 3.66
N ARG A 84 12.17 -2.20 3.31
CA ARG A 84 12.91 -2.06 2.06
C ARG A 84 13.95 -0.94 2.16
N LYS A 85 15.18 -1.32 2.48
CA LYS A 85 16.26 -0.34 2.62
C LYS A 85 16.37 0.51 1.36
N THR A 86 16.92 -0.08 0.29
CA THR A 86 17.08 0.64 -0.97
C THR A 86 18.04 1.81 -0.82
N LYS A 87 18.57 2.29 -1.94
CA LYS A 87 19.49 3.42 -1.93
C LYS A 87 19.63 4.02 -3.33
N THR A 88 20.37 5.12 -3.42
CA THR A 88 20.58 5.79 -4.69
C THR A 88 21.80 6.69 -4.65
N LEU A 89 22.12 7.32 -5.77
CA LEU A 89 23.28 8.22 -5.86
C LEU A 89 23.14 9.15 -7.06
N MET A 90 23.75 10.33 -6.95
CA MET A 90 23.70 11.31 -8.03
C MET A 90 24.49 12.57 -7.66
N LYS A 91 25.27 13.07 -8.60
CA LYS A 91 26.07 14.27 -8.37
C LYS A 91 26.80 14.70 -9.64
N LYS A 92 26.87 16.00 -9.86
CA LYS A 92 27.54 16.53 -11.05
C LYS A 92 27.68 18.06 -10.95
N ASP A 93 28.60 18.61 -11.73
CA ASP A 93 28.84 20.05 -11.73
C ASP A 93 29.66 20.46 -12.95
N LYS A 94 29.68 21.76 -13.22
CA LYS A 94 30.43 22.30 -14.36
C LYS A 94 30.44 23.82 -14.33
N TYR A 95 31.08 24.41 -15.34
CA TYR A 95 31.16 25.86 -15.43
C TYR A 95 31.04 26.33 -16.88
N THR A 96 30.97 27.64 -17.07
CA THR A 96 30.85 28.21 -18.42
C THR A 96 31.58 29.54 -18.51
N LEU A 97 31.85 29.98 -19.73
CA LEU A 97 32.55 31.23 -19.97
C LEU A 97 31.66 32.22 -20.71
N GLY A 1 -29.02 -7.95 27.67
CA GLY A 1 -28.68 -6.56 27.46
C GLY A 1 -27.67 -6.36 26.34
N SER A 2 -26.48 -5.90 26.69
CA SER A 2 -25.43 -5.67 25.72
C SER A 2 -24.06 -5.61 26.39
N ASN A 3 -23.18 -6.53 25.99
CA ASN A 3 -21.83 -6.60 26.55
C ASN A 3 -20.78 -6.52 25.45
N GLN A 4 -20.77 -7.53 24.59
CA GLN A 4 -19.81 -7.57 23.50
C GLN A 4 -18.38 -7.50 24.02
N LYS A 5 -17.78 -8.66 24.28
CA LYS A 5 -16.41 -8.72 24.78
C LYS A 5 -15.45 -8.02 23.85
N ASN A 6 -14.60 -7.16 24.41
CA ASN A 6 -13.62 -6.42 23.61
C ASN A 6 -12.23 -6.56 24.19
N SER A 7 -11.22 -6.46 23.33
CA SER A 7 -9.84 -6.58 23.77
C SER A 7 -8.97 -5.48 23.15
N PRO A 8 -7.80 -5.23 23.77
CA PRO A 8 -6.87 -4.21 23.29
C PRO A 8 -6.21 -4.59 21.97
N ASP A 9 -5.63 -3.59 21.30
CA ASP A 9 -4.97 -3.82 20.02
C ASP A 9 -3.86 -2.79 19.79
N ARG A 10 -3.34 -2.77 18.57
CA ARG A 10 -2.27 -1.84 18.22
C ARG A 10 -2.25 -1.58 16.71
N VAL A 11 -1.81 -0.39 16.33
CA VAL A 11 -1.74 -0.03 14.91
C VAL A 11 -0.29 0.03 14.43
N LYS A 12 0.03 -0.82 13.46
CA LYS A 12 1.39 -0.86 12.92
C LYS A 12 1.42 -1.65 11.61
N ARG A 13 1.04 -0.99 10.52
CA ARG A 13 1.02 -1.63 9.21
C ARG A 13 0.96 -0.58 8.10
N PRO A 14 2.08 0.12 7.88
CA PRO A 14 2.19 1.16 6.85
C PRO A 14 2.15 0.58 5.44
N MET A 15 1.91 1.44 4.46
CA MET A 15 1.85 1.02 3.06
C MET A 15 2.93 1.73 2.24
N ASN A 16 3.04 1.35 0.97
CA ASN A 16 4.02 1.95 0.08
C ASN A 16 3.36 2.45 -1.21
N ALA A 17 4.12 3.17 -2.02
CA ALA A 17 3.61 3.69 -3.28
C ALA A 17 2.92 2.60 -4.09
N PHE A 18 3.56 1.44 -4.17
CA PHE A 18 3.01 0.32 -4.91
C PHE A 18 1.55 0.08 -4.54
N MET A 19 1.22 0.34 -3.28
CA MET A 19 -0.15 0.17 -2.80
C MET A 19 -1.07 1.25 -3.35
N VAL A 20 -0.53 2.45 -3.50
CA VAL A 20 -1.31 3.57 -4.01
C VAL A 20 -1.73 3.34 -5.46
N TRP A 21 -0.85 2.71 -6.23
CA TRP A 21 -1.13 2.42 -7.63
C TRP A 21 -1.90 1.11 -7.76
N SER A 22 -1.41 0.06 -7.11
CA SER A 22 -2.05 -1.25 -7.18
C SER A 22 -3.52 -1.14 -6.79
N ARG A 23 -3.79 -0.49 -5.66
CA ARG A 23 -5.15 -0.32 -5.18
C ARG A 23 -6.06 0.21 -6.29
N GLY A 24 -5.52 1.11 -7.11
CA GLY A 24 -6.29 1.69 -8.20
C GLY A 24 -6.34 0.78 -9.41
N GLN A 25 -5.32 -0.07 -9.57
CA GLN A 25 -5.26 -0.98 -10.70
C GLN A 25 -6.14 -2.20 -10.46
N ARG A 26 -6.27 -2.60 -9.20
CA ARG A 26 -7.10 -3.74 -8.84
C ARG A 26 -8.53 -3.56 -9.34
N ARG A 27 -9.10 -2.39 -9.08
CA ARG A 27 -10.46 -2.09 -9.50
C ARG A 27 -10.62 -2.25 -11.01
N LYS A 28 -9.61 -1.81 -11.76
CA LYS A 28 -9.62 -1.90 -13.21
C LYS A 28 -9.44 -3.35 -13.66
N MET A 29 -8.48 -4.04 -13.07
CA MET A 29 -8.21 -5.43 -13.41
C MET A 29 -9.36 -6.34 -12.97
N ALA A 30 -10.15 -5.85 -12.01
CA ALA A 30 -11.27 -6.62 -11.49
C ALA A 30 -12.53 -6.38 -12.34
N GLN A 31 -12.83 -5.12 -12.61
CA GLN A 31 -14.00 -4.77 -13.41
C GLN A 31 -13.82 -5.23 -14.85
N GLU A 32 -12.59 -5.16 -15.35
CA GLU A 32 -12.30 -5.57 -16.71
C GLU A 32 -12.03 -7.07 -16.79
N ASN A 33 -11.39 -7.61 -15.76
CA ASN A 33 -11.07 -9.03 -15.70
C ASN A 33 -11.51 -9.63 -14.37
N PRO A 34 -12.82 -9.78 -14.19
CA PRO A 34 -13.40 -10.35 -12.97
C PRO A 34 -13.12 -11.83 -12.83
N LYS A 35 -13.02 -12.52 -13.97
CA LYS A 35 -12.75 -13.95 -13.98
C LYS A 35 -11.33 -14.25 -13.50
N MET A 36 -10.44 -13.27 -13.66
CA MET A 36 -9.06 -13.42 -13.24
C MET A 36 -8.97 -13.54 -11.72
N HIS A 37 -8.42 -14.65 -11.24
CA HIS A 37 -8.28 -14.88 -9.82
C HIS A 37 -7.31 -13.88 -9.20
N ASN A 38 -7.51 -13.57 -7.92
CA ASN A 38 -6.66 -12.62 -7.21
C ASN A 38 -5.18 -12.99 -7.38
N SER A 39 -4.87 -14.27 -7.17
CA SER A 39 -3.50 -14.75 -7.30
C SER A 39 -2.89 -14.33 -8.63
N GLU A 40 -3.73 -14.26 -9.66
CA GLU A 40 -3.28 -13.87 -10.99
C GLU A 40 -3.12 -12.36 -11.09
N ILE A 41 -4.11 -11.63 -10.62
CA ILE A 41 -4.07 -10.18 -10.65
C ILE A 41 -2.87 -9.64 -9.88
N SER A 42 -2.51 -10.33 -8.81
CA SER A 42 -1.37 -9.91 -7.99
C SER A 42 -0.06 -10.09 -8.75
N LYS A 43 0.10 -11.23 -9.39
CA LYS A 43 1.30 -11.53 -10.16
C LYS A 43 1.56 -10.43 -11.19
N ARG A 44 0.50 -9.85 -11.73
CA ARG A 44 0.62 -8.80 -12.72
C ARG A 44 0.86 -7.45 -12.05
N LEU A 45 0.33 -7.28 -10.84
CA LEU A 45 0.50 -6.05 -10.10
C LEU A 45 1.96 -5.82 -9.72
N GLY A 46 2.55 -6.82 -9.08
CA GLY A 46 3.95 -6.71 -8.69
C GLY A 46 4.88 -6.61 -9.87
N ALA A 47 4.52 -7.26 -10.97
CA ALA A 47 5.34 -7.25 -12.18
C ALA A 47 5.25 -5.89 -12.88
N GLU A 48 4.05 -5.32 -12.90
CA GLU A 48 3.83 -4.02 -13.54
C GLU A 48 4.67 -2.94 -12.88
N TRP A 49 4.84 -3.05 -11.57
CA TRP A 49 5.63 -2.08 -10.81
C TRP A 49 7.11 -2.22 -11.13
N LYS A 50 7.56 -3.45 -11.32
CA LYS A 50 8.97 -3.72 -11.63
C LYS A 50 9.36 -3.08 -12.95
N LEU A 51 8.39 -2.96 -13.86
CA LEU A 51 8.64 -2.34 -15.15
C LEU A 51 8.15 -0.91 -15.19
N LEU A 52 7.36 -0.53 -14.18
CA LEU A 52 6.82 0.83 -14.10
C LEU A 52 7.93 1.86 -14.21
N SER A 53 7.66 2.95 -14.91
CA SER A 53 8.63 4.02 -15.08
C SER A 53 8.71 4.89 -13.84
N GLU A 54 9.93 5.32 -13.49
CA GLU A 54 10.14 6.16 -12.32
C GLU A 54 9.22 7.39 -12.35
N THR A 55 8.94 7.88 -13.55
CA THR A 55 8.08 9.05 -13.71
C THR A 55 6.64 8.72 -13.33
N GLU A 56 6.20 7.52 -13.66
CA GLU A 56 4.85 7.08 -13.35
C GLU A 56 4.65 6.98 -11.83
N LYS A 57 5.69 6.54 -11.13
CA LYS A 57 5.64 6.39 -9.68
C LYS A 57 5.80 7.74 -9.00
N ARG A 58 6.58 8.62 -9.60
CA ARG A 58 6.81 9.94 -9.04
C ARG A 58 5.57 10.46 -8.32
N PRO A 59 4.45 10.51 -9.05
CA PRO A 59 3.17 10.97 -8.49
C PRO A 59 2.59 10.01 -7.46
N PHE A 60 2.72 8.72 -7.74
CA PHE A 60 2.21 7.69 -6.85
C PHE A 60 2.91 7.74 -5.50
N ILE A 61 4.23 7.69 -5.52
CA ILE A 61 5.02 7.73 -4.30
C ILE A 61 4.65 8.93 -3.44
N ASP A 62 4.50 10.09 -4.09
CA ASP A 62 4.15 11.31 -3.38
C ASP A 62 2.92 11.10 -2.50
N GLU A 63 1.94 10.38 -3.03
CA GLU A 63 0.71 10.09 -2.29
C GLU A 63 1.00 9.22 -1.07
N ALA A 64 1.76 8.14 -1.29
CA ALA A 64 2.11 7.22 -0.22
C ALA A 64 2.72 7.96 0.97
N LYS A 65 3.48 9.01 0.68
CA LYS A 65 4.11 9.81 1.72
C LYS A 65 3.07 10.34 2.70
N ARG A 66 1.89 10.69 2.18
CA ARG A 66 0.81 11.22 3.01
C ARG A 66 0.21 10.11 3.88
N LEU A 67 -0.01 8.94 3.27
CA LEU A 67 -0.59 7.80 3.98
C LEU A 67 0.27 7.42 5.18
N ARG A 68 1.59 7.55 5.02
CA ARG A 68 2.53 7.21 6.08
C ARG A 68 2.65 8.36 7.08
N ALA A 69 2.84 9.57 6.57
CA ALA A 69 2.97 10.74 7.41
C ALA A 69 1.80 10.87 8.38
N LEU A 70 0.60 10.60 7.88
CA LEU A 70 -0.60 10.68 8.69
C LEU A 70 -0.50 9.75 9.89
N HIS A 71 0.12 8.59 9.69
CA HIS A 71 0.28 7.61 10.76
C HIS A 71 1.37 8.05 11.74
N MET A 72 2.41 8.68 11.21
CA MET A 72 3.52 9.16 12.04
C MET A 72 3.01 10.06 13.16
N LYS A 73 2.16 11.02 12.80
CA LYS A 73 1.60 11.95 13.78
C LYS A 73 0.62 11.24 14.70
N GLU A 74 -0.18 10.34 14.13
CA GLU A 74 -1.17 9.59 14.90
C GLU A 74 -1.84 10.49 15.94
N HIS A 75 -2.15 11.73 15.53
CA HIS A 75 -2.79 12.68 16.43
C HIS A 75 -4.04 12.07 17.07
N PRO A 76 -4.37 12.55 18.27
CA PRO A 76 -5.54 12.06 19.01
C PRO A 76 -6.86 12.49 18.38
N ASP A 77 -6.88 13.70 17.84
CA ASP A 77 -8.08 14.23 17.20
C ASP A 77 -8.23 13.66 15.79
N TYR A 78 -9.12 12.68 15.65
CA TYR A 78 -9.36 12.04 14.36
C TYR A 78 -10.40 10.94 14.49
N LYS A 79 -11.42 10.98 13.63
CA LYS A 79 -12.48 9.98 13.63
C LYS A 79 -11.89 8.57 13.55
N TYR A 80 -12.75 7.58 13.77
CA TYR A 80 -12.32 6.18 13.72
C TYR A 80 -13.50 5.26 13.44
N ARG A 81 -13.22 4.12 12.82
CA ARG A 81 -14.26 3.14 12.51
C ARG A 81 -14.68 2.37 13.74
N PRO A 82 -15.92 1.85 13.72
CA PRO A 82 -16.47 1.07 14.84
C PRO A 82 -15.80 -0.29 14.98
N ARG A 83 -15.36 -0.85 13.86
CA ARG A 83 -14.70 -2.14 13.86
C ARG A 83 -14.23 -2.53 12.45
N ARG A 84 -13.08 -3.19 12.38
CA ARG A 84 -12.52 -3.61 11.10
C ARG A 84 -13.37 -4.70 10.47
N LYS A 85 -13.51 -4.65 9.14
CA LYS A 85 -14.29 -5.63 8.42
C LYS A 85 -13.51 -6.94 8.25
N THR A 86 -14.24 -8.04 8.10
CA THR A 86 -13.62 -9.34 7.93
C THR A 86 -13.51 -9.72 6.45
N LYS A 87 -13.25 -8.74 5.61
CA LYS A 87 -13.12 -8.96 4.18
C LYS A 87 -14.38 -9.62 3.62
N THR A 88 -14.32 -10.04 2.36
CA THR A 88 -15.46 -10.67 1.71
C THR A 88 -15.14 -12.11 1.32
N LEU A 89 -14.38 -12.79 2.17
CA LEU A 89 -14.00 -14.17 1.91
C LEU A 89 -13.61 -14.88 3.21
N MET A 90 -14.40 -15.88 3.59
CA MET A 90 -14.14 -16.64 4.81
C MET A 90 -13.00 -17.62 4.60
N LYS A 91 -12.58 -18.29 5.67
CA LYS A 91 -11.50 -19.26 5.62
C LYS A 91 -11.97 -20.63 6.09
N LYS A 92 -12.56 -21.41 5.18
CA LYS A 92 -13.05 -22.74 5.51
C LYS A 92 -12.81 -23.71 4.35
N ASP A 93 -11.66 -23.56 3.69
CA ASP A 93 -11.31 -24.42 2.56
C ASP A 93 -9.89 -24.15 2.10
N LYS A 94 -9.13 -25.22 1.87
CA LYS A 94 -7.75 -25.11 1.42
C LYS A 94 -7.24 -26.45 0.90
N TYR A 95 -7.88 -26.95 -0.15
CA TYR A 95 -7.48 -28.22 -0.75
C TYR A 95 -6.86 -28.01 -2.12
N THR A 96 -7.61 -27.37 -3.02
CA THR A 96 -7.13 -27.10 -4.37
C THR A 96 -6.73 -28.39 -5.07
N LEU A 97 -6.19 -28.25 -6.27
CA LEU A 97 -5.75 -29.41 -7.05
C LEU A 97 -4.28 -29.31 -7.40
N GLY A 1 13.05 -1.04 15.91
CA GLY A 1 12.90 -1.98 17.01
C GLY A 1 13.36 -1.40 18.34
N SER A 2 14.62 -0.96 18.38
CA SER A 2 15.20 -0.39 19.59
C SER A 2 15.15 -1.39 20.73
N ASN A 3 16.25 -2.11 20.93
CA ASN A 3 16.34 -3.10 22.00
C ASN A 3 15.28 -4.19 21.81
N GLN A 4 15.34 -5.22 22.65
CA GLN A 4 14.40 -6.33 22.58
C GLN A 4 13.30 -6.18 23.63
N LYS A 5 12.19 -5.57 23.23
CA LYS A 5 11.06 -5.37 24.15
C LYS A 5 9.88 -4.74 23.41
N ASN A 6 9.47 -5.37 22.32
CA ASN A 6 8.35 -4.87 21.53
C ASN A 6 7.26 -5.94 21.40
N SER A 7 6.16 -5.73 22.10
CA SER A 7 5.04 -6.68 22.07
C SER A 7 3.71 -5.94 21.96
N PRO A 8 3.47 -5.33 20.79
CA PRO A 8 2.24 -4.58 20.53
C PRO A 8 1.02 -5.49 20.40
N ASP A 9 -0.12 -5.01 20.88
CA ASP A 9 -1.36 -5.77 20.83
C ASP A 9 -2.02 -5.67 19.45
N ARG A 10 -1.84 -4.52 18.80
CA ARG A 10 -2.41 -4.29 17.49
C ARG A 10 -1.39 -3.63 16.56
N VAL A 11 -0.92 -4.38 15.57
CA VAL A 11 0.05 -3.86 14.62
C VAL A 11 -0.61 -3.48 13.30
N LYS A 12 -0.12 -2.42 12.68
CA LYS A 12 -0.67 -1.94 11.41
C LYS A 12 0.34 -1.08 10.67
N ARG A 13 1.42 -1.69 10.21
CA ARG A 13 2.46 -0.97 9.50
C ARG A 13 1.87 -0.17 8.35
N PRO A 14 2.59 0.89 7.92
CA PRO A 14 2.15 1.76 6.83
C PRO A 14 2.18 1.06 5.48
N MET A 15 1.81 1.80 4.43
CA MET A 15 1.80 1.24 3.08
C MET A 15 2.86 1.91 2.22
N ASN A 16 3.06 1.38 1.01
CA ASN A 16 4.04 1.92 0.09
C ASN A 16 3.39 2.40 -1.21
N ALA A 17 4.13 3.12 -2.01
CA ALA A 17 3.62 3.64 -3.28
C ALA A 17 2.94 2.54 -4.08
N PHE A 18 3.59 1.38 -4.16
CA PHE A 18 3.06 0.25 -4.90
C PHE A 18 1.59 0.00 -4.53
N MET A 19 1.26 0.27 -3.27
CA MET A 19 -0.11 0.08 -2.79
C MET A 19 -1.03 1.16 -3.32
N VAL A 20 -0.51 2.38 -3.45
CA VAL A 20 -1.29 3.50 -3.96
C VAL A 20 -1.73 3.25 -5.40
N TRP A 21 -0.84 2.67 -6.19
CA TRP A 21 -1.13 2.39 -7.59
C TRP A 21 -1.88 1.07 -7.73
N SER A 22 -1.38 0.03 -7.08
CA SER A 22 -2.01 -1.28 -7.14
C SER A 22 -3.50 -1.18 -6.82
N ARG A 23 -3.83 -0.52 -5.73
CA ARG A 23 -5.21 -0.36 -5.31
C ARG A 23 -6.05 0.21 -6.45
N GLY A 24 -5.45 1.09 -7.24
CA GLY A 24 -6.17 1.70 -8.35
C GLY A 24 -6.22 0.80 -9.56
N GLN A 25 -5.25 -0.10 -9.68
CA GLN A 25 -5.19 -1.03 -10.80
C GLN A 25 -6.08 -2.24 -10.55
N ARG A 26 -6.22 -2.62 -9.30
CA ARG A 26 -7.05 -3.76 -8.93
C ARG A 26 -8.47 -3.58 -9.43
N ARG A 27 -9.04 -2.40 -9.17
CA ARG A 27 -10.41 -2.10 -9.60
C ARG A 27 -10.55 -2.27 -11.11
N LYS A 28 -9.55 -1.82 -11.85
CA LYS A 28 -9.56 -1.91 -13.30
C LYS A 28 -9.40 -3.36 -13.76
N MET A 29 -8.44 -4.05 -13.14
CA MET A 29 -8.18 -5.45 -13.48
C MET A 29 -9.33 -6.35 -13.04
N ALA A 30 -10.12 -5.86 -12.08
CA ALA A 30 -11.26 -6.61 -11.57
C ALA A 30 -12.50 -6.38 -12.43
N GLN A 31 -12.79 -5.12 -12.70
CA GLN A 31 -13.96 -4.77 -13.51
C GLN A 31 -13.78 -5.23 -14.95
N GLU A 32 -12.54 -5.16 -15.44
CA GLU A 32 -12.23 -5.57 -16.80
C GLU A 32 -11.97 -7.08 -16.87
N ASN A 33 -11.32 -7.60 -15.84
CA ASN A 33 -11.00 -9.03 -15.78
C ASN A 33 -11.45 -9.63 -14.44
N PRO A 34 -12.78 -9.75 -14.27
CA PRO A 34 -13.35 -10.32 -13.05
C PRO A 34 -13.11 -11.81 -12.93
N LYS A 35 -13.02 -12.48 -14.06
CA LYS A 35 -12.77 -13.93 -14.08
C LYS A 35 -11.37 -14.25 -13.60
N MET A 36 -10.46 -13.29 -13.73
CA MET A 36 -9.08 -13.47 -13.31
C MET A 36 -8.99 -13.60 -11.79
N HIS A 37 -8.44 -14.72 -11.33
CA HIS A 37 -8.30 -14.97 -9.90
C HIS A 37 -7.33 -13.97 -9.27
N ASN A 38 -7.51 -13.73 -7.97
CA ASN A 38 -6.65 -12.79 -7.26
C ASN A 38 -5.18 -13.14 -7.45
N SER A 39 -4.85 -14.41 -7.27
CA SER A 39 -3.47 -14.87 -7.43
C SER A 39 -2.90 -14.43 -8.77
N GLU A 40 -3.75 -14.37 -9.78
CA GLU A 40 -3.33 -13.96 -11.12
C GLU A 40 -3.17 -12.44 -11.19
N ILE A 41 -4.17 -11.72 -10.72
CA ILE A 41 -4.14 -10.27 -10.73
C ILE A 41 -2.93 -9.73 -9.98
N SER A 42 -2.55 -10.43 -8.91
CA SER A 42 -1.40 -10.03 -8.10
C SER A 42 -0.10 -10.19 -8.89
N LYS A 43 0.05 -11.33 -9.55
CA LYS A 43 1.24 -11.61 -10.34
C LYS A 43 1.51 -10.49 -11.35
N ARG A 44 0.42 -9.92 -11.88
CA ARG A 44 0.53 -8.83 -12.85
C ARG A 44 0.80 -7.50 -12.15
N LEU A 45 0.31 -7.37 -10.92
CA LEU A 45 0.51 -6.15 -10.15
C LEU A 45 1.97 -5.96 -9.77
N GLY A 46 2.50 -6.92 -9.01
CA GLY A 46 3.89 -6.85 -8.59
C GLY A 46 4.85 -6.72 -9.76
N ALA A 47 4.49 -7.34 -10.88
CA ALA A 47 5.32 -7.29 -12.08
C ALA A 47 5.22 -5.94 -12.76
N GLU A 48 4.01 -5.38 -12.78
CA GLU A 48 3.78 -4.08 -13.41
C GLU A 48 4.63 -3.00 -12.76
N TRP A 49 4.82 -3.11 -11.44
CA TRP A 49 5.61 -2.14 -10.70
C TRP A 49 7.08 -2.25 -11.05
N LYS A 50 7.54 -3.47 -11.31
CA LYS A 50 8.93 -3.72 -11.66
C LYS A 50 9.28 -3.04 -12.98
N LEU A 51 8.30 -2.97 -13.88
CA LEU A 51 8.50 -2.35 -15.19
C LEU A 51 8.01 -0.90 -15.18
N LEU A 52 7.26 -0.54 -14.15
CA LEU A 52 6.73 0.81 -14.02
C LEU A 52 7.85 1.85 -14.10
N SER A 53 7.58 2.94 -14.81
CA SER A 53 8.57 4.00 -14.96
C SER A 53 8.64 4.87 -13.70
N GLU A 54 9.84 5.32 -13.37
CA GLU A 54 10.04 6.15 -12.18
C GLU A 54 9.12 7.37 -12.22
N THR A 55 8.86 7.88 -13.42
CA THR A 55 7.99 9.03 -13.59
C THR A 55 6.55 8.70 -13.21
N GLU A 56 6.12 7.49 -13.56
CA GLU A 56 4.77 7.05 -13.26
C GLU A 56 4.55 6.94 -11.75
N LYS A 57 5.58 6.51 -11.04
CA LYS A 57 5.51 6.36 -9.59
C LYS A 57 5.67 7.71 -8.90
N ARG A 58 6.45 8.59 -9.50
CA ARG A 58 6.68 9.92 -8.94
C ARG A 58 5.44 10.43 -8.22
N PRO A 59 4.32 10.48 -8.96
CA PRO A 59 3.03 10.95 -8.41
C PRO A 59 2.45 9.98 -7.40
N PHE A 60 2.58 8.69 -7.68
CA PHE A 60 2.05 7.65 -6.78
C PHE A 60 2.75 7.71 -5.43
N ILE A 61 4.08 7.66 -5.45
CA ILE A 61 4.87 7.71 -4.21
C ILE A 61 4.49 8.91 -3.36
N ASP A 62 4.35 10.07 -4.00
CA ASP A 62 3.97 11.30 -3.31
C ASP A 62 2.75 11.07 -2.44
N GLU A 63 1.78 10.33 -2.97
CA GLU A 63 0.55 10.04 -2.24
C GLU A 63 0.82 9.15 -1.04
N ALA A 64 1.58 8.08 -1.26
CA ALA A 64 1.92 7.15 -0.20
C ALA A 64 2.53 7.87 1.00
N LYS A 65 3.33 8.89 0.72
CA LYS A 65 3.98 9.68 1.76
C LYS A 65 2.95 10.34 2.68
N ARG A 66 1.87 10.83 2.07
CA ARG A 66 0.80 11.49 2.82
C ARG A 66 0.32 10.59 3.96
N LEU A 67 0.16 9.30 3.67
CA LEU A 67 -0.30 8.35 4.67
C LEU A 67 0.81 8.01 5.66
N ARG A 68 2.04 7.95 5.16
CA ARG A 68 3.20 7.64 6.00
C ARG A 68 3.42 8.73 7.04
N ALA A 69 3.18 9.98 6.64
CA ALA A 69 3.35 11.12 7.53
C ALA A 69 2.17 11.25 8.49
N LEU A 70 0.96 11.10 7.95
CA LEU A 70 -0.25 11.21 8.76
C LEU A 70 -0.22 10.20 9.90
N HIS A 71 0.30 9.01 9.64
CA HIS A 71 0.38 7.97 10.65
C HIS A 71 1.51 8.24 11.62
N MET A 72 2.62 8.77 11.10
CA MET A 72 3.79 9.08 11.92
C MET A 72 3.39 9.98 13.09
N LYS A 73 2.61 11.01 12.80
CA LYS A 73 2.17 11.95 13.82
C LYS A 73 1.14 11.31 14.75
N GLU A 74 0.28 10.47 14.17
CA GLU A 74 -0.75 9.79 14.94
C GLU A 74 -0.15 9.03 16.12
N HIS A 75 0.96 8.34 15.87
CA HIS A 75 1.64 7.58 16.91
C HIS A 75 1.92 8.45 18.13
N PRO A 76 1.98 7.83 19.31
CA PRO A 76 2.25 8.53 20.56
C PRO A 76 3.69 9.04 20.65
N ASP A 77 4.62 8.24 20.15
CA ASP A 77 6.04 8.60 20.17
C ASP A 77 6.55 8.83 18.75
N TYR A 78 6.81 10.09 18.42
CA TYR A 78 7.32 10.44 17.10
C TYR A 78 8.70 11.06 17.18
N LYS A 79 9.63 10.34 17.81
CA LYS A 79 11.00 10.82 17.97
C LYS A 79 11.02 12.18 18.66
N TYR A 80 12.21 12.77 18.74
CA TYR A 80 12.36 14.08 19.37
C TYR A 80 12.34 15.20 18.34
N ARG A 81 12.37 16.44 18.82
CA ARG A 81 12.36 17.60 17.93
C ARG A 81 13.63 18.42 18.09
N PRO A 82 13.93 19.27 17.09
CA PRO A 82 15.11 20.13 17.11
C PRO A 82 15.01 21.23 18.14
N ARG A 83 15.99 21.27 19.04
CA ARG A 83 16.01 22.29 20.09
C ARG A 83 17.44 22.55 20.56
N ARG A 84 18.04 23.62 20.06
CA ARG A 84 19.41 23.97 20.43
C ARG A 84 20.36 22.81 20.18
N LYS A 85 20.40 22.33 18.94
CA LYS A 85 21.26 21.22 18.58
C LYS A 85 22.41 21.69 17.68
N THR A 86 22.94 22.86 17.98
CA THR A 86 24.05 23.42 17.20
C THR A 86 25.26 23.67 18.09
N LYS A 87 26.41 23.93 17.44
CA LYS A 87 27.64 24.19 18.17
C LYS A 87 27.79 25.68 18.47
N THR A 88 27.63 26.51 17.45
CA THR A 88 27.74 27.95 17.61
C THR A 88 27.10 28.68 16.44
N LEU A 89 25.83 29.04 16.59
CA LEU A 89 25.09 29.75 15.55
C LEU A 89 25.16 28.99 14.23
N MET A 90 24.74 27.72 14.25
CA MET A 90 24.76 26.89 13.05
C MET A 90 26.18 26.74 12.52
N LYS A 91 26.81 25.61 12.84
CA LYS A 91 28.16 25.34 12.39
C LYS A 91 28.17 24.86 10.95
N LYS A 92 27.17 24.06 10.59
CA LYS A 92 27.06 23.54 9.23
C LYS A 92 26.36 24.53 8.32
N ASP A 93 26.92 24.73 7.12
CA ASP A 93 26.36 25.66 6.16
C ASP A 93 25.82 24.92 4.94
N LYS A 94 24.51 24.87 4.81
CA LYS A 94 23.86 24.19 3.69
C LYS A 94 22.42 24.66 3.53
N TYR A 95 22.00 24.83 2.28
CA TYR A 95 20.64 25.28 1.98
C TYR A 95 20.24 24.87 0.57
N THR A 96 19.12 24.14 0.47
CA THR A 96 18.62 23.68 -0.81
C THR A 96 17.15 24.07 -0.99
N LEU A 97 16.82 24.59 -2.16
CA LEU A 97 15.46 25.00 -2.47
C LEU A 97 14.77 23.98 -3.37
N GLY A 1 -11.63 -24.93 -13.82
CA GLY A 1 -11.77 -26.23 -13.19
C GLY A 1 -11.04 -26.30 -11.87
N SER A 2 -9.71 -26.28 -11.93
CA SER A 2 -8.89 -26.36 -10.72
C SER A 2 -7.90 -25.21 -10.67
N ASN A 3 -7.88 -24.49 -9.56
CA ASN A 3 -6.98 -23.37 -9.37
C ASN A 3 -6.40 -23.35 -7.96
N GLN A 4 -5.31 -22.61 -7.78
CA GLN A 4 -4.66 -22.52 -6.48
C GLN A 4 -4.98 -21.18 -5.80
N LYS A 5 -4.62 -21.06 -4.53
CA LYS A 5 -4.88 -19.85 -3.77
C LYS A 5 -3.93 -19.74 -2.58
N ASN A 6 -4.03 -18.63 -1.86
CA ASN A 6 -3.18 -18.41 -0.69
C ASN A 6 -3.81 -17.40 0.27
N SER A 7 -3.30 -17.34 1.49
CA SER A 7 -3.82 -16.43 2.49
C SER A 7 -2.70 -15.87 3.36
N PRO A 8 -1.88 -15.00 2.76
CA PRO A 8 -0.74 -14.37 3.46
C PRO A 8 -1.19 -13.37 4.52
N ASP A 9 -0.52 -13.40 5.67
CA ASP A 9 -0.85 -12.51 6.76
C ASP A 9 0.29 -11.51 7.03
N ARG A 10 0.02 -10.51 7.85
CA ARG A 10 1.02 -9.51 8.18
C ARG A 10 0.71 -8.84 9.52
N VAL A 11 1.45 -7.78 9.84
CA VAL A 11 1.25 -7.06 11.09
C VAL A 11 0.94 -5.59 10.83
N LYS A 12 0.83 -4.82 11.92
CA LYS A 12 0.53 -3.40 11.80
C LYS A 12 1.73 -2.63 11.25
N ARG A 13 1.76 -2.46 9.93
CA ARG A 13 2.86 -1.75 9.29
C ARG A 13 2.33 -0.83 8.18
N PRO A 14 3.12 0.19 7.83
CA PRO A 14 2.75 1.16 6.80
C PRO A 14 2.77 0.54 5.40
N MET A 15 2.24 1.27 4.43
CA MET A 15 2.18 0.80 3.05
C MET A 15 3.25 1.48 2.20
N ASN A 16 3.34 1.07 0.94
CA ASN A 16 4.31 1.65 0.02
C ASN A 16 3.64 2.15 -1.25
N ALA A 17 4.38 2.88 -2.07
CA ALA A 17 3.85 3.41 -3.31
C ALA A 17 3.15 2.33 -4.12
N PHE A 18 3.80 1.17 -4.23
CA PHE A 18 3.24 0.05 -4.98
C PHE A 18 1.79 -0.20 -4.58
N MET A 19 1.48 0.05 -3.31
CA MET A 19 0.13 -0.14 -2.80
C MET A 19 -0.81 0.95 -3.31
N VAL A 20 -0.28 2.16 -3.44
CA VAL A 20 -1.07 3.29 -3.90
C VAL A 20 -1.53 3.08 -5.34
N TRP A 21 -0.66 2.51 -6.16
CA TRP A 21 -0.98 2.25 -7.56
C TRP A 21 -1.76 0.94 -7.70
N SER A 22 -1.25 -0.12 -7.08
CA SER A 22 -1.90 -1.42 -7.14
C SER A 22 -3.38 -1.32 -6.80
N ARG A 23 -3.68 -0.64 -5.69
CA ARG A 23 -5.05 -0.47 -5.24
C ARG A 23 -5.91 0.12 -6.36
N GLY A 24 -5.31 1.01 -7.15
CA GLY A 24 -6.04 1.63 -8.24
C GLY A 24 -6.13 0.74 -9.47
N GLN A 25 -5.15 -0.15 -9.62
CA GLN A 25 -5.12 -1.06 -10.76
C GLN A 25 -6.03 -2.26 -10.52
N ARG A 26 -6.15 -2.66 -9.26
CA ARG A 26 -6.98 -3.80 -8.89
C ARG A 26 -8.42 -3.60 -9.37
N ARG A 27 -8.97 -2.42 -9.09
CA ARG A 27 -10.33 -2.10 -9.48
C ARG A 27 -10.51 -2.24 -10.98
N LYS A 28 -9.52 -1.79 -11.74
CA LYS A 28 -9.56 -1.87 -13.20
C LYS A 28 -9.42 -3.31 -13.66
N MET A 29 -8.45 -4.02 -13.09
CA MET A 29 -8.21 -5.42 -13.45
C MET A 29 -9.35 -6.30 -12.99
N ALA A 30 -10.12 -5.82 -12.01
CA ALA A 30 -11.25 -6.57 -11.47
C ALA A 30 -12.51 -6.33 -12.30
N GLN A 31 -12.80 -5.06 -12.56
CA GLN A 31 -13.98 -4.68 -13.34
C GLN A 31 -13.84 -5.13 -14.79
N GLU A 32 -12.61 -5.06 -15.30
CA GLU A 32 -12.33 -5.46 -16.68
C GLU A 32 -12.08 -6.96 -16.77
N ASN A 33 -11.40 -7.51 -15.77
CA ASN A 33 -11.08 -8.93 -15.74
C ASN A 33 -11.52 -9.56 -14.42
N PRO A 34 -12.84 -9.69 -14.22
CA PRO A 34 -13.41 -10.27 -13.00
C PRO A 34 -13.14 -11.76 -12.90
N LYS A 35 -13.06 -12.43 -14.05
CA LYS A 35 -12.81 -13.86 -14.08
C LYS A 35 -11.39 -14.18 -13.62
N MET A 36 -10.49 -13.22 -13.76
CA MET A 36 -9.10 -13.39 -13.36
C MET A 36 -9.00 -13.53 -11.84
N HIS A 37 -8.48 -14.67 -11.38
CA HIS A 37 -8.33 -14.94 -9.96
C HIS A 37 -7.35 -13.95 -9.33
N ASN A 38 -7.51 -13.71 -8.04
CA ASN A 38 -6.65 -12.79 -7.31
C ASN A 38 -5.17 -13.13 -7.52
N SER A 39 -4.86 -14.41 -7.35
CA SER A 39 -3.48 -14.88 -7.52
C SER A 39 -2.91 -14.43 -8.86
N GLU A 40 -3.78 -14.36 -9.87
CA GLU A 40 -3.37 -13.95 -11.20
C GLU A 40 -3.19 -12.44 -11.27
N ILE A 41 -4.19 -11.71 -10.78
CA ILE A 41 -4.14 -10.26 -10.79
C ILE A 41 -2.92 -9.74 -10.04
N SER A 42 -2.53 -10.44 -8.98
CA SER A 42 -1.39 -10.05 -8.18
C SER A 42 -0.09 -10.21 -8.97
N LYS A 43 0.05 -11.35 -9.65
CA LYS A 43 1.23 -11.64 -10.44
C LYS A 43 1.49 -10.51 -11.45
N ARG A 44 0.41 -9.93 -11.97
CA ARG A 44 0.52 -8.85 -12.94
C ARG A 44 0.81 -7.53 -12.25
N LEU A 45 0.33 -7.39 -11.01
CA LEU A 45 0.54 -6.17 -10.24
C LEU A 45 2.01 -6.00 -9.88
N GLY A 46 2.54 -6.95 -9.12
CA GLY A 46 3.93 -6.89 -8.72
C GLY A 46 4.88 -6.77 -9.90
N ALA A 47 4.50 -7.37 -11.03
CA ALA A 47 5.32 -7.32 -12.23
C ALA A 47 5.20 -5.96 -12.91
N GLU A 48 4.01 -5.39 -12.90
CA GLU A 48 3.78 -4.10 -13.52
C GLU A 48 4.63 -3.01 -12.86
N TRP A 49 4.82 -3.13 -11.56
CA TRP A 49 5.62 -2.16 -10.80
C TRP A 49 7.09 -2.28 -11.19
N LYS A 50 7.55 -3.49 -11.45
CA LYS A 50 8.94 -3.72 -11.84
C LYS A 50 9.26 -3.03 -13.15
N LEU A 51 8.27 -2.94 -14.03
CA LEU A 51 8.45 -2.31 -15.33
C LEU A 51 7.95 -0.87 -15.31
N LEU A 52 7.22 -0.52 -14.25
CA LEU A 52 6.68 0.83 -14.10
C LEU A 52 7.79 1.87 -14.19
N SER A 53 7.51 2.98 -14.87
CA SER A 53 8.48 4.05 -15.04
C SER A 53 8.57 4.90 -13.78
N GLU A 54 9.77 5.33 -13.44
CA GLU A 54 10.00 6.16 -12.25
C GLU A 54 9.06 7.37 -12.25
N THR A 55 8.79 7.89 -13.45
CA THR A 55 7.92 9.06 -13.58
C THR A 55 6.48 8.72 -13.19
N GLU A 56 6.05 7.51 -13.54
CA GLU A 56 4.70 7.06 -13.21
C GLU A 56 4.51 6.94 -11.70
N LYS A 57 5.56 6.49 -11.02
CA LYS A 57 5.50 6.33 -9.57
C LYS A 57 5.67 7.67 -8.87
N ARG A 58 6.45 8.55 -9.47
CA ARG A 58 6.69 9.88 -8.90
C ARG A 58 5.46 10.38 -8.17
N PRO A 59 4.33 10.44 -8.88
CA PRO A 59 3.05 10.91 -8.33
C PRO A 59 2.48 9.93 -7.31
N PHE A 60 2.60 8.64 -7.60
CA PHE A 60 2.10 7.60 -6.71
C PHE A 60 2.81 7.64 -5.37
N ILE A 61 4.14 7.59 -5.40
CA ILE A 61 4.93 7.62 -4.18
C ILE A 61 4.56 8.82 -3.31
N ASP A 62 4.40 9.98 -3.94
CA ASP A 62 4.03 11.20 -3.22
C ASP A 62 2.83 10.95 -2.31
N GLU A 63 1.81 10.31 -2.85
CA GLU A 63 0.60 10.02 -2.09
C GLU A 63 0.92 9.12 -0.89
N ALA A 64 1.65 8.04 -1.15
CA ALA A 64 2.03 7.11 -0.10
C ALA A 64 2.65 7.83 1.10
N LYS A 65 3.42 8.88 0.81
CA LYS A 65 4.07 9.66 1.86
C LYS A 65 3.04 10.31 2.77
N ARG A 66 1.92 10.74 2.19
CA ARG A 66 0.86 11.37 2.96
C ARG A 66 0.28 10.40 3.98
N LEU A 67 0.05 9.16 3.56
CA LEU A 67 -0.50 8.14 4.44
C LEU A 67 0.35 7.99 5.70
N ARG A 68 1.65 8.15 5.55
CA ARG A 68 2.57 8.03 6.67
C ARG A 68 2.63 9.33 7.46
N ALA A 69 2.88 10.43 6.77
CA ALA A 69 2.96 11.74 7.41
C ALA A 69 1.73 12.01 8.27
N LEU A 70 0.55 11.75 7.70
CA LEU A 70 -0.70 11.96 8.43
C LEU A 70 -0.67 11.28 9.78
N HIS A 71 -0.03 10.11 9.84
CA HIS A 71 0.07 9.35 11.07
C HIS A 71 1.20 9.88 11.95
N MET A 72 2.29 10.31 11.31
CA MET A 72 3.44 10.84 12.04
C MET A 72 3.04 12.03 12.89
N LYS A 73 2.28 12.95 12.30
CA LYS A 73 1.82 14.14 13.02
C LYS A 73 0.77 13.78 14.06
N GLU A 74 -0.13 12.87 13.69
CA GLU A 74 -1.19 12.43 14.61
C GLU A 74 -0.70 11.31 15.50
N HIS A 75 0.16 11.65 16.46
CA HIS A 75 0.70 10.66 17.39
C HIS A 75 -0.15 10.59 18.66
N PRO A 76 -0.16 9.41 19.30
CA PRO A 76 -0.92 9.18 20.53
C PRO A 76 -0.34 9.93 21.72
N ASP A 77 0.98 9.91 21.84
CA ASP A 77 1.67 10.59 22.93
C ASP A 77 2.10 12.00 22.51
N TYR A 78 1.17 12.75 21.94
CA TYR A 78 1.46 14.10 21.49
C TYR A 78 0.18 14.93 21.43
N LYS A 79 -0.31 15.35 22.59
CA LYS A 79 -1.52 16.15 22.66
C LYS A 79 -1.38 17.26 23.71
N TYR A 80 -0.67 18.32 23.35
CA TYR A 80 -0.46 19.43 24.26
C TYR A 80 -0.49 20.76 23.50
N ARG A 81 -1.66 21.38 23.45
CA ARG A 81 -1.82 22.66 22.77
C ARG A 81 -3.07 23.39 23.26
N PRO A 82 -2.93 24.08 24.41
CA PRO A 82 -4.03 24.83 25.01
C PRO A 82 -4.40 26.08 24.20
N ARG A 83 -5.22 25.88 23.18
CA ARG A 83 -5.64 26.99 22.33
C ARG A 83 -7.16 27.15 22.36
N ARG A 84 -7.88 26.03 22.46
CA ARG A 84 -9.32 26.06 22.50
C ARG A 84 -9.91 26.61 21.20
N LYS A 85 -11.17 26.28 20.94
CA LYS A 85 -11.83 26.75 19.73
C LYS A 85 -11.92 28.27 19.70
N THR A 86 -12.28 28.86 20.84
CA THR A 86 -12.40 30.31 20.95
C THR A 86 -13.33 30.86 19.88
N LYS A 87 -14.61 30.51 19.97
CA LYS A 87 -15.60 30.98 19.00
C LYS A 87 -15.30 30.46 17.61
N THR A 88 -16.20 30.72 16.67
CA THR A 88 -16.02 30.28 15.29
C THR A 88 -16.03 31.46 14.33
N LEU A 89 -16.85 32.46 14.64
CA LEU A 89 -16.95 33.64 13.80
C LEU A 89 -16.89 34.91 14.65
N MET A 90 -17.59 34.90 15.78
CA MET A 90 -17.60 36.05 16.68
C MET A 90 -18.39 35.73 17.94
N LYS A 91 -19.70 35.53 17.80
CA LYS A 91 -20.55 35.21 18.93
C LYS A 91 -21.98 34.91 18.47
N LYS A 92 -22.09 34.25 17.32
CA LYS A 92 -23.39 33.90 16.77
C LYS A 92 -23.24 32.94 15.59
N ASP A 93 -24.22 32.06 15.40
CA ASP A 93 -24.20 31.10 14.32
C ASP A 93 -25.60 30.87 13.76
N LYS A 94 -26.31 31.96 13.52
CA LYS A 94 -27.68 31.88 12.98
C LYS A 94 -27.67 31.33 11.56
N TYR A 95 -28.19 30.12 11.40
CA TYR A 95 -28.24 29.48 10.08
C TYR A 95 -29.68 29.36 9.59
N THR A 96 -30.48 30.39 9.85
CA THR A 96 -31.88 30.40 9.44
C THR A 96 -32.43 31.82 9.39
N LEU A 97 -33.61 31.97 8.81
CA LEU A 97 -34.25 33.28 8.69
C LEU A 97 -35.45 33.39 9.62
N GLY A 1 -5.49 -14.16 20.31
CA GLY A 1 -6.00 -14.13 21.68
C GLY A 1 -5.69 -12.82 22.38
N SER A 2 -6.10 -11.71 21.78
CA SER A 2 -5.86 -10.40 22.35
C SER A 2 -7.05 -9.48 22.12
N ASN A 3 -7.41 -8.73 23.17
CA ASN A 3 -8.55 -7.81 23.09
C ASN A 3 -9.86 -8.57 22.98
N GLN A 4 -10.13 -9.12 21.80
CA GLN A 4 -11.36 -9.88 21.57
C GLN A 4 -12.58 -9.06 21.98
N LYS A 5 -12.97 -8.11 21.14
CA LYS A 5 -14.13 -7.26 21.42
C LYS A 5 -14.79 -6.80 20.13
N ASN A 6 -15.26 -7.77 19.34
CA ASN A 6 -15.93 -7.47 18.07
C ASN A 6 -15.00 -6.69 17.15
N SER A 7 -14.22 -7.43 16.35
CA SER A 7 -13.29 -6.81 15.42
C SER A 7 -12.84 -7.82 14.36
N PRO A 8 -13.75 -8.12 13.41
CA PRO A 8 -13.47 -9.06 12.33
C PRO A 8 -12.46 -8.51 11.32
N ASP A 9 -12.34 -7.19 11.28
CA ASP A 9 -11.41 -6.53 10.36
C ASP A 9 -10.28 -5.86 11.12
N ARG A 10 -9.14 -6.53 11.21
CA ARG A 10 -7.98 -6.00 11.91
C ARG A 10 -6.99 -5.38 10.93
N VAL A 11 -7.06 -4.07 10.76
CA VAL A 11 -6.16 -3.35 9.86
C VAL A 11 -5.62 -2.09 10.51
N LYS A 12 -4.29 -1.97 10.52
CA LYS A 12 -3.63 -0.80 11.12
C LYS A 12 -2.13 -0.85 10.88
N ARG A 13 -1.72 -0.67 9.62
CA ARG A 13 -0.31 -0.70 9.26
C ARG A 13 -0.04 0.25 8.10
N PRO A 14 1.24 0.64 7.94
CA PRO A 14 1.67 1.54 6.86
C PRO A 14 1.58 0.87 5.49
N MET A 15 1.90 1.64 4.45
CA MET A 15 1.87 1.14 3.08
C MET A 15 2.96 1.79 2.23
N ASN A 16 3.05 1.36 0.98
CA ASN A 16 4.04 1.92 0.06
C ASN A 16 3.39 2.41 -1.22
N ALA A 17 4.15 3.14 -2.03
CA ALA A 17 3.64 3.67 -3.29
C ALA A 17 2.95 2.57 -4.11
N PHE A 18 3.60 1.41 -4.21
CA PHE A 18 3.06 0.29 -4.96
C PHE A 18 1.61 0.03 -4.57
N MET A 19 1.29 0.25 -3.29
CA MET A 19 -0.07 0.04 -2.80
C MET A 19 -1.00 1.12 -3.34
N VAL A 20 -0.49 2.33 -3.49
CA VAL A 20 -1.30 3.44 -4.00
C VAL A 20 -1.70 3.21 -5.45
N TRP A 21 -0.83 2.57 -6.22
CA TRP A 21 -1.10 2.28 -7.62
C TRP A 21 -1.88 0.98 -7.76
N SER A 22 -1.40 -0.07 -7.12
CA SER A 22 -2.06 -1.38 -7.18
C SER A 22 -3.54 -1.26 -6.81
N ARG A 23 -3.81 -0.56 -5.71
CA ARG A 23 -5.18 -0.37 -5.24
C ARG A 23 -6.06 0.18 -6.36
N GLY A 24 -5.49 1.06 -7.18
CA GLY A 24 -6.25 1.64 -8.27
C GLY A 24 -6.31 0.74 -9.49
N GLN A 25 -5.30 -0.12 -9.63
CA GLN A 25 -5.24 -1.05 -10.76
C GLN A 25 -6.15 -2.25 -10.52
N ARG A 26 -6.27 -2.65 -9.25
CA ARG A 26 -7.11 -3.78 -8.89
C ARG A 26 -8.53 -3.59 -9.39
N ARG A 27 -9.10 -2.42 -9.14
CA ARG A 27 -10.46 -2.11 -9.55
C ARG A 27 -10.61 -2.26 -11.07
N LYS A 28 -9.60 -1.82 -11.80
CA LYS A 28 -9.61 -1.91 -13.26
C LYS A 28 -9.46 -3.36 -13.72
N MET A 29 -8.50 -4.06 -13.12
CA MET A 29 -8.25 -5.46 -13.46
C MET A 29 -9.41 -6.34 -13.01
N ALA A 30 -10.18 -5.85 -12.05
CA ALA A 30 -11.33 -6.60 -11.54
C ALA A 30 -12.57 -6.36 -12.38
N GLN A 31 -12.86 -5.10 -12.65
CA GLN A 31 -14.03 -4.74 -13.45
C GLN A 31 -13.86 -5.20 -14.89
N GLU A 32 -12.63 -5.14 -15.39
CA GLU A 32 -12.33 -5.56 -16.75
C GLU A 32 -12.06 -7.05 -16.83
N ASN A 33 -11.39 -7.58 -15.81
CA ASN A 33 -11.07 -9.00 -15.75
C ASN A 33 -11.49 -9.61 -14.42
N PRO A 34 -12.81 -9.73 -14.22
CA PRO A 34 -13.37 -10.30 -12.99
C PRO A 34 -13.11 -11.79 -12.86
N LYS A 35 -13.02 -12.47 -14.01
CA LYS A 35 -12.77 -13.91 -14.03
C LYS A 35 -11.35 -14.22 -13.55
N MET A 36 -10.46 -13.25 -13.70
CA MET A 36 -9.07 -13.42 -13.29
C MET A 36 -8.97 -13.56 -11.77
N HIS A 37 -8.42 -14.68 -11.33
CA HIS A 37 -8.26 -14.93 -9.90
C HIS A 37 -7.31 -13.93 -9.27
N ASN A 38 -7.52 -13.65 -7.98
CA ASN A 38 -6.67 -12.69 -7.27
C ASN A 38 -5.19 -13.05 -7.43
N SER A 39 -4.88 -14.32 -7.23
CA SER A 39 -3.50 -14.79 -7.35
C SER A 39 -2.90 -14.36 -8.69
N GLU A 40 -3.74 -14.29 -9.71
CA GLU A 40 -3.28 -13.89 -11.05
C GLU A 40 -3.12 -12.38 -11.13
N ILE A 41 -4.13 -11.65 -10.65
CA ILE A 41 -4.10 -10.20 -10.68
C ILE A 41 -2.90 -9.66 -9.91
N SER A 42 -2.54 -10.35 -8.83
CA SER A 42 -1.41 -9.94 -8.01
C SER A 42 -0.10 -10.12 -8.76
N LYS A 43 0.07 -11.28 -9.39
CA LYS A 43 1.28 -11.58 -10.14
C LYS A 43 1.57 -10.48 -11.17
N ARG A 44 0.50 -9.92 -11.73
CA ARG A 44 0.64 -8.86 -12.72
C ARG A 44 0.88 -7.51 -12.05
N LEU A 45 0.34 -7.35 -10.85
CA LEU A 45 0.49 -6.10 -10.10
C LEU A 45 1.95 -5.87 -9.73
N GLY A 46 2.56 -6.87 -9.09
CA GLY A 46 3.95 -6.75 -8.69
C GLY A 46 4.89 -6.64 -9.87
N ALA A 47 4.52 -7.30 -10.97
CA ALA A 47 5.34 -7.27 -12.18
C ALA A 47 5.25 -5.92 -12.88
N GLU A 48 4.04 -5.36 -12.92
CA GLU A 48 3.82 -4.07 -13.56
C GLU A 48 4.65 -2.98 -12.90
N TRP A 49 4.82 -3.09 -11.58
CA TRP A 49 5.60 -2.11 -10.83
C TRP A 49 7.09 -2.25 -11.13
N LYS A 50 7.54 -3.49 -11.32
CA LYS A 50 8.93 -3.76 -11.62
C LYS A 50 9.35 -3.10 -12.94
N LEU A 51 8.39 -2.96 -13.85
CA LEU A 51 8.64 -2.35 -15.14
C LEU A 51 8.15 -0.91 -15.18
N LEU A 52 7.34 -0.55 -14.19
CA LEU A 52 6.79 0.80 -14.10
C LEU A 52 7.90 1.85 -14.22
N SER A 53 7.60 2.93 -14.92
CA SER A 53 8.57 4.00 -15.11
C SER A 53 8.67 4.87 -13.87
N GLU A 54 9.88 5.32 -13.55
CA GLU A 54 10.11 6.15 -12.38
C GLU A 54 9.18 7.36 -12.39
N THR A 55 8.90 7.88 -13.58
CA THR A 55 8.02 9.03 -13.72
C THR A 55 6.59 8.69 -13.32
N GLU A 56 6.17 7.47 -13.65
CA GLU A 56 4.81 7.03 -13.32
C GLU A 56 4.63 6.94 -11.81
N LYS A 57 5.67 6.49 -11.12
CA LYS A 57 5.63 6.36 -9.67
C LYS A 57 5.80 7.72 -8.99
N ARG A 58 6.58 8.59 -9.61
CA ARG A 58 6.82 9.92 -9.08
C ARG A 58 5.59 10.44 -8.33
N PRO A 59 4.46 10.50 -9.03
CA PRO A 59 3.20 10.98 -8.46
C PRO A 59 2.62 10.01 -7.43
N PHE A 60 2.75 8.71 -7.71
CA PHE A 60 2.24 7.68 -6.81
C PHE A 60 2.96 7.74 -5.46
N ILE A 61 4.28 7.70 -5.50
CA ILE A 61 5.08 7.76 -4.29
C ILE A 61 4.67 8.93 -3.41
N ASP A 62 4.49 10.10 -4.02
CA ASP A 62 4.09 11.29 -3.29
C ASP A 62 2.85 11.03 -2.45
N GLU A 63 1.89 10.32 -3.03
CA GLU A 63 0.65 10.01 -2.33
C GLU A 63 0.93 9.17 -1.09
N ALA A 64 1.74 8.13 -1.24
CA ALA A 64 2.08 7.26 -0.13
C ALA A 64 2.60 8.06 1.06
N LYS A 65 3.33 9.14 0.77
CA LYS A 65 3.88 9.99 1.82
C LYS A 65 2.78 10.53 2.72
N ARG A 66 1.67 10.94 2.12
CA ARG A 66 0.54 11.47 2.87
C ARG A 66 0.09 10.49 3.94
N LEU A 67 0.00 9.22 3.57
CA LEU A 67 -0.43 8.18 4.51
C LEU A 67 0.67 7.89 5.52
N ARG A 68 1.92 7.96 5.07
CA ARG A 68 3.06 7.70 5.95
C ARG A 68 3.15 8.76 7.03
N ALA A 69 2.86 10.01 6.67
CA ALA A 69 2.91 11.12 7.61
C ALA A 69 1.82 10.98 8.68
N LEU A 70 0.61 10.67 8.24
CA LEU A 70 -0.53 10.52 9.15
C LEU A 70 -0.24 9.43 10.18
N HIS A 71 0.45 8.37 9.75
CA HIS A 71 0.78 7.27 10.63
C HIS A 71 1.58 7.75 11.84
N MET A 72 2.45 8.72 11.61
CA MET A 72 3.27 9.27 12.69
C MET A 72 2.41 9.70 13.87
N LYS A 73 1.35 10.45 13.58
CA LYS A 73 0.45 10.93 14.63
C LYS A 73 -0.55 9.83 15.01
N GLU A 74 -0.97 9.05 14.02
CA GLU A 74 -1.91 7.97 14.26
C GLU A 74 -3.17 8.49 14.98
N HIS A 75 -3.56 9.72 14.64
CA HIS A 75 -4.73 10.33 15.24
C HIS A 75 -6.01 9.60 14.84
N PRO A 76 -7.03 9.64 15.70
CA PRO A 76 -8.31 8.98 15.44
C PRO A 76 -9.10 9.66 14.34
N ASP A 77 -9.14 10.99 14.38
CA ASP A 77 -9.86 11.76 13.37
C ASP A 77 -11.36 11.46 13.42
N TYR A 78 -12.16 12.34 12.84
CA TYR A 78 -13.61 12.16 12.81
C TYR A 78 -14.09 11.75 11.43
N LYS A 79 -13.30 10.90 10.76
CA LYS A 79 -13.63 10.43 9.43
C LYS A 79 -13.09 9.01 9.20
N TYR A 80 -13.11 8.20 10.25
CA TYR A 80 -12.62 6.83 10.16
C TYR A 80 -13.30 6.08 9.02
N ARG A 81 -12.51 5.64 8.06
CA ARG A 81 -13.04 4.90 6.92
C ARG A 81 -12.11 3.75 6.53
N PRO A 82 -12.26 2.61 7.23
CA PRO A 82 -11.44 1.42 6.98
C PRO A 82 -11.78 0.76 5.65
N ARG A 83 -11.15 -0.38 5.38
CA ARG A 83 -11.37 -1.11 4.14
C ARG A 83 -10.99 -2.58 4.29
N ARG A 84 -11.65 -3.44 3.55
CA ARG A 84 -11.38 -4.87 3.60
C ARG A 84 -9.93 -5.16 3.23
N LYS A 85 -9.31 -6.08 3.96
CA LYS A 85 -7.93 -6.46 3.73
C LYS A 85 -7.84 -7.59 2.71
N THR A 86 -7.14 -7.33 1.61
CA THR A 86 -6.98 -8.33 0.56
C THR A 86 -5.54 -8.37 0.05
N LYS A 87 -4.61 -8.69 0.95
CA LYS A 87 -3.20 -8.77 0.58
C LYS A 87 -2.41 -9.55 1.62
N THR A 88 -1.71 -10.59 1.16
CA THR A 88 -0.92 -11.43 2.05
C THR A 88 0.51 -11.55 1.56
N LEU A 89 1.44 -11.73 2.49
CA LEU A 89 2.86 -11.86 2.15
C LEU A 89 3.69 -12.18 3.38
N MET A 90 4.16 -13.43 3.47
CA MET A 90 4.97 -13.86 4.59
C MET A 90 6.23 -14.56 4.10
N LYS A 91 7.29 -13.78 3.89
CA LYS A 91 8.56 -14.33 3.43
C LYS A 91 9.69 -13.33 3.64
N LYS A 92 10.80 -13.80 4.20
CA LYS A 92 11.94 -12.95 4.46
C LYS A 92 13.14 -13.78 4.91
N ASP A 93 13.86 -14.35 3.94
CA ASP A 93 15.03 -15.16 4.23
C ASP A 93 16.32 -14.36 4.04
N LYS A 94 16.40 -13.22 4.71
CA LYS A 94 17.58 -12.36 4.61
C LYS A 94 18.82 -13.07 5.12
N TYR A 95 19.98 -12.44 4.95
CA TYR A 95 21.23 -13.02 5.40
C TYR A 95 21.52 -14.33 4.68
N THR A 96 22.72 -14.87 4.89
CA THR A 96 23.12 -16.12 4.26
C THR A 96 23.97 -16.96 5.22
N LEU A 97 23.83 -18.27 5.12
CA LEU A 97 24.58 -19.20 5.97
C LEU A 97 24.30 -18.92 7.44
N GLY A 1 13.16 -18.34 37.80
CA GLY A 1 12.98 -17.03 37.22
C GLY A 1 13.92 -16.77 36.05
N SER A 2 13.65 -17.41 34.92
CA SER A 2 14.48 -17.26 33.74
C SER A 2 13.73 -16.52 32.63
N ASN A 3 14.44 -15.68 31.90
CA ASN A 3 13.83 -14.92 30.81
C ASN A 3 12.63 -14.12 31.30
N GLN A 4 12.88 -12.88 31.73
CA GLN A 4 11.82 -12.02 32.22
C GLN A 4 12.18 -10.55 32.03
N LYS A 5 12.13 -10.09 30.78
CA LYS A 5 12.45 -8.70 30.47
C LYS A 5 11.27 -8.02 29.77
N ASN A 6 11.19 -6.70 29.93
CA ASN A 6 10.11 -5.93 29.33
C ASN A 6 10.34 -5.76 27.83
N SER A 7 9.32 -5.30 27.13
CA SER A 7 9.41 -5.10 25.68
C SER A 7 8.59 -3.88 25.26
N PRO A 8 9.09 -2.68 25.60
CA PRO A 8 8.43 -1.42 25.26
C PRO A 8 8.49 -1.12 23.78
N ASP A 9 7.48 -1.57 23.04
CA ASP A 9 7.41 -1.36 21.60
C ASP A 9 5.98 -1.11 21.15
N ARG A 10 5.78 -0.98 19.85
CA ARG A 10 4.45 -0.74 19.29
C ARG A 10 4.34 -1.33 17.89
N VAL A 11 3.25 -0.99 17.20
CA VAL A 11 3.02 -1.49 15.85
C VAL A 11 3.18 -0.37 14.82
N LYS A 12 3.70 -0.72 13.64
CA LYS A 12 3.91 0.24 12.58
C LYS A 12 4.08 -0.45 11.23
N ARG A 13 2.96 -0.64 10.52
CA ARG A 13 2.99 -1.29 9.23
C ARG A 13 2.37 -0.40 8.15
N PRO A 14 3.11 0.64 7.75
CA PRO A 14 2.64 1.59 6.73
C PRO A 14 2.61 0.97 5.34
N MET A 15 2.22 1.77 4.35
CA MET A 15 2.14 1.29 2.98
C MET A 15 3.20 1.97 2.11
N ASN A 16 3.31 1.51 0.86
CA ASN A 16 4.29 2.06 -0.07
C ASN A 16 3.61 2.53 -1.35
N ALA A 17 4.36 3.25 -2.18
CA ALA A 17 3.83 3.76 -3.44
C ALA A 17 3.13 2.66 -4.23
N PHE A 18 3.76 1.49 -4.29
CA PHE A 18 3.20 0.36 -5.02
C PHE A 18 1.74 0.13 -4.62
N MET A 19 1.42 0.43 -3.37
CA MET A 19 0.06 0.25 -2.88
C MET A 19 -0.87 1.33 -3.43
N VAL A 20 -0.32 2.54 -3.59
CA VAL A 20 -1.11 3.66 -4.11
C VAL A 20 -1.53 3.40 -5.55
N TRP A 21 -0.66 2.76 -6.32
CA TRP A 21 -0.96 2.46 -7.72
C TRP A 21 -1.74 1.15 -7.84
N SER A 22 -1.24 0.11 -7.18
CA SER A 22 -1.90 -1.19 -7.21
C SER A 22 -3.37 -1.08 -6.82
N ARG A 23 -3.62 -0.41 -5.70
CA ARG A 23 -4.98 -0.22 -5.21
C ARG A 23 -5.89 0.30 -6.32
N GLY A 24 -5.34 1.19 -7.15
CA GLY A 24 -6.12 1.76 -8.24
C GLY A 24 -6.19 0.85 -9.45
N GLN A 25 -5.17 -0.01 -9.60
CA GLN A 25 -5.13 -0.94 -10.72
C GLN A 25 -6.03 -2.14 -10.47
N ARG A 26 -6.15 -2.52 -9.20
CA ARG A 26 -6.98 -3.67 -8.83
C ARG A 26 -8.42 -3.47 -9.31
N ARG A 27 -8.97 -2.29 -9.06
CA ARG A 27 -10.34 -1.98 -9.48
C ARG A 27 -10.50 -2.16 -10.98
N LYS A 28 -9.49 -1.73 -11.74
CA LYS A 28 -9.52 -1.84 -13.19
C LYS A 28 -9.36 -3.30 -13.63
N MET A 29 -8.40 -3.99 -13.04
CA MET A 29 -8.15 -5.39 -13.37
C MET A 29 -9.30 -6.27 -12.91
N ALA A 30 -10.08 -5.77 -11.94
CA ALA A 30 -11.21 -6.52 -11.41
C ALA A 30 -12.46 -6.28 -12.26
N GLN A 31 -12.76 -5.02 -12.53
CA GLN A 31 -13.93 -4.66 -13.33
C GLN A 31 -13.78 -5.13 -14.77
N GLU A 32 -12.54 -5.08 -15.28
CA GLU A 32 -12.26 -5.50 -16.64
C GLU A 32 -12.01 -7.00 -16.71
N ASN A 33 -11.36 -7.53 -15.68
CA ASN A 33 -11.06 -8.96 -15.63
C ASN A 33 -11.50 -9.56 -14.29
N PRO A 34 -12.82 -9.69 -14.11
CA PRO A 34 -13.40 -10.25 -12.89
C PRO A 34 -13.14 -11.74 -12.75
N LYS A 35 -13.05 -12.43 -13.88
CA LYS A 35 -12.80 -13.86 -13.89
C LYS A 35 -11.38 -14.17 -13.41
N MET A 36 -10.48 -13.20 -13.57
CA MET A 36 -9.09 -13.37 -13.16
C MET A 36 -9.00 -13.48 -11.64
N HIS A 37 -8.48 -14.62 -11.16
CA HIS A 37 -8.34 -14.84 -9.73
C HIS A 37 -7.35 -13.84 -9.12
N ASN A 38 -7.56 -13.53 -7.84
CA ASN A 38 -6.69 -12.59 -7.14
C ASN A 38 -5.22 -12.98 -7.31
N SER A 39 -4.93 -14.26 -7.09
CA SER A 39 -3.56 -14.75 -7.21
C SER A 39 -2.96 -14.34 -8.55
N GLU A 40 -3.78 -14.28 -9.59
CA GLU A 40 -3.33 -13.91 -10.91
C GLU A 40 -3.15 -12.39 -11.03
N ILE A 41 -4.14 -11.66 -10.54
CA ILE A 41 -4.09 -10.20 -10.58
C ILE A 41 -2.88 -9.66 -9.82
N SER A 42 -2.51 -10.34 -8.74
CA SER A 42 -1.38 -9.94 -7.93
C SER A 42 -0.07 -10.12 -8.69
N LYS A 43 0.08 -11.29 -9.32
CA LYS A 43 1.28 -11.59 -10.08
C LYS A 43 1.56 -10.49 -11.11
N ARG A 44 0.50 -9.92 -11.66
CA ARG A 44 0.62 -8.87 -12.66
C ARG A 44 0.88 -7.52 -11.99
N LEU A 45 0.34 -7.35 -10.79
CA LEU A 45 0.50 -6.10 -10.04
C LEU A 45 1.96 -5.88 -9.68
N GLY A 46 2.57 -6.87 -9.02
CA GLY A 46 3.96 -6.75 -8.64
C GLY A 46 4.90 -6.66 -9.82
N ALA A 47 4.53 -7.32 -10.92
CA ALA A 47 5.34 -7.31 -12.13
C ALA A 47 5.24 -5.96 -12.84
N GLU A 48 4.03 -5.40 -12.87
CA GLU A 48 3.80 -4.12 -13.52
C GLU A 48 4.65 -3.02 -12.88
N TRP A 49 4.82 -3.11 -11.56
CA TRP A 49 5.60 -2.12 -10.83
C TRP A 49 7.09 -2.24 -11.18
N LYS A 50 7.54 -3.47 -11.39
CA LYS A 50 8.94 -3.71 -11.74
C LYS A 50 9.30 -3.05 -13.07
N LEU A 51 8.32 -2.97 -13.96
CA LEU A 51 8.52 -2.36 -15.27
C LEU A 51 8.03 -0.92 -15.29
N LEU A 52 7.28 -0.54 -14.26
CA LEU A 52 6.75 0.81 -14.15
C LEU A 52 7.87 1.85 -14.26
N SER A 53 7.58 2.94 -14.94
CA SER A 53 8.57 4.01 -15.12
C SER A 53 8.65 4.87 -13.87
N GLU A 54 9.87 5.30 -13.53
CA GLU A 54 10.08 6.14 -12.36
C GLU A 54 9.16 7.36 -12.37
N THR A 55 8.88 7.87 -13.58
CA THR A 55 8.02 9.03 -13.74
C THR A 55 6.58 8.69 -13.35
N GLU A 56 6.15 7.49 -13.69
CA GLU A 56 4.79 7.05 -13.39
C GLU A 56 4.58 6.95 -11.87
N LYS A 57 5.62 6.51 -11.17
CA LYS A 57 5.55 6.37 -9.72
C LYS A 57 5.71 7.71 -9.02
N ARG A 58 6.50 8.60 -9.64
CA ARG A 58 6.74 9.92 -9.09
C ARG A 58 5.50 10.44 -8.36
N PRO A 59 4.37 10.49 -9.08
CA PRO A 59 3.09 10.96 -8.53
C PRO A 59 2.51 9.99 -7.50
N PHE A 60 2.64 8.69 -7.78
CA PHE A 60 2.13 7.67 -6.87
C PHE A 60 2.85 7.72 -5.52
N ILE A 61 4.18 7.67 -5.57
CA ILE A 61 4.98 7.72 -4.35
C ILE A 61 4.61 8.93 -3.49
N ASP A 62 4.47 10.07 -4.14
CA ASP A 62 4.12 11.31 -3.44
C ASP A 62 2.90 11.10 -2.54
N GLU A 63 1.92 10.38 -3.07
CA GLU A 63 0.70 10.11 -2.32
C GLU A 63 0.99 9.23 -1.10
N ALA A 64 1.74 8.15 -1.32
CA ALA A 64 2.08 7.24 -0.25
C ALA A 64 2.69 7.98 0.94
N LYS A 65 3.46 9.02 0.64
CA LYS A 65 4.10 9.82 1.67
C LYS A 65 3.07 10.38 2.66
N ARG A 66 1.90 10.73 2.15
CA ARG A 66 0.82 11.27 2.97
C ARG A 66 0.21 10.17 3.84
N LEU A 67 -0.02 9.01 3.25
CA LEU A 67 -0.61 7.89 3.97
C LEU A 67 0.26 7.50 5.16
N ARG A 68 1.57 7.52 4.97
CA ARG A 68 2.51 7.18 6.04
C ARG A 68 2.50 8.24 7.13
N ALA A 69 2.39 9.50 6.71
CA ALA A 69 2.37 10.61 7.66
C ALA A 69 1.18 10.51 8.59
N LEU A 70 0.06 10.01 8.07
CA LEU A 70 -1.16 9.87 8.86
C LEU A 70 -1.16 8.55 9.62
N HIS A 71 -0.60 7.51 9.00
CA HIS A 71 -0.54 6.20 9.62
C HIS A 71 0.09 6.28 11.01
N MET A 72 1.26 6.91 11.09
CA MET A 72 1.97 7.06 12.35
C MET A 72 1.05 7.64 13.42
N LYS A 73 0.16 8.53 13.01
CA LYS A 73 -0.77 9.17 13.92
C LYS A 73 -1.96 8.25 14.23
N GLU A 74 -2.42 7.53 13.20
CA GLU A 74 -3.54 6.61 13.36
C GLU A 74 -3.09 5.17 13.15
N HIS A 75 -2.43 4.60 14.15
CA HIS A 75 -1.95 3.22 14.09
C HIS A 75 -3.08 2.27 13.68
N PRO A 76 -2.71 1.18 13.02
CA PRO A 76 -3.67 0.16 12.57
C PRO A 76 -4.28 -0.61 13.72
N ASP A 77 -3.45 -1.03 14.67
CA ASP A 77 -3.91 -1.77 15.83
C ASP A 77 -3.12 -1.39 17.07
N TYR A 78 -3.38 -2.10 18.17
CA TYR A 78 -2.69 -1.82 19.43
C TYR A 78 -1.92 -3.06 19.90
N LYS A 79 -1.54 -3.05 21.17
CA LYS A 79 -0.79 -4.16 21.75
C LYS A 79 -1.50 -5.48 21.49
N TYR A 80 -1.00 -6.25 20.53
CA TYR A 80 -1.59 -7.53 20.19
C TYR A 80 -0.66 -8.33 19.28
N ARG A 81 0.02 -9.32 19.85
CA ARG A 81 0.94 -10.16 19.09
C ARG A 81 1.09 -11.53 19.74
N PRO A 82 1.57 -12.50 18.96
CA PRO A 82 1.77 -13.88 19.45
C PRO A 82 2.92 -13.97 20.45
N ARG A 83 3.28 -15.20 20.81
CA ARG A 83 4.36 -15.43 21.75
C ARG A 83 5.64 -15.83 21.02
N ARG A 84 6.49 -14.85 20.75
CA ARG A 84 7.74 -15.09 20.06
C ARG A 84 8.66 -13.87 20.11
N LYS A 85 9.95 -14.09 20.28
CA LYS A 85 10.93 -13.02 20.35
C LYS A 85 12.32 -13.52 20.01
N THR A 86 13.13 -12.65 19.43
CA THR A 86 14.50 -13.00 19.06
C THR A 86 15.35 -11.75 18.85
N LYS A 87 14.99 -10.96 17.84
CA LYS A 87 15.72 -9.73 17.54
C LYS A 87 17.11 -10.05 16.99
N THR A 88 18.02 -10.45 17.88
CA THR A 88 19.38 -10.79 17.49
C THR A 88 20.04 -11.70 18.51
N LEU A 89 20.37 -12.91 18.09
CA LEU A 89 21.00 -13.89 18.97
C LEU A 89 22.44 -13.49 19.27
N MET A 90 22.97 -13.98 20.39
CA MET A 90 24.34 -13.68 20.79
C MET A 90 25.07 -14.95 21.21
N LYS A 91 26.35 -15.02 20.87
CA LYS A 91 27.17 -16.18 21.21
C LYS A 91 28.59 -15.76 21.57
N LYS A 92 28.79 -15.34 22.82
CA LYS A 92 30.10 -14.91 23.29
C LYS A 92 30.52 -15.70 24.51
N ASP A 93 31.82 -16.01 24.61
CA ASP A 93 32.35 -16.76 25.74
C ASP A 93 33.86 -16.60 25.83
N LYS A 94 34.37 -16.53 27.05
CA LYS A 94 35.80 -16.38 27.27
C LYS A 94 36.34 -17.51 28.15
N TYR A 95 37.61 -17.86 27.95
CA TYR A 95 38.23 -18.93 28.72
C TYR A 95 38.60 -18.44 30.12
N THR A 96 38.66 -19.37 31.07
CA THR A 96 39.00 -19.04 32.45
C THR A 96 39.76 -20.18 33.12
N LEU A 97 40.49 -19.85 34.17
CA LEU A 97 41.26 -20.85 34.90
C LEU A 97 42.29 -21.53 33.98
N GLY A 1 -7.09 -30.91 -2.92
CA GLY A 1 -8.30 -30.20 -3.29
C GLY A 1 -8.15 -28.70 -3.16
N SER A 2 -7.92 -28.24 -1.94
CA SER A 2 -7.76 -26.80 -1.68
C SER A 2 -7.29 -26.56 -0.26
N ASN A 3 -6.74 -25.37 -0.02
CA ASN A 3 -6.25 -25.01 1.30
C ASN A 3 -6.38 -23.50 1.53
N GLN A 4 -7.29 -23.12 2.43
CA GLN A 4 -7.51 -21.72 2.74
C GLN A 4 -7.52 -21.49 4.25
N LYS A 5 -6.38 -21.06 4.79
CA LYS A 5 -6.26 -20.81 6.22
C LYS A 5 -5.57 -19.47 6.48
N ASN A 6 -6.11 -18.71 7.43
CA ASN A 6 -5.55 -17.40 7.76
C ASN A 6 -4.10 -17.54 8.23
N SER A 7 -3.21 -16.83 7.56
CA SER A 7 -1.78 -16.88 7.89
C SER A 7 -1.55 -16.34 9.31
N PRO A 8 -0.39 -16.70 9.88
CA PRO A 8 -0.01 -16.27 11.23
C PRO A 8 0.29 -14.79 11.30
N ASP A 9 0.50 -14.29 12.52
CA ASP A 9 0.81 -12.88 12.73
C ASP A 9 -0.32 -11.99 12.21
N ARG A 10 -0.07 -10.69 12.14
CA ARG A 10 -1.07 -9.75 11.67
C ARG A 10 -0.44 -8.71 10.73
N VAL A 11 -1.20 -7.68 10.40
CA VAL A 11 -0.71 -6.62 9.51
C VAL A 11 -0.09 -5.48 10.31
N LYS A 12 1.12 -5.09 9.92
CA LYS A 12 1.83 -4.02 10.60
C LYS A 12 2.56 -3.13 9.59
N ARG A 13 3.15 -2.04 10.07
CA ARG A 13 3.87 -1.12 9.22
C ARG A 13 2.93 -0.45 8.22
N PRO A 14 3.31 0.75 7.76
CA PRO A 14 2.51 1.51 6.79
C PRO A 14 2.52 0.88 5.41
N MET A 15 1.93 1.58 4.44
CA MET A 15 1.87 1.08 3.07
C MET A 15 2.95 1.73 2.22
N ASN A 16 3.08 1.26 0.97
CA ASN A 16 4.09 1.79 0.06
C ASN A 16 3.42 2.30 -1.22
N ALA A 17 4.19 3.03 -2.03
CA ALA A 17 3.68 3.57 -3.27
C ALA A 17 2.99 2.49 -4.10
N PHE A 18 3.61 1.33 -4.18
CA PHE A 18 3.06 0.21 -4.95
C PHE A 18 1.60 -0.02 -4.57
N MET A 19 1.26 0.22 -3.31
CA MET A 19 -0.10 0.04 -2.83
C MET A 19 -1.03 1.13 -3.38
N VAL A 20 -0.49 2.34 -3.52
CA VAL A 20 -1.27 3.46 -4.03
C VAL A 20 -1.67 3.23 -5.48
N TRP A 21 -0.79 2.59 -6.24
CA TRP A 21 -1.06 2.31 -7.66
C TRP A 21 -1.85 1.01 -7.80
N SER A 22 -1.38 -0.05 -7.15
CA SER A 22 -2.04 -1.34 -7.22
C SER A 22 -3.51 -1.22 -6.82
N ARG A 23 -3.75 -0.56 -5.68
CA ARG A 23 -5.11 -0.38 -5.19
C ARG A 23 -6.03 0.14 -6.29
N GLY A 24 -5.50 1.04 -7.11
CA GLY A 24 -6.30 1.61 -8.19
C GLY A 24 -6.34 0.70 -9.41
N GLN A 25 -5.30 -0.12 -9.58
CA GLN A 25 -5.24 -1.03 -10.70
C GLN A 25 -6.13 -2.25 -10.48
N ARG A 26 -6.28 -2.64 -9.22
CA ARG A 26 -7.10 -3.79 -8.87
C ARG A 26 -8.53 -3.60 -9.38
N ARG A 27 -9.09 -2.43 -9.13
CA ARG A 27 -10.45 -2.12 -9.57
C ARG A 27 -10.59 -2.27 -11.07
N LYS A 28 -9.55 -1.84 -11.80
CA LYS A 28 -9.56 -1.92 -13.26
C LYS A 28 -9.39 -3.36 -13.72
N MET A 29 -8.44 -4.07 -13.13
CA MET A 29 -8.19 -5.46 -13.47
C MET A 29 -9.34 -6.35 -13.03
N ALA A 30 -10.12 -5.87 -12.08
CA ALA A 30 -11.26 -6.62 -11.56
C ALA A 30 -12.50 -6.39 -12.41
N GLN A 31 -12.80 -5.12 -12.67
CA GLN A 31 -13.96 -4.76 -13.48
C GLN A 31 -13.79 -5.20 -14.93
N GLU A 32 -12.56 -5.15 -15.42
CA GLU A 32 -12.26 -5.55 -16.79
C GLU A 32 -12.00 -7.05 -16.87
N ASN A 33 -11.36 -7.59 -15.84
CA ASN A 33 -11.05 -9.02 -15.79
C ASN A 33 -11.48 -9.63 -14.46
N PRO A 34 -12.80 -9.76 -14.27
CA PRO A 34 -13.38 -10.32 -13.05
C PRO A 34 -13.10 -11.83 -12.93
N LYS A 35 -13.01 -12.50 -14.07
CA LYS A 35 -12.75 -13.93 -14.09
C LYS A 35 -11.33 -14.24 -13.61
N MET A 36 -10.43 -13.27 -13.76
CA MET A 36 -9.05 -13.43 -13.34
C MET A 36 -8.96 -13.57 -11.81
N HIS A 37 -8.43 -14.71 -11.36
CA HIS A 37 -8.29 -14.96 -9.93
C HIS A 37 -7.32 -13.96 -9.30
N ASN A 38 -7.53 -13.68 -8.02
CA ASN A 38 -6.68 -12.75 -7.28
C ASN A 38 -5.20 -13.11 -7.47
N SER A 39 -4.89 -14.39 -7.29
CA SER A 39 -3.51 -14.85 -7.43
C SER A 39 -2.91 -14.41 -8.75
N GLU A 40 -3.75 -14.34 -9.78
CA GLU A 40 -3.30 -13.92 -11.10
C GLU A 40 -3.15 -12.40 -11.18
N ILE A 41 -4.15 -11.69 -10.69
CA ILE A 41 -4.12 -10.23 -10.70
C ILE A 41 -2.91 -9.70 -9.93
N SER A 42 -2.54 -10.39 -8.86
CA SER A 42 -1.41 -10.00 -8.04
C SER A 42 -0.10 -10.15 -8.80
N LYS A 43 0.06 -11.30 -9.44
CA LYS A 43 1.27 -11.57 -10.22
C LYS A 43 1.53 -10.47 -11.23
N ARG A 44 0.46 -9.90 -11.77
CA ARG A 44 0.57 -8.83 -12.76
C ARG A 44 0.80 -7.49 -12.08
N LEU A 45 0.26 -7.34 -10.87
CA LEU A 45 0.40 -6.10 -10.11
C LEU A 45 1.86 -5.87 -9.71
N GLY A 46 2.45 -6.86 -9.06
CA GLY A 46 3.84 -6.74 -8.65
C GLY A 46 4.80 -6.62 -9.81
N ALA A 47 4.45 -7.29 -10.92
CA ALA A 47 5.28 -7.25 -12.11
C ALA A 47 5.20 -5.90 -12.81
N GLU A 48 3.99 -5.34 -12.87
CA GLU A 48 3.78 -4.05 -13.51
C GLU A 48 4.62 -2.96 -12.83
N TRP A 49 4.78 -3.08 -11.52
CA TRP A 49 5.56 -2.11 -10.77
C TRP A 49 7.05 -2.25 -11.07
N LYS A 50 7.50 -3.48 -11.26
CA LYS A 50 8.90 -3.76 -11.57
C LYS A 50 9.31 -3.10 -12.88
N LEU A 51 8.36 -2.97 -13.79
CA LEU A 51 8.62 -2.36 -15.09
C LEU A 51 8.12 -0.91 -15.12
N LEU A 52 7.32 -0.54 -14.12
CA LEU A 52 6.77 0.81 -14.03
C LEU A 52 7.89 1.85 -14.13
N SER A 53 7.62 2.94 -14.83
CA SER A 53 8.59 4.01 -15.01
C SER A 53 8.66 4.89 -13.76
N GLU A 54 9.87 5.32 -13.42
CA GLU A 54 10.07 6.17 -12.25
C GLU A 54 9.14 7.38 -12.28
N THR A 55 8.89 7.87 -13.49
CA THR A 55 8.02 9.03 -13.66
C THR A 55 6.58 8.71 -13.27
N GLU A 56 6.14 7.50 -13.61
CA GLU A 56 4.79 7.07 -13.30
C GLU A 56 4.58 6.97 -11.78
N LYS A 57 5.62 6.54 -11.08
CA LYS A 57 5.55 6.39 -9.63
C LYS A 57 5.72 7.75 -8.95
N ARG A 58 6.50 8.62 -9.55
CA ARG A 58 6.74 9.95 -9.00
C ARG A 58 5.49 10.47 -8.29
N PRO A 59 4.36 10.51 -9.02
CA PRO A 59 3.09 10.99 -8.47
C PRO A 59 2.51 10.03 -7.45
N PHE A 60 2.63 8.74 -7.72
CA PHE A 60 2.11 7.71 -6.82
C PHE A 60 2.81 7.76 -5.46
N ILE A 61 4.15 7.72 -5.49
CA ILE A 61 4.92 7.76 -4.26
C ILE A 61 4.54 8.97 -3.41
N ASP A 62 4.39 10.11 -4.05
CA ASP A 62 4.02 11.35 -3.35
C ASP A 62 2.78 11.12 -2.48
N GLU A 63 1.83 10.35 -3.01
CA GLU A 63 0.60 10.07 -2.28
C GLU A 63 0.88 9.18 -1.08
N ALA A 64 1.65 8.12 -1.28
CA ALA A 64 1.99 7.20 -0.21
C ALA A 64 2.58 7.93 0.99
N LYS A 65 3.39 8.96 0.71
CA LYS A 65 4.01 9.74 1.76
C LYS A 65 2.96 10.40 2.64
N ARG A 66 1.88 10.87 2.02
CA ARG A 66 0.80 11.52 2.76
C ARG A 66 0.30 10.63 3.89
N LEU A 67 0.14 9.34 3.59
CA LEU A 67 -0.35 8.39 4.58
C LEU A 67 0.73 8.07 5.61
N ARG A 68 1.98 8.03 5.15
CA ARG A 68 3.11 7.74 6.02
C ARG A 68 3.26 8.82 7.10
N ALA A 69 3.04 10.07 6.70
CA ALA A 69 3.14 11.20 7.62
C ALA A 69 1.98 11.20 8.61
N LEU A 70 0.81 10.80 8.14
CA LEU A 70 -0.38 10.77 8.98
C LEU A 70 -0.34 9.58 9.94
N HIS A 71 0.22 8.47 9.46
CA HIS A 71 0.33 7.27 10.27
C HIS A 71 0.97 7.57 11.63
N MET A 72 1.88 8.53 11.64
CA MET A 72 2.57 8.92 12.87
C MET A 72 1.56 9.18 13.99
N LYS A 73 0.53 9.96 13.69
CA LYS A 73 -0.50 10.28 14.68
C LYS A 73 -1.64 9.27 14.62
N GLU A 74 -1.90 8.74 13.42
CA GLU A 74 -2.96 7.77 13.24
C GLU A 74 -4.34 8.41 13.41
N HIS A 75 -4.70 8.68 14.67
CA HIS A 75 -5.98 9.30 14.97
C HIS A 75 -6.14 10.63 14.25
N PRO A 76 -7.38 11.01 13.95
CA PRO A 76 -7.69 12.27 13.26
C PRO A 76 -7.43 13.49 14.12
N ASP A 77 -7.85 13.41 15.38
CA ASP A 77 -7.66 14.52 16.32
C ASP A 77 -8.44 15.74 15.87
N TYR A 78 -9.60 15.52 15.28
CA TYR A 78 -10.44 16.61 14.79
C TYR A 78 -11.89 16.43 15.25
N LYS A 79 -12.79 17.19 14.64
CA LYS A 79 -14.21 17.11 14.98
C LYS A 79 -14.82 15.82 14.46
N TYR A 80 -16.13 15.67 14.67
CA TYR A 80 -16.83 14.47 14.21
C TYR A 80 -17.14 14.56 12.72
N ARG A 81 -16.60 13.60 11.96
CA ARG A 81 -16.80 13.56 10.52
C ARG A 81 -17.02 12.13 10.04
N PRO A 82 -17.61 11.99 8.85
CA PRO A 82 -17.89 10.68 8.25
C PRO A 82 -16.61 9.96 7.82
N ARG A 83 -16.71 8.66 7.60
CA ARG A 83 -15.56 7.85 7.18
C ARG A 83 -15.95 6.93 6.02
N ARG A 84 -16.78 5.93 6.31
CA ARG A 84 -17.21 4.99 5.30
C ARG A 84 -18.63 4.50 5.58
N LYS A 85 -19.47 4.52 4.56
CA LYS A 85 -20.85 4.08 4.69
C LYS A 85 -21.54 4.01 3.33
N THR A 86 -21.41 5.07 2.55
CA THR A 86 -22.01 5.12 1.21
C THR A 86 -21.31 4.17 0.26
N LYS A 87 -21.99 3.08 -0.08
CA LYS A 87 -21.44 2.09 -1.00
C LYS A 87 -22.51 1.55 -1.93
N THR A 88 -22.22 1.57 -3.23
CA THR A 88 -23.16 1.09 -4.23
C THR A 88 -23.03 -0.41 -4.44
N LEU A 89 -24.15 -1.11 -4.42
CA LEU A 89 -24.16 -2.56 -4.60
C LEU A 89 -25.49 -3.03 -5.18
N MET A 90 -25.42 -3.95 -6.14
CA MET A 90 -26.63 -4.48 -6.77
C MET A 90 -26.78 -5.98 -6.47
N LYS A 91 -28.01 -6.47 -6.56
CA LYS A 91 -28.30 -7.88 -6.30
C LYS A 91 -29.12 -8.48 -7.43
N LYS A 92 -30.11 -7.72 -7.90
CA LYS A 92 -30.97 -8.18 -8.98
C LYS A 92 -31.92 -9.27 -8.50
N ASP A 93 -31.36 -10.43 -8.18
CA ASP A 93 -32.17 -11.56 -7.71
C ASP A 93 -31.27 -12.71 -7.27
N LYS A 94 -31.58 -13.30 -6.12
CA LYS A 94 -30.81 -14.41 -5.59
C LYS A 94 -31.72 -15.41 -4.87
N TYR A 95 -32.71 -15.93 -5.59
CA TYR A 95 -33.65 -16.89 -5.02
C TYR A 95 -33.56 -18.23 -5.77
N THR A 96 -33.70 -18.18 -7.09
CA THR A 96 -33.65 -19.38 -7.91
C THR A 96 -34.61 -20.44 -7.40
N LEU A 97 -35.89 -20.28 -7.73
CA LEU A 97 -36.91 -21.23 -7.30
C LEU A 97 -36.86 -21.44 -5.79
N GLY A 1 -21.77 -12.02 16.21
CA GLY A 1 -20.45 -12.36 16.71
C GLY A 1 -19.95 -11.35 17.73
N SER A 2 -19.79 -11.80 18.98
CA SER A 2 -19.31 -10.93 20.05
C SER A 2 -17.81 -11.08 20.24
N ASN A 3 -17.09 -9.97 20.14
CA ASN A 3 -15.64 -9.97 20.31
C ASN A 3 -15.13 -8.58 20.67
N GLN A 4 -13.85 -8.50 21.00
CA GLN A 4 -13.24 -7.23 21.37
C GLN A 4 -12.06 -6.91 20.45
N LYS A 5 -12.05 -5.69 19.90
CA LYS A 5 -10.97 -5.26 19.02
C LYS A 5 -10.37 -3.94 19.49
N ASN A 6 -9.98 -3.90 20.76
CA ASN A 6 -9.38 -2.70 21.34
C ASN A 6 -8.10 -3.05 22.11
N SER A 7 -7.29 -3.91 21.52
CA SER A 7 -6.04 -4.33 22.16
C SER A 7 -4.84 -3.88 21.33
N PRO A 8 -4.56 -2.56 21.36
CA PRO A 8 -3.43 -1.98 20.62
C PRO A 8 -2.08 -2.38 21.20
N ASP A 9 -1.09 -2.53 20.33
CA ASP A 9 0.25 -2.91 20.76
C ASP A 9 1.31 -2.22 19.90
N ARG A 10 1.06 -0.95 19.57
CA ARG A 10 1.99 -0.18 18.76
C ARG A 10 2.14 -0.79 17.37
N VAL A 11 1.50 -0.19 16.39
CA VAL A 11 1.57 -0.68 15.01
C VAL A 11 2.61 0.09 14.21
N LYS A 12 3.21 -0.59 13.25
CA LYS A 12 4.23 0.01 12.40
C LYS A 12 4.29 -0.67 11.04
N ARG A 13 5.32 -0.34 10.27
CA ARG A 13 5.49 -0.92 8.93
C ARG A 13 4.33 -0.55 8.03
N PRO A 14 4.29 0.72 7.60
CA PRO A 14 3.23 1.22 6.71
C PRO A 14 3.33 0.65 5.31
N MET A 15 2.53 1.19 4.40
CA MET A 15 2.52 0.73 3.01
C MET A 15 3.49 1.55 2.16
N ASN A 16 3.60 1.19 0.89
CA ASN A 16 4.49 1.89 -0.02
C ASN A 16 3.76 2.29 -1.30
N ALA A 17 4.43 3.09 -2.13
CA ALA A 17 3.84 3.54 -3.39
C ALA A 17 3.25 2.37 -4.17
N PHE A 18 4.00 1.28 -4.25
CA PHE A 18 3.55 0.09 -4.97
C PHE A 18 2.13 -0.27 -4.56
N MET A 19 1.79 -0.01 -3.31
CA MET A 19 0.45 -0.31 -2.79
C MET A 19 -0.57 0.72 -3.28
N VAL A 20 -0.14 1.98 -3.34
CA VAL A 20 -1.02 3.06 -3.78
C VAL A 20 -1.50 2.83 -5.22
N TRP A 21 -0.56 2.63 -6.13
CA TRP A 21 -0.90 2.39 -7.53
C TRP A 21 -1.72 1.13 -7.68
N SER A 22 -1.33 0.08 -6.96
CA SER A 22 -2.04 -1.19 -7.03
C SER A 22 -3.53 -1.00 -6.79
N ARG A 23 -3.87 -0.08 -5.89
CA ARG A 23 -5.27 0.20 -5.58
C ARG A 23 -6.02 0.67 -6.82
N GLY A 24 -5.38 1.57 -7.59
CA GLY A 24 -6.01 2.08 -8.79
C GLY A 24 -6.05 1.06 -9.91
N GLN A 25 -5.04 0.18 -9.95
CA GLN A 25 -4.97 -0.85 -10.97
C GLN A 25 -5.90 -2.01 -10.64
N ARG A 26 -6.11 -2.25 -9.36
CA ARG A 26 -6.98 -3.34 -8.91
C ARG A 26 -8.39 -3.17 -9.48
N ARG A 27 -8.93 -1.96 -9.35
CA ARG A 27 -10.26 -1.67 -9.85
C ARG A 27 -10.37 -1.97 -11.34
N LYS A 28 -9.36 -1.56 -12.09
CA LYS A 28 -9.34 -1.77 -13.53
C LYS A 28 -9.18 -3.26 -13.85
N MET A 29 -8.24 -3.90 -13.17
CA MET A 29 -7.98 -5.33 -13.38
C MET A 29 -9.16 -6.16 -12.88
N ALA A 30 -9.97 -5.59 -12.00
CA ALA A 30 -11.13 -6.28 -11.44
C ALA A 30 -12.35 -6.10 -12.34
N GLN A 31 -12.62 -4.86 -12.72
CA GLN A 31 -13.76 -4.56 -13.58
C GLN A 31 -13.54 -5.07 -14.99
N GLU A 32 -12.28 -5.04 -15.44
CA GLU A 32 -11.94 -5.50 -16.78
C GLU A 32 -11.66 -7.00 -16.78
N ASN A 33 -11.04 -7.48 -15.70
CA ASN A 33 -10.72 -8.90 -15.58
C ASN A 33 -11.21 -9.45 -14.24
N PRO A 34 -12.53 -9.53 -14.09
CA PRO A 34 -13.16 -10.04 -12.86
C PRO A 34 -12.95 -11.54 -12.69
N LYS A 35 -12.87 -12.26 -13.80
CA LYS A 35 -12.67 -13.70 -13.77
C LYS A 35 -11.26 -14.05 -13.27
N MET A 36 -10.37 -13.06 -13.32
CA MET A 36 -9.00 -13.25 -12.87
C MET A 36 -8.93 -13.38 -11.35
N HIS A 37 -8.39 -14.50 -10.88
CA HIS A 37 -8.26 -14.75 -9.45
C HIS A 37 -7.38 -13.69 -8.80
N ASN A 38 -7.65 -13.43 -7.51
CA ASN A 38 -6.89 -12.44 -6.77
C ASN A 38 -5.38 -12.69 -6.89
N SER A 39 -5.00 -13.96 -6.82
CA SER A 39 -3.60 -14.35 -6.92
C SER A 39 -3.02 -13.93 -8.27
N GLU A 40 -3.84 -14.00 -9.32
CA GLU A 40 -3.40 -13.62 -10.66
C GLU A 40 -3.18 -12.11 -10.75
N ILE A 41 -4.16 -11.35 -10.26
CA ILE A 41 -4.07 -9.90 -10.29
C ILE A 41 -2.85 -9.40 -9.53
N SER A 42 -2.67 -9.90 -8.31
CA SER A 42 -1.55 -9.51 -7.47
C SER A 42 -0.22 -9.84 -8.16
N LYS A 43 -0.14 -11.04 -8.72
CA LYS A 43 1.07 -11.48 -9.41
C LYS A 43 1.43 -10.52 -10.54
N ARG A 44 0.42 -10.09 -11.29
CA ARG A 44 0.64 -9.18 -12.40
C ARG A 44 1.09 -7.81 -11.91
N LEU A 45 0.43 -7.32 -10.86
CA LEU A 45 0.76 -6.02 -10.28
C LEU A 45 2.24 -5.95 -9.92
N GLY A 46 2.69 -6.89 -9.09
CA GLY A 46 4.08 -6.90 -8.68
C GLY A 46 5.03 -6.80 -9.86
N ALA A 47 4.66 -7.41 -10.98
CA ALA A 47 5.48 -7.39 -12.18
C ALA A 47 5.32 -6.07 -12.92
N GLU A 48 4.13 -5.50 -12.86
CA GLU A 48 3.85 -4.23 -13.53
C GLU A 48 4.68 -3.10 -12.92
N TRP A 49 4.89 -3.17 -11.62
CA TRP A 49 5.67 -2.16 -10.92
C TRP A 49 7.14 -2.23 -11.31
N LYS A 50 7.63 -3.44 -11.53
CA LYS A 50 9.03 -3.64 -11.91
C LYS A 50 9.32 -2.97 -13.25
N LEU A 51 8.31 -2.91 -14.11
CA LEU A 51 8.47 -2.30 -15.43
C LEU A 51 7.93 -0.87 -15.42
N LEU A 52 7.17 -0.53 -14.39
CA LEU A 52 6.60 0.80 -14.27
C LEU A 52 7.67 1.88 -14.40
N SER A 53 7.33 2.96 -15.08
CA SER A 53 8.27 4.06 -15.27
C SER A 53 8.35 4.95 -14.03
N GLU A 54 9.56 5.41 -13.72
CA GLU A 54 9.77 6.26 -12.57
C GLU A 54 8.82 7.45 -12.57
N THR A 55 8.54 7.97 -13.76
CA THR A 55 7.63 9.10 -13.91
C THR A 55 6.21 8.74 -13.48
N GLU A 56 5.82 7.50 -13.76
CA GLU A 56 4.49 7.03 -13.41
C GLU A 56 4.33 6.92 -11.89
N LYS A 57 5.39 6.51 -11.23
CA LYS A 57 5.37 6.36 -9.77
C LYS A 57 5.53 7.72 -9.09
N ARG A 58 6.29 8.61 -9.71
CA ARG A 58 6.51 9.94 -9.16
C ARG A 58 5.28 10.43 -8.42
N PRO A 59 4.13 10.45 -9.12
CA PRO A 59 2.86 10.91 -8.54
C PRO A 59 2.32 9.93 -7.50
N PHE A 60 2.49 8.65 -7.76
CA PHE A 60 2.01 7.60 -6.85
C PHE A 60 2.75 7.68 -5.52
N ILE A 61 4.07 7.64 -5.58
CA ILE A 61 4.90 7.70 -4.38
C ILE A 61 4.51 8.88 -3.50
N ASP A 62 4.35 10.05 -4.13
CA ASP A 62 3.97 11.26 -3.41
C ASP A 62 2.73 11.02 -2.57
N GLU A 63 1.81 10.21 -3.10
CA GLU A 63 0.57 9.90 -2.39
C GLU A 63 0.84 9.06 -1.15
N ALA A 64 1.66 8.02 -1.32
CA ALA A 64 2.00 7.13 -0.21
C ALA A 64 2.62 7.91 0.94
N LYS A 65 3.38 8.95 0.62
CA LYS A 65 4.03 9.77 1.63
C LYS A 65 3.04 10.22 2.69
N ARG A 66 1.79 10.45 2.27
CA ARG A 66 0.75 10.89 3.19
C ARG A 66 0.18 9.70 3.96
N LEU A 67 -0.11 8.62 3.24
CA LEU A 67 -0.66 7.42 3.85
C LEU A 67 0.18 6.98 5.05
N ARG A 68 1.49 7.17 4.95
CA ARG A 68 2.40 6.80 6.02
C ARG A 68 2.48 7.90 7.07
N ALA A 69 2.40 9.15 6.62
CA ALA A 69 2.46 10.29 7.53
C ALA A 69 1.25 10.33 8.44
N LEU A 70 0.11 9.92 7.92
CA LEU A 70 -1.14 9.91 8.69
C LEU A 70 -1.29 8.61 9.47
N HIS A 71 -0.83 7.51 8.86
CA HIS A 71 -0.91 6.21 9.50
C HIS A 71 -0.33 6.25 10.91
N MET A 72 0.70 7.06 11.09
CA MET A 72 1.35 7.20 12.40
C MET A 72 0.30 7.48 13.49
N LYS A 73 -0.55 8.47 13.24
CA LYS A 73 -1.59 8.84 14.20
C LYS A 73 -2.83 7.96 14.02
N GLU A 74 -3.09 7.57 12.79
CA GLU A 74 -4.25 6.73 12.49
C GLU A 74 -3.82 5.43 11.83
N HIS A 75 -3.26 4.52 12.63
CA HIS A 75 -2.80 3.23 12.13
C HIS A 75 -3.91 2.53 11.34
N PRO A 76 -3.50 1.70 10.36
CA PRO A 76 -4.44 0.96 9.51
C PRO A 76 -5.17 -0.13 10.28
N ASP A 77 -4.43 -0.89 11.09
CA ASP A 77 -5.02 -1.96 11.87
C ASP A 77 -3.96 -2.64 12.74
N TYR A 78 -4.36 -3.70 13.44
CA TYR A 78 -3.44 -4.44 14.29
C TYR A 78 -2.92 -5.68 13.59
N LYS A 79 -2.71 -5.57 12.28
CA LYS A 79 -2.21 -6.69 11.49
C LYS A 79 -1.22 -6.21 10.45
N TYR A 80 -0.28 -7.08 10.06
CA TYR A 80 0.73 -6.74 9.07
C TYR A 80 1.43 -8.00 8.57
N ARG A 81 1.72 -8.02 7.27
CA ARG A 81 2.38 -9.17 6.66
C ARG A 81 3.80 -8.79 6.21
N PRO A 82 4.65 -9.81 6.01
CA PRO A 82 6.04 -9.62 5.58
C PRO A 82 6.14 -9.12 4.14
N ARG A 83 7.31 -8.63 3.77
CA ARG A 83 7.53 -8.13 2.42
C ARG A 83 8.96 -8.42 1.96
N ARG A 84 9.33 -7.87 0.81
CA ARG A 84 10.66 -8.08 0.26
C ARG A 84 11.36 -6.74 -0.01
N LYS A 85 10.92 -6.04 -1.06
CA LYS A 85 11.49 -4.76 -1.42
C LYS A 85 13.00 -4.89 -1.69
N THR A 86 13.64 -3.76 -1.93
CA THR A 86 15.08 -3.75 -2.21
C THR A 86 15.65 -2.33 -2.13
N LYS A 87 16.97 -2.23 -2.07
CA LYS A 87 17.63 -0.93 -1.98
C LYS A 87 18.66 -0.78 -3.10
N THR A 88 19.32 0.37 -3.13
CA THR A 88 20.33 0.65 -4.14
C THR A 88 21.33 1.69 -3.66
N LEU A 89 22.50 1.71 -4.28
CA LEU A 89 23.55 2.67 -3.91
C LEU A 89 24.04 3.44 -5.14
N MET A 90 24.99 4.33 -4.92
CA MET A 90 25.55 5.13 -6.00
C MET A 90 26.76 5.94 -5.52
N LYS A 91 27.22 6.85 -6.36
CA LYS A 91 28.36 7.69 -6.02
C LYS A 91 28.46 8.88 -6.98
N LYS A 92 29.09 9.95 -6.51
CA LYS A 92 29.27 11.15 -7.32
C LYS A 92 30.23 12.13 -6.65
N ASP A 93 30.93 12.92 -7.47
CA ASP A 93 31.88 13.90 -6.95
C ASP A 93 32.47 14.72 -8.09
N LYS A 94 32.90 15.94 -7.77
CA LYS A 94 33.49 16.83 -8.76
C LYS A 94 34.67 17.59 -8.17
N TYR A 95 35.72 17.75 -8.98
CA TYR A 95 36.92 18.45 -8.53
C TYR A 95 37.28 19.57 -9.51
N THR A 96 37.22 20.81 -9.03
CA THR A 96 37.55 21.96 -9.86
C THR A 96 38.88 22.57 -9.45
N LEU A 97 39.44 23.40 -10.32
CA LEU A 97 40.72 24.07 -10.05
C LEU A 97 40.52 25.26 -9.13
N GLY A 1 -4.53 -22.34 8.81
CA GLY A 1 -5.96 -22.15 8.97
C GLY A 1 -6.61 -21.61 7.71
N SER A 2 -7.35 -20.52 7.85
CA SER A 2 -8.04 -19.91 6.71
C SER A 2 -8.51 -18.50 7.06
N ASN A 3 -7.86 -17.49 6.48
CA ASN A 3 -8.21 -16.10 6.73
C ASN A 3 -8.08 -15.76 8.21
N GLN A 4 -7.00 -16.23 8.83
CA GLN A 4 -6.76 -15.97 10.24
C GLN A 4 -7.76 -16.73 11.11
N LYS A 5 -8.98 -16.22 11.16
CA LYS A 5 -10.03 -16.84 11.96
C LYS A 5 -9.63 -16.91 13.42
N ASN A 6 -10.02 -15.89 14.19
CA ASN A 6 -9.70 -15.84 15.61
C ASN A 6 -8.19 -15.83 15.83
N SER A 7 -7.77 -15.78 17.09
CA SER A 7 -6.36 -15.76 17.44
C SER A 7 -5.64 -14.62 16.72
N PRO A 8 -5.92 -13.38 17.15
CA PRO A 8 -5.32 -12.18 16.57
C PRO A 8 -3.83 -12.06 16.89
N ASP A 9 -2.99 -12.36 15.91
CA ASP A 9 -1.54 -12.29 16.10
C ASP A 9 -0.85 -11.86 14.80
N ARG A 10 -0.91 -10.58 14.50
CA ARG A 10 -0.29 -10.04 13.29
C ARG A 10 0.21 -8.62 13.51
N VAL A 11 1.43 -8.35 13.05
CA VAL A 11 2.03 -7.03 13.19
C VAL A 11 1.52 -6.07 12.12
N LYS A 12 1.34 -4.81 12.49
CA LYS A 12 0.87 -3.79 11.56
C LYS A 12 2.03 -3.05 10.92
N ARG A 13 1.74 -2.24 9.90
CA ARG A 13 2.77 -1.47 9.22
C ARG A 13 2.15 -0.62 8.12
N PRO A 14 2.86 0.45 7.72
CA PRO A 14 2.41 1.37 6.67
C PRO A 14 2.43 0.72 5.29
N MET A 15 1.95 1.45 4.29
CA MET A 15 1.93 0.95 2.92
C MET A 15 2.98 1.65 2.06
N ASN A 16 3.22 1.11 0.87
CA ASN A 16 4.21 1.69 -0.04
C ASN A 16 3.54 2.19 -1.32
N ALA A 17 4.30 2.90 -2.14
CA ALA A 17 3.78 3.43 -3.40
C ALA A 17 3.08 2.34 -4.21
N PHE A 18 3.72 1.18 -4.30
CA PHE A 18 3.15 0.06 -5.05
C PHE A 18 1.70 -0.19 -4.64
N MET A 19 1.39 0.09 -3.38
CA MET A 19 0.03 -0.10 -2.88
C MET A 19 -0.89 1.01 -3.37
N VAL A 20 -0.35 2.22 -3.49
CA VAL A 20 -1.13 3.36 -3.96
C VAL A 20 -1.56 3.18 -5.41
N TRP A 21 -0.67 2.62 -6.21
CA TRP A 21 -0.96 2.39 -7.62
C TRP A 21 -1.75 1.11 -7.82
N SER A 22 -1.28 0.03 -7.20
CA SER A 22 -1.96 -1.26 -7.30
C SER A 22 -3.45 -1.14 -6.96
N ARG A 23 -3.73 -0.41 -5.88
CA ARG A 23 -5.10 -0.22 -5.44
C ARG A 23 -5.98 0.28 -6.59
N GLY A 24 -5.39 1.09 -7.47
CA GLY A 24 -6.13 1.61 -8.59
C GLY A 24 -6.19 0.65 -9.76
N GLN A 25 -5.08 -0.04 -10.01
CA GLN A 25 -5.01 -1.00 -11.11
C GLN A 25 -5.91 -2.20 -10.83
N ARG A 26 -6.03 -2.57 -9.56
CA ARG A 26 -6.85 -3.70 -9.16
C ARG A 26 -8.29 -3.52 -9.64
N ARG A 27 -8.84 -2.33 -9.42
CA ARG A 27 -10.21 -2.03 -9.84
C ARG A 27 -10.37 -2.23 -11.34
N LYS A 28 -9.36 -1.85 -12.10
CA LYS A 28 -9.40 -1.99 -13.55
C LYS A 28 -9.25 -3.46 -13.96
N MET A 29 -8.28 -4.14 -13.35
CA MET A 29 -8.05 -5.55 -13.65
C MET A 29 -9.20 -6.41 -13.16
N ALA A 30 -9.97 -5.89 -12.21
CA ALA A 30 -11.11 -6.60 -11.66
C ALA A 30 -12.35 -6.39 -12.50
N GLN A 31 -12.65 -5.13 -12.79
CA GLN A 31 -13.83 -4.79 -13.60
C GLN A 31 -13.69 -5.31 -15.02
N GLU A 32 -12.46 -5.30 -15.53
CA GLU A 32 -12.20 -5.77 -16.88
C GLU A 32 -11.97 -7.28 -16.89
N ASN A 33 -11.33 -7.79 -15.84
CA ASN A 33 -11.05 -9.22 -15.73
C ASN A 33 -11.50 -9.75 -14.38
N PRO A 34 -12.82 -9.86 -14.19
CA PRO A 34 -13.41 -10.36 -12.94
C PRO A 34 -13.17 -11.85 -12.74
N LYS A 35 -13.04 -12.58 -13.85
CA LYS A 35 -12.80 -14.01 -13.80
C LYS A 35 -11.41 -14.32 -13.25
N MET A 36 -10.50 -13.36 -13.40
CA MET A 36 -9.13 -13.52 -12.93
C MET A 36 -9.09 -13.53 -11.40
N HIS A 37 -8.54 -14.60 -10.83
CA HIS A 37 -8.44 -14.74 -9.39
C HIS A 37 -7.42 -13.75 -8.82
N ASN A 38 -7.52 -13.48 -7.52
CA ASN A 38 -6.61 -12.56 -6.86
C ASN A 38 -5.16 -12.94 -7.13
N SER A 39 -4.84 -14.21 -6.92
CA SER A 39 -3.49 -14.71 -7.13
C SER A 39 -2.99 -14.33 -8.53
N GLU A 40 -3.90 -14.28 -9.49
CA GLU A 40 -3.55 -13.94 -10.85
C GLU A 40 -3.35 -12.43 -11.01
N ILE A 41 -4.33 -11.67 -10.54
CA ILE A 41 -4.28 -10.21 -10.63
C ILE A 41 -3.03 -9.68 -9.92
N SER A 42 -2.64 -10.34 -8.84
CA SER A 42 -1.47 -9.93 -8.07
C SER A 42 -0.19 -10.15 -8.88
N LYS A 43 -0.12 -11.29 -9.56
CA LYS A 43 1.05 -11.62 -10.38
C LYS A 43 1.29 -10.55 -11.44
N ARG A 44 0.22 -9.96 -11.93
CA ARG A 44 0.32 -8.91 -12.95
C ARG A 44 0.67 -7.57 -12.32
N LEU A 45 0.22 -7.36 -11.09
CA LEU A 45 0.50 -6.12 -10.38
C LEU A 45 2.00 -5.97 -10.10
N GLY A 46 2.55 -6.91 -9.34
CA GLY A 46 3.96 -6.86 -9.00
C GLY A 46 4.83 -6.73 -10.24
N ALA A 47 4.40 -7.34 -11.34
CA ALA A 47 5.16 -7.28 -12.59
C ALA A 47 5.10 -5.88 -13.20
N GLU A 48 3.93 -5.27 -13.15
CA GLU A 48 3.75 -3.92 -13.69
C GLU A 48 4.69 -2.93 -13.02
N TRP A 49 4.79 -3.02 -11.70
CA TRP A 49 5.67 -2.13 -10.93
C TRP A 49 7.12 -2.26 -11.39
N LYS A 50 7.53 -3.49 -11.69
CA LYS A 50 8.89 -3.74 -12.14
C LYS A 50 9.17 -3.03 -13.47
N LEU A 51 8.12 -2.88 -14.27
CA LEU A 51 8.25 -2.22 -15.57
C LEU A 51 7.71 -0.79 -15.52
N LEU A 52 7.33 -0.36 -14.32
CA LEU A 52 6.79 0.99 -14.13
C LEU A 52 7.91 2.03 -14.16
N SER A 53 7.65 3.14 -14.85
CA SER A 53 8.64 4.21 -14.95
C SER A 53 8.69 5.03 -13.67
N GLU A 54 9.90 5.45 -13.29
CA GLU A 54 10.09 6.24 -12.08
C GLU A 54 9.15 7.45 -12.06
N THR A 55 8.90 8.01 -13.24
CA THR A 55 8.03 9.17 -13.37
C THR A 55 6.58 8.80 -13.04
N GLU A 56 6.19 7.58 -13.41
CA GLU A 56 4.83 7.11 -13.16
C GLU A 56 4.56 6.99 -11.66
N LYS A 57 5.58 6.51 -10.93
CA LYS A 57 5.46 6.34 -9.49
C LYS A 57 5.62 7.68 -8.77
N ARG A 58 6.42 8.56 -9.35
CA ARG A 58 6.65 9.88 -8.76
C ARG A 58 5.41 10.39 -8.03
N PRO A 59 4.29 10.46 -8.77
CA PRO A 59 3.01 10.92 -8.22
C PRO A 59 2.41 9.93 -7.22
N PHE A 60 2.55 8.64 -7.54
CA PHE A 60 2.02 7.59 -6.67
C PHE A 60 2.72 7.60 -5.31
N ILE A 61 4.04 7.49 -5.34
CA ILE A 61 4.83 7.49 -4.10
C ILE A 61 4.45 8.66 -3.21
N ASP A 62 4.23 9.82 -3.82
CA ASP A 62 3.87 11.02 -3.08
C ASP A 62 2.70 10.75 -2.15
N GLU A 63 1.63 10.18 -2.70
CA GLU A 63 0.44 9.87 -1.91
C GLU A 63 0.79 8.96 -0.74
N ALA A 64 1.50 7.86 -1.03
CA ALA A 64 1.90 6.91 0.00
C ALA A 64 2.56 7.63 1.17
N LYS A 65 3.46 8.56 0.87
CA LYS A 65 4.17 9.30 1.90
C LYS A 65 3.19 10.05 2.81
N ARG A 66 2.09 10.50 2.22
CA ARG A 66 1.07 11.22 2.98
C ARG A 66 0.47 10.34 4.07
N LEU A 67 0.23 9.08 3.73
CA LEU A 67 -0.34 8.13 4.68
C LEU A 67 0.53 8.02 5.92
N ARG A 68 1.84 8.09 5.73
CA ARG A 68 2.77 8.00 6.85
C ARG A 68 2.82 9.30 7.63
N ALA A 69 3.05 10.41 6.93
CA ALA A 69 3.11 11.72 7.58
C ALA A 69 1.85 11.98 8.41
N LEU A 70 0.69 11.69 7.82
CA LEU A 70 -0.58 11.90 8.51
C LEU A 70 -0.57 11.23 9.88
N HIS A 71 0.09 10.08 9.97
CA HIS A 71 0.17 9.35 11.22
C HIS A 71 1.01 10.10 12.24
N MET A 72 2.06 10.78 11.76
CA MET A 72 2.93 11.54 12.63
C MET A 72 2.20 12.73 13.25
N LYS A 73 1.39 13.40 12.43
CA LYS A 73 0.62 14.56 12.89
C LYS A 73 -0.59 14.12 13.69
N GLU A 74 -1.20 13.00 13.28
CA GLU A 74 -2.37 12.48 13.97
C GLU A 74 -1.99 11.85 15.30
N HIS A 75 -1.75 12.70 16.30
CA HIS A 75 -1.39 12.24 17.62
C HIS A 75 -2.38 11.20 18.13
N PRO A 76 -1.89 10.30 19.01
CA PRO A 76 -2.72 9.23 19.58
C PRO A 76 -3.75 9.76 20.56
N ASP A 77 -3.39 10.81 21.30
CA ASP A 77 -4.28 11.41 22.27
C ASP A 77 -4.65 10.41 23.37
N TYR A 78 -5.19 10.92 24.46
CA TYR A 78 -5.59 10.07 25.58
C TYR A 78 -4.60 8.93 25.78
N LYS A 79 -3.32 9.27 25.79
CA LYS A 79 -2.26 8.29 25.98
C LYS A 79 -2.47 7.50 27.27
N TYR A 80 -1.57 6.56 27.53
CA TYR A 80 -1.66 5.74 28.74
C TYR A 80 -2.93 4.90 28.73
N ARG A 81 -2.85 3.72 28.13
CA ARG A 81 -4.01 2.82 28.06
C ARG A 81 -3.56 1.36 28.08
N PRO A 82 -4.48 0.46 28.45
CA PRO A 82 -4.21 -0.98 28.51
C PRO A 82 -4.02 -1.59 27.13
N ARG A 83 -2.83 -1.41 26.55
CA ARG A 83 -2.53 -1.95 25.24
C ARG A 83 -2.22 -3.43 25.31
N ARG A 84 -2.49 -4.14 24.22
CA ARG A 84 -2.24 -5.58 24.16
C ARG A 84 -0.83 -5.88 23.66
N LYS A 85 -0.56 -7.14 23.37
CA LYS A 85 0.75 -7.55 22.88
C LYS A 85 0.92 -7.19 21.41
N THR A 86 2.06 -6.59 21.08
CA THR A 86 2.34 -6.18 19.71
C THR A 86 3.79 -5.74 19.56
N LYS A 87 4.56 -6.51 18.79
CA LYS A 87 5.97 -6.20 18.57
C LYS A 87 6.70 -5.97 19.88
N THR A 88 7.14 -7.07 20.51
CA THR A 88 7.84 -6.99 21.78
C THR A 88 9.35 -7.10 21.57
N LEU A 89 9.86 -6.37 20.58
CA LEU A 89 11.29 -6.39 20.28
C LEU A 89 11.84 -4.96 20.17
N MET A 90 11.49 -4.29 19.08
CA MET A 90 11.95 -2.92 18.86
C MET A 90 13.44 -2.89 18.51
N LYS A 91 14.27 -3.21 19.50
CA LYS A 91 15.71 -3.22 19.30
C LYS A 91 16.42 -3.77 20.54
N LYS A 92 16.15 -3.17 21.69
CA LYS A 92 16.76 -3.60 22.94
C LYS A 92 18.28 -3.51 22.87
N ASP A 93 18.82 -2.36 23.28
CA ASP A 93 20.25 -2.15 23.26
C ASP A 93 20.75 -1.64 24.61
N LYS A 94 20.45 -0.39 24.92
CA LYS A 94 20.86 0.20 26.19
C LYS A 94 22.38 0.14 26.35
N TYR A 95 22.87 0.56 27.51
CA TYR A 95 24.29 0.55 27.79
C TYR A 95 24.60 -0.31 29.02
N THR A 96 24.05 -1.51 29.04
CA THR A 96 24.26 -2.44 30.16
C THR A 96 25.37 -3.44 29.84
N LEU A 97 26.44 -2.95 29.23
CA LEU A 97 27.57 -3.80 28.88
C LEU A 97 28.88 -3.22 29.40
N GLY A 1 3.81 13.28 15.85
CA GLY A 1 4.45 13.21 17.16
C GLY A 1 3.52 12.65 18.22
N SER A 2 3.79 12.99 19.48
CA SER A 2 2.98 12.51 20.59
C SER A 2 2.93 10.99 20.62
N ASN A 3 4.08 10.37 20.84
CA ASN A 3 4.17 8.91 20.89
C ASN A 3 4.29 8.43 22.32
N GLN A 4 3.26 7.74 22.80
CA GLN A 4 3.25 7.22 24.16
C GLN A 4 2.65 5.81 24.21
N LYS A 5 3.41 4.84 23.69
CA LYS A 5 2.95 3.46 23.67
C LYS A 5 3.20 2.78 25.02
N ASN A 6 2.14 2.22 25.59
CA ASN A 6 2.24 1.53 26.88
C ASN A 6 2.68 0.09 26.70
N SER A 7 3.59 -0.36 27.55
CA SER A 7 4.10 -1.72 27.49
C SER A 7 4.82 -1.98 26.17
N PRO A 8 5.67 -3.02 26.14
CA PRO A 8 6.42 -3.39 24.94
C PRO A 8 5.54 -3.95 23.84
N ASP A 9 4.86 -3.07 23.12
CA ASP A 9 3.97 -3.47 22.04
C ASP A 9 4.45 -2.90 20.70
N ARG A 10 4.14 -3.59 19.62
CA ARG A 10 4.53 -3.15 18.29
C ARG A 10 3.42 -3.40 17.28
N VAL A 11 2.61 -2.38 17.02
CA VAL A 11 1.50 -2.49 16.07
C VAL A 11 1.61 -1.43 14.99
N LYS A 12 1.63 -1.88 13.73
CA LYS A 12 1.73 -0.97 12.60
C LYS A 12 1.68 -1.73 11.28
N ARG A 13 1.06 -1.13 10.27
CA ARG A 13 0.94 -1.77 8.96
C ARG A 13 1.10 -0.73 7.85
N PRO A 14 2.32 -0.21 7.71
CA PRO A 14 2.63 0.79 6.69
C PRO A 14 2.62 0.21 5.27
N MET A 15 2.56 1.08 4.28
CA MET A 15 2.53 0.65 2.89
C MET A 15 3.53 1.45 2.05
N ASN A 16 3.58 1.16 0.76
CA ASN A 16 4.50 1.85 -0.14
C ASN A 16 3.78 2.27 -1.43
N ALA A 17 4.47 3.05 -2.25
CA ALA A 17 3.91 3.51 -3.52
C ALA A 17 3.31 2.36 -4.31
N PHE A 18 4.05 1.25 -4.39
CA PHE A 18 3.59 0.07 -5.12
C PHE A 18 2.16 -0.29 -4.72
N MET A 19 1.83 -0.03 -3.46
CA MET A 19 0.50 -0.34 -2.94
C MET A 19 -0.52 0.69 -3.41
N VAL A 20 -0.09 1.94 -3.49
CA VAL A 20 -0.96 3.03 -3.93
C VAL A 20 -1.46 2.79 -5.36
N TRP A 21 -0.51 2.59 -6.27
CA TRP A 21 -0.85 2.35 -7.66
C TRP A 21 -1.70 1.09 -7.81
N SER A 22 -1.32 0.04 -7.10
CA SER A 22 -2.05 -1.23 -7.15
C SER A 22 -3.54 -1.01 -6.91
N ARG A 23 -3.86 -0.08 -6.00
CA ARG A 23 -5.24 0.22 -5.67
C ARG A 23 -6.01 0.68 -6.92
N GLY A 24 -5.37 1.55 -7.70
CA GLY A 24 -6.02 2.06 -8.90
C GLY A 24 -6.06 1.02 -10.01
N GLN A 25 -5.04 0.16 -10.06
CA GLN A 25 -4.98 -0.88 -11.08
C GLN A 25 -5.92 -2.03 -10.74
N ARG A 26 -6.11 -2.27 -9.45
CA ARG A 26 -6.98 -3.35 -9.00
C ARG A 26 -8.40 -3.18 -9.56
N ARG A 27 -8.92 -1.97 -9.44
CA ARG A 27 -10.26 -1.67 -9.93
C ARG A 27 -10.38 -1.98 -11.42
N LYS A 28 -9.37 -1.57 -12.18
CA LYS A 28 -9.36 -1.81 -13.62
C LYS A 28 -9.21 -3.30 -13.92
N MET A 29 -8.27 -3.93 -13.23
CA MET A 29 -8.01 -5.36 -13.43
C MET A 29 -9.19 -6.20 -12.92
N ALA A 30 -10.00 -5.61 -12.05
CA ALA A 30 -11.15 -6.30 -11.49
C ALA A 30 -12.37 -6.13 -12.39
N GLN A 31 -12.65 -4.89 -12.78
CA GLN A 31 -13.79 -4.59 -13.63
C GLN A 31 -13.57 -5.12 -15.04
N GLU A 32 -12.31 -5.08 -15.50
CA GLU A 32 -11.97 -5.56 -16.83
C GLU A 32 -11.69 -7.05 -16.82
N ASN A 33 -11.06 -7.52 -15.75
CA ASN A 33 -10.73 -8.94 -15.62
C ASN A 33 -11.21 -9.48 -14.28
N PRO A 34 -12.55 -9.57 -14.12
CA PRO A 34 -13.16 -10.07 -12.88
C PRO A 34 -12.94 -11.57 -12.70
N LYS A 35 -12.86 -12.30 -13.81
CA LYS A 35 -12.65 -13.74 -13.78
C LYS A 35 -11.25 -14.08 -13.26
N MET A 36 -10.36 -13.08 -13.30
CA MET A 36 -8.99 -13.27 -12.85
C MET A 36 -8.93 -13.40 -11.34
N HIS A 37 -8.38 -14.52 -10.86
CA HIS A 37 -8.27 -14.75 -9.43
C HIS A 37 -7.40 -13.68 -8.76
N ASN A 38 -7.69 -13.41 -7.49
CA ASN A 38 -6.95 -12.40 -6.75
C ASN A 38 -5.45 -12.65 -6.83
N SER A 39 -5.06 -13.92 -6.81
CA SER A 39 -3.66 -14.30 -6.89
C SER A 39 -3.05 -13.88 -8.22
N GLU A 40 -3.87 -13.96 -9.27
CA GLU A 40 -3.41 -13.59 -10.62
C GLU A 40 -3.20 -12.09 -10.73
N ILE A 41 -4.17 -11.31 -10.23
CA ILE A 41 -4.08 -9.86 -10.28
C ILE A 41 -2.87 -9.36 -9.51
N SER A 42 -2.70 -9.85 -8.29
CA SER A 42 -1.59 -9.45 -7.45
C SER A 42 -0.26 -9.79 -8.11
N LYS A 43 -0.17 -10.99 -8.67
CA LYS A 43 1.04 -11.44 -9.33
C LYS A 43 1.42 -10.49 -10.48
N ARG A 44 0.42 -10.09 -11.26
CA ARG A 44 0.65 -9.19 -12.38
C ARG A 44 1.09 -7.81 -11.88
N LEU A 45 0.42 -7.32 -10.84
CA LEU A 45 0.75 -6.01 -10.27
C LEU A 45 2.22 -5.93 -9.90
N GLY A 46 2.66 -6.85 -9.05
CA GLY A 46 4.05 -6.87 -8.62
C GLY A 46 5.01 -6.79 -9.79
N ALA A 47 4.65 -7.41 -10.91
CA ALA A 47 5.49 -7.41 -12.10
C ALA A 47 5.34 -6.09 -12.86
N GLU A 48 4.15 -5.51 -12.83
CA GLU A 48 3.88 -4.27 -13.52
C GLU A 48 4.69 -3.12 -12.91
N TRP A 49 4.89 -3.19 -11.59
CA TRP A 49 5.65 -2.16 -10.88
C TRP A 49 7.12 -2.22 -11.26
N LYS A 50 7.64 -3.43 -11.44
CA LYS A 50 9.03 -3.63 -11.81
C LYS A 50 9.35 -2.97 -13.15
N LEU A 51 8.35 -2.92 -14.03
CA LEU A 51 8.52 -2.31 -15.35
C LEU A 51 7.97 -0.89 -15.37
N LEU A 52 7.19 -0.56 -14.35
CA LEU A 52 6.60 0.78 -14.24
C LEU A 52 7.66 1.86 -14.40
N SER A 53 7.30 2.95 -15.06
CA SER A 53 8.22 4.05 -15.28
C SER A 53 8.32 4.93 -14.03
N GLU A 54 9.53 5.42 -13.76
CA GLU A 54 9.76 6.27 -12.59
C GLU A 54 8.80 7.44 -12.58
N THR A 55 8.49 7.96 -13.77
CA THR A 55 7.58 9.10 -13.90
C THR A 55 6.17 8.72 -13.47
N GLU A 56 5.79 7.48 -13.74
CA GLU A 56 4.45 7.00 -13.39
C GLU A 56 4.30 6.90 -11.87
N LYS A 57 5.37 6.49 -11.20
CA LYS A 57 5.35 6.36 -9.75
C LYS A 57 5.51 7.71 -9.08
N ARG A 58 6.27 8.60 -9.70
CA ARG A 58 6.49 9.93 -9.16
C ARG A 58 5.27 10.43 -8.42
N PRO A 59 4.11 10.46 -9.11
CA PRO A 59 2.85 10.92 -8.53
C PRO A 59 2.31 9.95 -7.49
N PHE A 60 2.47 8.65 -7.75
CA PHE A 60 2.00 7.62 -6.83
C PHE A 60 2.73 7.71 -5.50
N ILE A 61 4.06 7.66 -5.55
CA ILE A 61 4.88 7.74 -4.34
C ILE A 61 4.46 8.92 -3.47
N ASP A 62 4.29 10.08 -4.10
CA ASP A 62 3.90 11.29 -3.37
C ASP A 62 2.64 11.03 -2.53
N GLU A 63 1.73 10.22 -3.07
CA GLU A 63 0.49 9.90 -2.37
C GLU A 63 0.78 9.06 -1.13
N ALA A 64 1.62 8.04 -1.28
CA ALA A 64 1.97 7.18 -0.17
C ALA A 64 2.57 7.97 0.99
N LYS A 65 3.32 9.02 0.66
CA LYS A 65 3.94 9.87 1.66
C LYS A 65 2.92 10.32 2.70
N ARG A 66 1.69 10.56 2.26
CA ARG A 66 0.63 11.00 3.14
C ARG A 66 0.13 9.86 4.02
N LEU A 67 -0.02 8.68 3.41
CA LEU A 67 -0.49 7.50 4.14
C LEU A 67 0.43 7.20 5.33
N ARG A 68 1.74 7.23 5.08
CA ARG A 68 2.71 6.95 6.13
C ARG A 68 2.69 8.06 7.19
N ALA A 69 2.47 9.29 6.74
CA ALA A 69 2.43 10.43 7.65
C ALA A 69 1.27 10.31 8.63
N LEU A 70 0.16 9.76 8.16
CA LEU A 70 -1.02 9.58 9.01
C LEU A 70 -0.82 8.43 9.99
N HIS A 71 -0.11 7.40 9.55
CA HIS A 71 0.16 6.24 10.39
C HIS A 71 0.70 6.66 11.75
N MET A 72 1.48 7.75 11.75
CA MET A 72 2.07 8.25 12.99
C MET A 72 1.01 8.42 14.07
N LYS A 73 -0.09 9.08 13.72
CA LYS A 73 -1.18 9.31 14.66
C LYS A 73 -2.10 8.09 14.74
N GLU A 74 -2.23 7.38 13.62
CA GLU A 74 -3.08 6.19 13.57
C GLU A 74 -4.35 6.40 14.39
N HIS A 75 -5.03 7.51 14.16
CA HIS A 75 -6.26 7.81 14.89
C HIS A 75 -7.23 6.64 14.83
N PRO A 76 -8.09 6.52 15.86
CA PRO A 76 -9.08 5.45 15.94
C PRO A 76 -10.20 5.62 14.92
N ASP A 77 -10.70 6.85 14.79
CA ASP A 77 -11.77 7.14 13.84
C ASP A 77 -13.03 6.35 14.20
N TYR A 78 -14.16 6.76 13.62
CA TYR A 78 -15.43 6.10 13.87
C TYR A 78 -15.71 5.03 12.82
N LYS A 79 -14.67 4.29 12.45
CA LYS A 79 -14.80 3.23 11.45
C LYS A 79 -13.47 2.52 11.23
N TYR A 80 -13.34 1.33 11.79
CA TYR A 80 -12.11 0.56 11.65
C TYR A 80 -11.99 -0.04 10.26
N ARG A 81 -10.83 -0.60 9.95
CA ARG A 81 -10.58 -1.20 8.64
C ARG A 81 -9.76 -2.48 8.78
N PRO A 82 -10.43 -3.58 9.15
CA PRO A 82 -9.78 -4.88 9.31
C PRO A 82 -9.32 -5.48 7.99
N ARG A 83 -8.89 -6.75 8.04
CA ARG A 83 -8.42 -7.43 6.84
C ARG A 83 -7.18 -6.74 6.28
N ARG A 84 -6.64 -7.32 5.20
CA ARG A 84 -5.44 -6.76 4.56
C ARG A 84 -4.28 -6.71 5.55
N LYS A 85 -3.43 -7.74 5.52
CA LYS A 85 -2.27 -7.81 6.40
C LYS A 85 -1.18 -6.85 5.95
N THR A 86 -0.02 -6.93 6.60
CA THR A 86 1.11 -6.07 6.25
C THR A 86 2.36 -6.89 6.00
N LYS A 87 3.36 -6.26 5.38
CA LYS A 87 4.61 -6.93 5.07
C LYS A 87 5.80 -6.00 5.29
N THR A 88 6.96 -6.58 5.59
CA THR A 88 8.16 -5.80 5.82
C THR A 88 9.38 -6.71 6.03
N LEU A 89 10.55 -6.21 5.66
CA LEU A 89 11.78 -6.98 5.81
C LEU A 89 12.78 -6.24 6.69
N MET A 90 13.81 -6.95 7.13
CA MET A 90 14.84 -6.37 7.99
C MET A 90 16.07 -5.99 7.17
N LYS A 91 16.77 -4.95 7.61
CA LYS A 91 17.96 -4.48 6.93
C LYS A 91 19.06 -4.12 7.92
N LYS A 92 19.31 -5.02 8.88
CA LYS A 92 20.33 -4.79 9.89
C LYS A 92 20.02 -3.55 10.71
N ASP A 93 20.91 -3.22 11.65
CA ASP A 93 20.74 -2.04 12.50
C ASP A 93 22.07 -1.59 13.08
N LYS A 94 23.01 -1.24 12.22
CA LYS A 94 24.32 -0.79 12.64
C LYS A 94 25.01 -1.86 13.49
N TYR A 95 26.21 -1.54 13.97
CA TYR A 95 26.97 -2.47 14.80
C TYR A 95 27.60 -1.75 15.99
N THR A 96 28.47 -0.80 15.70
CA THR A 96 29.15 -0.04 16.76
C THR A 96 29.72 1.26 16.20
N LEU A 97 29.70 2.30 17.02
CA LEU A 97 30.22 3.60 16.62
C LEU A 97 30.68 4.40 17.83
N GLY A 1 -38.13 -8.56 -3.14
CA GLY A 1 -38.13 -8.08 -1.77
C GLY A 1 -36.75 -8.16 -1.13
N SER A 2 -35.78 -7.48 -1.74
CA SER A 2 -34.42 -7.48 -1.23
C SER A 2 -33.86 -6.06 -1.18
N ASN A 3 -33.03 -5.80 -0.18
CA ASN A 3 -32.42 -4.48 -0.03
C ASN A 3 -30.89 -4.58 0.04
N GLN A 4 -30.41 -5.50 0.86
CA GLN A 4 -28.97 -5.71 1.01
C GLN A 4 -28.23 -4.38 1.02
N LYS A 5 -28.79 -3.39 1.71
CA LYS A 5 -28.19 -2.07 1.78
C LYS A 5 -26.90 -2.11 2.61
N ASN A 6 -27.00 -2.64 3.82
CA ASN A 6 -25.84 -2.73 4.70
C ASN A 6 -25.30 -1.35 5.04
N SER A 7 -24.25 -1.31 5.87
CA SER A 7 -23.65 -0.06 6.28
C SER A 7 -22.25 0.09 5.67
N PRO A 8 -21.76 1.34 5.62
CA PRO A 8 -20.43 1.64 5.08
C PRO A 8 -19.30 1.12 5.97
N ASP A 9 -18.11 0.97 5.39
CA ASP A 9 -16.96 0.48 6.12
C ASP A 9 -15.99 1.62 6.43
N ARG A 10 -14.83 1.28 6.98
CA ARG A 10 -13.82 2.27 7.33
C ARG A 10 -12.47 1.60 7.59
N VAL A 11 -11.45 2.07 6.89
CA VAL A 11 -10.10 1.52 7.04
C VAL A 11 -9.08 2.63 7.26
N LYS A 12 -8.08 2.35 8.08
CA LYS A 12 -7.03 3.33 8.37
C LYS A 12 -5.72 2.63 8.72
N ARG A 13 -4.83 2.54 7.74
CA ARG A 13 -3.53 1.90 7.95
C ARG A 13 -2.51 2.38 6.92
N PRO A 14 -1.22 2.19 7.23
CA PRO A 14 -0.13 2.60 6.34
C PRO A 14 -0.05 1.75 5.08
N MET A 15 0.77 2.19 4.13
CA MET A 15 0.93 1.47 2.87
C MET A 15 2.10 2.04 2.07
N ASN A 16 2.41 1.39 0.95
CA ASN A 16 3.51 1.82 0.09
C ASN A 16 2.98 2.33 -1.25
N ALA A 17 3.85 2.96 -2.02
CA ALA A 17 3.48 3.48 -3.33
C ALA A 17 2.82 2.40 -4.18
N PHE A 18 3.46 1.25 -4.27
CA PHE A 18 2.94 0.14 -5.06
C PHE A 18 1.48 -0.13 -4.70
N MET A 19 1.12 0.08 -3.44
CA MET A 19 -0.23 -0.13 -2.99
C MET A 19 -1.16 0.98 -3.46
N VAL A 20 -0.63 2.20 -3.53
CA VAL A 20 -1.40 3.35 -3.98
C VAL A 20 -1.82 3.21 -5.44
N TRP A 21 -0.88 2.75 -6.27
CA TRP A 21 -1.15 2.57 -7.69
C TRP A 21 -1.94 1.29 -7.93
N SER A 22 -1.49 0.19 -7.32
CA SER A 22 -2.14 -1.09 -7.47
C SER A 22 -3.64 -0.99 -7.16
N ARG A 23 -3.96 -0.27 -6.09
CA ARG A 23 -5.35 -0.09 -5.69
C ARG A 23 -6.20 0.38 -6.87
N GLY A 24 -5.60 1.17 -7.75
CA GLY A 24 -6.31 1.69 -8.91
C GLY A 24 -6.34 0.68 -10.04
N GLN A 25 -5.28 -0.10 -10.18
CA GLN A 25 -5.19 -1.10 -11.24
C GLN A 25 -6.10 -2.28 -10.95
N ARG A 26 -6.25 -2.61 -9.67
CA ARG A 26 -7.09 -3.73 -9.25
C ARG A 26 -8.51 -3.57 -9.79
N ARG A 27 -9.08 -2.37 -9.61
CA ARG A 27 -10.43 -2.10 -10.08
C ARG A 27 -10.54 -2.34 -11.58
N LYS A 28 -9.49 -2.00 -12.32
CA LYS A 28 -9.47 -2.17 -13.76
C LYS A 28 -9.31 -3.65 -14.12
N MET A 29 -8.37 -4.32 -13.46
CA MET A 29 -8.12 -5.74 -13.71
C MET A 29 -9.30 -6.59 -13.24
N ALA A 30 -10.09 -6.04 -12.33
CA ALA A 30 -11.24 -6.75 -11.80
C ALA A 30 -12.47 -6.55 -12.69
N GLN A 31 -12.74 -5.29 -13.04
CA GLN A 31 -13.88 -4.96 -13.89
C GLN A 31 -13.68 -5.51 -15.30
N GLU A 32 -12.44 -5.51 -15.76
CA GLU A 32 -12.12 -6.02 -17.09
C GLU A 32 -11.87 -7.53 -17.06
N ASN A 33 -11.20 -7.99 -16.00
CA ASN A 33 -10.89 -9.39 -15.85
C ASN A 33 -11.37 -9.92 -14.49
N PRO A 34 -12.69 -10.03 -14.34
CA PRO A 34 -13.30 -10.52 -13.10
C PRO A 34 -13.05 -12.01 -12.88
N LYS A 35 -12.88 -12.74 -13.97
CA LYS A 35 -12.62 -14.18 -13.88
C LYS A 35 -11.25 -14.45 -13.29
N MET A 36 -10.34 -13.49 -13.42
CA MET A 36 -8.99 -13.63 -12.89
C MET A 36 -9.00 -13.60 -11.36
N HIS A 37 -8.47 -14.66 -10.75
CA HIS A 37 -8.43 -14.75 -9.30
C HIS A 37 -7.44 -13.74 -8.72
N ASN A 38 -7.58 -13.45 -7.43
CA ASN A 38 -6.71 -12.49 -6.76
C ASN A 38 -5.24 -12.87 -6.95
N SER A 39 -4.92 -14.13 -6.67
CA SER A 39 -3.55 -14.61 -6.80
C SER A 39 -3.00 -14.29 -8.20
N GLU A 40 -3.88 -14.32 -9.19
CA GLU A 40 -3.49 -14.03 -10.57
C GLU A 40 -3.28 -12.54 -10.77
N ILE A 41 -4.26 -11.74 -10.38
CA ILE A 41 -4.19 -10.30 -10.53
C ILE A 41 -2.96 -9.73 -9.81
N SER A 42 -2.64 -10.33 -8.66
CA SER A 42 -1.49 -9.88 -7.88
C SER A 42 -0.19 -10.13 -8.64
N LYS A 43 -0.09 -11.28 -9.28
CA LYS A 43 1.10 -11.65 -10.03
C LYS A 43 1.38 -10.61 -11.13
N ARG A 44 0.31 -10.04 -11.68
CA ARG A 44 0.44 -9.04 -12.74
C ARG A 44 0.69 -7.66 -12.15
N LEU A 45 0.13 -7.42 -10.96
CA LEU A 45 0.29 -6.13 -10.29
C LEU A 45 1.77 -5.87 -9.97
N GLY A 46 2.42 -6.86 -9.39
CA GLY A 46 3.83 -6.72 -9.05
C GLY A 46 4.71 -6.57 -10.26
N ALA A 47 4.32 -7.22 -11.36
CA ALA A 47 5.08 -7.16 -12.60
C ALA A 47 5.06 -5.75 -13.19
N GLU A 48 3.90 -5.12 -13.16
CA GLU A 48 3.74 -3.77 -13.70
C GLU A 48 4.69 -2.80 -13.01
N TRP A 49 4.76 -2.89 -11.68
CA TRP A 49 5.63 -2.02 -10.91
C TRP A 49 7.08 -2.14 -11.36
N LYS A 50 7.50 -3.37 -11.66
CA LYS A 50 8.85 -3.62 -12.12
C LYS A 50 9.13 -2.93 -13.44
N LEU A 51 8.08 -2.77 -14.25
CA LEU A 51 8.22 -2.11 -15.54
C LEU A 51 7.67 -0.68 -15.49
N LEU A 52 7.33 -0.24 -14.28
CA LEU A 52 6.81 1.12 -14.10
C LEU A 52 7.94 2.14 -14.09
N SER A 53 7.71 3.27 -14.76
CA SER A 53 8.70 4.33 -14.82
C SER A 53 8.72 5.15 -13.54
N GLU A 54 9.92 5.56 -13.12
CA GLU A 54 10.08 6.34 -11.91
C GLU A 54 9.16 7.56 -11.92
N THR A 55 8.97 8.13 -13.11
CA THR A 55 8.12 9.31 -13.25
C THR A 55 6.66 8.97 -12.94
N GLU A 56 6.26 7.76 -13.30
CA GLU A 56 4.88 7.31 -13.05
C GLU A 56 4.62 7.15 -11.56
N LYS A 57 5.63 6.66 -10.84
CA LYS A 57 5.50 6.46 -9.40
C LYS A 57 5.66 7.78 -8.64
N ARG A 58 6.50 8.66 -9.18
CA ARG A 58 6.74 9.95 -8.56
C ARG A 58 5.49 10.47 -7.87
N PRO A 59 4.39 10.58 -8.65
CA PRO A 59 3.10 11.06 -8.13
C PRO A 59 2.46 10.07 -7.17
N PHE A 60 2.58 8.79 -7.47
CA PHE A 60 2.01 7.74 -6.63
C PHE A 60 2.67 7.71 -5.26
N ILE A 61 3.99 7.57 -5.25
CA ILE A 61 4.74 7.53 -4.01
C ILE A 61 4.39 8.72 -3.12
N ASP A 62 4.32 9.89 -3.71
CA ASP A 62 3.98 11.11 -2.97
C ASP A 62 2.70 10.92 -2.16
N GLU A 63 1.76 10.19 -2.73
CA GLU A 63 0.48 9.92 -2.06
C GLU A 63 0.67 8.94 -0.91
N ALA A 64 1.49 7.91 -1.14
CA ALA A 64 1.74 6.90 -0.13
C ALA A 64 2.52 7.48 1.06
N LYS A 65 3.70 8.03 0.76
CA LYS A 65 4.54 8.63 1.80
C LYS A 65 3.75 9.63 2.63
N ARG A 66 2.80 10.32 1.99
CA ARG A 66 1.98 11.30 2.67
C ARG A 66 1.18 10.66 3.80
N LEU A 67 0.73 9.43 3.57
CA LEU A 67 -0.05 8.71 4.58
C LEU A 67 0.79 8.45 5.83
N ARG A 68 2.00 7.94 5.62
CA ARG A 68 2.90 7.63 6.72
C ARG A 68 3.11 8.86 7.61
N ALA A 69 3.47 9.97 6.98
CA ALA A 69 3.70 11.21 7.71
C ALA A 69 2.51 11.55 8.61
N LEU A 70 1.31 11.47 8.06
CA LEU A 70 0.09 11.77 8.82
C LEU A 70 0.06 10.97 10.11
N HIS A 71 0.61 9.75 10.07
CA HIS A 71 0.64 8.89 11.24
C HIS A 71 1.86 9.19 12.11
N MET A 72 2.97 9.53 11.46
CA MET A 72 4.21 9.85 12.17
C MET A 72 3.96 10.91 13.22
N LYS A 73 3.25 11.97 12.84
CA LYS A 73 2.95 13.07 13.75
C LYS A 73 2.29 12.55 15.02
N GLU A 74 1.51 11.49 14.90
CA GLU A 74 0.82 10.90 16.04
C GLU A 74 1.80 10.07 16.89
N HIS A 75 2.74 9.41 16.22
CA HIS A 75 3.72 8.59 16.91
C HIS A 75 4.84 9.45 17.50
N PRO A 76 5.44 8.97 18.59
CA PRO A 76 6.53 9.68 19.27
C PRO A 76 7.82 9.70 18.45
N ASP A 77 8.13 8.59 17.81
CA ASP A 77 9.33 8.48 16.99
C ASP A 77 10.58 8.67 17.83
N TYR A 78 11.25 7.58 18.14
CA TYR A 78 12.46 7.63 18.94
C TYR A 78 13.68 7.19 18.13
N LYS A 79 13.69 7.55 16.85
CA LYS A 79 14.80 7.19 15.97
C LYS A 79 15.10 8.34 15.00
N TYR A 80 16.24 8.99 15.19
CA TYR A 80 16.65 10.09 14.34
C TYR A 80 17.20 9.57 13.01
N ARG A 81 16.49 9.84 11.93
CA ARG A 81 16.90 9.40 10.60
C ARG A 81 17.85 10.43 9.97
N PRO A 82 18.92 9.94 9.33
CA PRO A 82 19.90 10.79 8.67
C PRO A 82 19.35 11.46 7.42
N ARG A 83 18.41 10.79 6.77
CA ARG A 83 17.80 11.33 5.55
C ARG A 83 18.83 11.53 4.46
N ARG A 84 19.27 10.44 3.85
CA ARG A 84 20.27 10.49 2.79
C ARG A 84 19.60 10.51 1.42
N LYS A 85 19.65 11.66 0.77
CA LYS A 85 19.06 11.82 -0.56
C LYS A 85 20.11 11.74 -1.65
N THR A 86 19.67 11.49 -2.88
CA THR A 86 20.58 11.39 -4.01
C THR A 86 19.99 12.05 -5.25
N LYS A 87 20.77 12.07 -6.34
CA LYS A 87 20.32 12.67 -7.59
C LYS A 87 19.95 11.60 -8.60
N THR A 88 20.90 10.70 -8.89
CA THR A 88 20.68 9.63 -9.85
C THR A 88 21.87 8.66 -9.87
N LEU A 89 21.57 7.38 -10.07
CA LEU A 89 22.61 6.36 -10.11
C LEU A 89 22.86 5.90 -11.55
N MET A 90 24.00 6.29 -12.10
CA MET A 90 24.34 5.91 -13.46
C MET A 90 25.84 6.11 -13.72
N LYS A 91 26.34 5.52 -14.80
CA LYS A 91 27.75 5.64 -15.15
C LYS A 91 27.98 5.25 -16.60
N LYS A 92 28.04 6.25 -17.48
CA LYS A 92 28.27 6.01 -18.90
C LYS A 92 29.68 5.54 -19.16
N ASP A 93 30.64 6.16 -18.47
CA ASP A 93 32.05 5.80 -18.62
C ASP A 93 32.60 6.29 -19.97
N LYS A 94 32.13 5.67 -21.04
CA LYS A 94 32.56 6.04 -22.39
C LYS A 94 34.08 5.90 -22.52
N TYR A 95 34.53 4.66 -22.61
CA TYR A 95 35.97 4.39 -22.75
C TYR A 95 36.21 3.08 -23.49
N THR A 96 35.93 1.97 -22.80
CA THR A 96 36.12 0.64 -23.40
C THR A 96 37.55 0.44 -23.83
N LEU A 97 37.85 -0.76 -24.34
CA LEU A 97 39.20 -1.08 -24.80
C LEU A 97 39.20 -1.42 -26.28
N GLY A 1 -14.52 -2.91 34.94
CA GLY A 1 -14.33 -3.40 33.59
C GLY A 1 -13.08 -4.25 33.45
N SER A 2 -11.93 -3.60 33.43
CA SER A 2 -10.66 -4.31 33.29
C SER A 2 -10.69 -5.26 32.10
N ASN A 3 -11.35 -4.82 31.03
CA ASN A 3 -11.46 -5.63 29.81
C ASN A 3 -11.07 -4.80 28.58
N GLN A 4 -11.78 -3.70 28.37
CA GLN A 4 -11.51 -2.83 27.23
C GLN A 4 -10.46 -1.78 27.58
N LYS A 5 -9.41 -1.70 26.79
CA LYS A 5 -8.34 -0.74 27.02
C LYS A 5 -8.88 0.68 26.99
N ASN A 6 -9.44 1.09 25.86
CA ASN A 6 -9.99 2.42 25.72
C ASN A 6 -10.83 2.54 24.44
N SER A 7 -10.22 2.18 23.32
CA SER A 7 -10.90 2.25 22.03
C SER A 7 -10.19 1.38 20.99
N PRO A 8 -10.25 0.05 21.19
CA PRO A 8 -9.62 -0.92 20.29
C PRO A 8 -10.32 -0.98 18.93
N ASP A 9 -9.53 -0.83 17.86
CA ASP A 9 -10.08 -0.86 16.51
C ASP A 9 -9.11 -1.56 15.55
N ARG A 10 -8.47 -2.63 16.03
CA ARG A 10 -7.52 -3.37 15.23
C ARG A 10 -6.30 -2.52 14.90
N VAL A 11 -5.17 -3.18 14.69
CA VAL A 11 -3.92 -2.48 14.36
C VAL A 11 -3.84 -2.19 12.87
N LYS A 12 -3.15 -1.09 12.53
CA LYS A 12 -2.99 -0.70 11.14
C LYS A 12 -1.58 -0.15 10.88
N ARG A 13 -1.09 -0.37 9.67
CA ARG A 13 0.24 0.11 9.30
C ARG A 13 0.22 0.82 7.96
N PRO A 14 1.26 1.63 7.70
CA PRO A 14 1.38 2.39 6.45
C PRO A 14 1.65 1.50 5.26
N MET A 15 1.49 2.06 4.06
CA MET A 15 1.72 1.30 2.83
C MET A 15 2.79 1.98 1.97
N ASN A 16 3.12 1.35 0.85
CA ASN A 16 4.13 1.89 -0.06
C ASN A 16 3.48 2.32 -1.38
N ALA A 17 4.26 3.03 -2.20
CA ALA A 17 3.77 3.50 -3.49
C ALA A 17 3.16 2.35 -4.29
N PHE A 18 3.86 1.23 -4.36
CA PHE A 18 3.39 0.07 -5.10
C PHE A 18 1.95 -0.27 -4.71
N MET A 19 1.60 -0.01 -3.45
CA MET A 19 0.26 -0.29 -2.96
C MET A 19 -0.72 0.78 -3.43
N VAL A 20 -0.25 2.02 -3.51
CA VAL A 20 -1.09 3.12 -3.95
C VAL A 20 -1.53 2.94 -5.40
N TRP A 21 -0.58 2.66 -6.27
CA TRP A 21 -0.88 2.45 -7.68
C TRP A 21 -1.75 1.22 -7.89
N SER A 22 -1.42 0.15 -7.17
CA SER A 22 -2.17 -1.10 -7.28
C SER A 22 -3.66 -0.85 -7.08
N ARG A 23 -3.99 0.08 -6.20
CA ARG A 23 -5.38 0.42 -5.91
C ARG A 23 -6.13 0.76 -7.19
N GLY A 24 -5.48 1.51 -8.06
CA GLY A 24 -6.10 1.90 -9.32
C GLY A 24 -6.13 0.77 -10.32
N GLN A 25 -5.02 0.05 -10.44
CA GLN A 25 -4.92 -1.06 -11.37
C GLN A 25 -5.90 -2.18 -10.99
N ARG A 26 -6.11 -2.35 -9.70
CA ARG A 26 -7.02 -3.39 -9.20
C ARG A 26 -8.42 -3.20 -9.77
N ARG A 27 -8.91 -1.96 -9.72
CA ARG A 27 -10.24 -1.64 -10.24
C ARG A 27 -10.36 -2.00 -11.71
N LYS A 28 -9.31 -1.68 -12.48
CA LYS A 28 -9.30 -1.97 -13.90
C LYS A 28 -9.18 -3.47 -14.15
N MET A 29 -8.28 -4.13 -13.43
CA MET A 29 -8.08 -5.57 -13.57
C MET A 29 -9.28 -6.34 -13.03
N ALA A 30 -10.07 -5.68 -12.17
CA ALA A 30 -11.25 -6.30 -11.59
C ALA A 30 -12.46 -6.15 -12.50
N GLN A 31 -12.70 -4.92 -12.94
CA GLN A 31 -13.83 -4.64 -13.83
C GLN A 31 -13.62 -5.26 -15.20
N GLU A 32 -12.37 -5.30 -15.65
CA GLU A 32 -12.04 -5.88 -16.95
C GLU A 32 -11.79 -7.38 -16.83
N ASN A 33 -11.17 -7.79 -15.73
CA ASN A 33 -10.88 -9.20 -15.49
C ASN A 33 -11.36 -9.64 -14.12
N PRO A 34 -12.68 -9.70 -13.95
CA PRO A 34 -13.30 -10.10 -12.68
C PRO A 34 -13.09 -11.58 -12.37
N LYS A 35 -13.02 -12.39 -13.42
CA LYS A 35 -12.83 -13.82 -13.27
C LYS A 35 -11.42 -14.13 -12.76
N MET A 36 -10.50 -13.21 -12.99
CA MET A 36 -9.12 -13.38 -12.56
C MET A 36 -9.03 -13.42 -11.05
N HIS A 37 -8.47 -14.49 -10.51
CA HIS A 37 -8.32 -14.65 -9.07
C HIS A 37 -7.34 -13.64 -8.51
N ASN A 38 -7.49 -13.32 -7.23
CA ASN A 38 -6.62 -12.35 -6.57
C ASN A 38 -5.15 -12.71 -6.79
N SER A 39 -4.83 -13.99 -6.64
CA SER A 39 -3.46 -14.47 -6.81
C SER A 39 -2.93 -14.09 -8.20
N GLU A 40 -3.82 -14.09 -9.18
CA GLU A 40 -3.44 -13.76 -10.55
C GLU A 40 -3.29 -12.24 -10.71
N ILE A 41 -4.28 -11.50 -10.24
CA ILE A 41 -4.24 -10.04 -10.33
C ILE A 41 -3.00 -9.48 -9.66
N SER A 42 -2.58 -10.12 -8.57
CA SER A 42 -1.40 -9.68 -7.82
C SER A 42 -0.13 -9.94 -8.63
N LYS A 43 -0.02 -11.13 -9.18
CA LYS A 43 1.15 -11.51 -9.97
C LYS A 43 1.38 -10.50 -11.10
N ARG A 44 0.30 -10.01 -11.68
CA ARG A 44 0.38 -9.05 -12.77
C ARG A 44 0.75 -7.67 -12.25
N LEU A 45 0.37 -7.39 -11.01
CA LEU A 45 0.65 -6.09 -10.39
C LEU A 45 2.14 -5.97 -10.07
N GLY A 46 2.65 -6.89 -9.26
CA GLY A 46 4.06 -6.85 -8.90
C GLY A 46 4.97 -6.75 -10.10
N ALA A 47 4.54 -7.36 -11.21
CA ALA A 47 5.33 -7.34 -12.43
C ALA A 47 5.27 -5.96 -13.10
N GLU A 48 4.10 -5.33 -13.03
CA GLU A 48 3.92 -4.01 -13.63
C GLU A 48 4.85 -2.99 -12.99
N TRP A 49 4.99 -3.07 -11.67
CA TRP A 49 5.84 -2.14 -10.94
C TRP A 49 7.28 -2.25 -11.42
N LYS A 50 7.74 -3.47 -11.67
CA LYS A 50 9.10 -3.70 -12.13
C LYS A 50 9.34 -3.04 -13.49
N LEU A 51 8.27 -2.90 -14.27
CA LEU A 51 8.36 -2.29 -15.58
C LEU A 51 7.76 -0.87 -15.56
N LEU A 52 7.42 -0.40 -14.37
CA LEU A 52 6.84 0.92 -14.22
C LEU A 52 7.93 2.00 -14.27
N SER A 53 7.62 3.12 -14.91
CA SER A 53 8.57 4.21 -15.03
C SER A 53 8.60 5.05 -13.76
N GLU A 54 9.79 5.50 -13.38
CA GLU A 54 9.94 6.32 -12.17
C GLU A 54 8.98 7.50 -12.18
N THR A 55 8.78 8.08 -13.35
CA THR A 55 7.88 9.22 -13.51
C THR A 55 6.44 8.83 -13.19
N GLU A 56 6.09 7.59 -13.51
CA GLU A 56 4.74 7.09 -13.27
C GLU A 56 4.48 6.95 -11.77
N LYS A 57 5.51 6.52 -11.04
CA LYS A 57 5.39 6.33 -9.60
C LYS A 57 5.53 7.66 -8.86
N ARG A 58 6.33 8.56 -9.43
CA ARG A 58 6.56 9.87 -8.83
C ARG A 58 5.30 10.37 -8.13
N PRO A 59 4.19 10.41 -8.88
CA PRO A 59 2.90 10.88 -8.35
C PRO A 59 2.30 9.90 -7.34
N PHE A 60 2.46 8.61 -7.62
CA PHE A 60 1.95 7.56 -6.74
C PHE A 60 2.63 7.60 -5.38
N ILE A 61 3.97 7.51 -5.40
CA ILE A 61 4.75 7.53 -4.17
C ILE A 61 4.33 8.69 -3.27
N ASP A 62 4.02 9.82 -3.88
CA ASP A 62 3.59 11.00 -3.14
C ASP A 62 2.38 10.69 -2.27
N GLU A 63 1.40 10.00 -2.85
CA GLU A 63 0.19 9.63 -2.14
C GLU A 63 0.50 8.78 -0.92
N ALA A 64 1.30 7.73 -1.13
CA ALA A 64 1.69 6.83 -0.05
C ALA A 64 2.37 7.60 1.09
N LYS A 65 3.33 8.45 0.72
CA LYS A 65 4.05 9.24 1.71
C LYS A 65 3.09 9.95 2.66
N ARG A 66 2.00 10.48 2.10
CA ARG A 66 1.01 11.19 2.89
C ARG A 66 0.42 10.27 3.97
N LEU A 67 0.23 9.01 3.61
CA LEU A 67 -0.33 8.03 4.54
C LEU A 67 0.62 7.80 5.72
N ARG A 68 1.89 7.57 5.42
CA ARG A 68 2.89 7.34 6.45
C ARG A 68 2.96 8.52 7.42
N ALA A 69 2.81 9.73 6.88
CA ALA A 69 2.85 10.93 7.70
C ALA A 69 1.70 10.97 8.69
N LEU A 70 0.55 10.48 8.27
CA LEU A 70 -0.64 10.45 9.13
C LEU A 70 -0.48 9.42 10.25
N HIS A 71 0.11 8.28 9.91
CA HIS A 71 0.33 7.22 10.89
C HIS A 71 1.05 7.76 12.12
N MET A 72 1.86 8.80 11.92
CA MET A 72 2.60 9.41 13.02
C MET A 72 1.68 9.69 14.21
N LYS A 73 0.56 10.33 13.94
CA LYS A 73 -0.40 10.65 14.99
C LYS A 73 -1.25 9.44 15.36
N GLU A 74 -1.46 8.56 14.38
CA GLU A 74 -2.25 7.36 14.59
C GLU A 74 -3.59 7.70 15.23
N HIS A 75 -4.23 8.76 14.73
CA HIS A 75 -5.53 9.18 15.25
C HIS A 75 -6.51 8.02 15.29
N PRO A 76 -7.46 8.09 16.22
CA PRO A 76 -8.49 7.05 16.38
C PRO A 76 -9.49 7.03 15.22
N ASP A 77 -9.74 8.20 14.65
CA ASP A 77 -10.67 8.33 13.54
C ASP A 77 -10.03 7.83 12.25
N TYR A 78 -9.78 6.53 12.18
CA TYR A 78 -9.16 5.93 11.00
C TYR A 78 -10.19 5.15 10.18
N LYS A 79 -10.79 5.81 9.21
CA LYS A 79 -11.80 5.18 8.35
C LYS A 79 -11.27 3.87 7.77
N TYR A 80 -12.01 2.79 7.98
CA TYR A 80 -11.62 1.48 7.48
C TYR A 80 -11.32 1.54 5.99
N ARG A 81 -10.43 0.67 5.53
CA ARG A 81 -10.05 0.61 4.13
C ARG A 81 -9.23 -0.64 3.83
N PRO A 82 -9.16 -1.01 2.55
CA PRO A 82 -8.42 -2.19 2.10
C PRO A 82 -6.92 -2.01 2.22
N ARG A 83 -6.25 -2.99 2.81
CA ARG A 83 -4.80 -2.94 2.99
C ARG A 83 -4.28 -4.27 3.53
N ARG A 84 -3.03 -4.57 3.21
CA ARG A 84 -2.40 -5.81 3.66
C ARG A 84 -1.04 -5.54 4.29
N LYS A 85 -0.35 -6.61 4.70
CA LYS A 85 0.96 -6.48 5.32
C LYS A 85 1.94 -5.80 4.37
N THR A 86 2.36 -6.52 3.34
CA THR A 86 3.30 -5.97 2.36
C THR A 86 4.59 -5.53 3.03
N LYS A 87 5.47 -4.89 2.25
CA LYS A 87 6.74 -4.41 2.77
C LYS A 87 7.60 -5.57 3.25
N THR A 88 8.30 -6.21 2.32
CA THR A 88 9.16 -7.34 2.65
C THR A 88 10.26 -7.50 1.62
N LEU A 89 10.84 -6.38 1.19
CA LEU A 89 11.92 -6.41 0.20
C LEU A 89 13.19 -5.79 0.78
N MET A 90 14.34 -6.30 0.34
CA MET A 90 15.63 -5.80 0.81
C MET A 90 16.77 -6.37 -0.03
N LYS A 91 16.55 -6.47 -1.34
CA LYS A 91 17.56 -6.99 -2.25
C LYS A 91 17.94 -5.95 -3.29
N LYS A 92 18.65 -4.91 -2.85
CA LYS A 92 19.10 -3.85 -3.74
C LYS A 92 20.59 -3.97 -4.02
N ASP A 93 20.98 -3.73 -5.27
CA ASP A 93 22.37 -3.81 -5.67
C ASP A 93 22.54 -3.48 -7.15
N LYS A 94 23.72 -3.01 -7.52
CA LYS A 94 24.02 -2.67 -8.91
C LYS A 94 25.50 -2.79 -9.21
N TYR A 95 26.32 -2.16 -8.37
CA TYR A 95 27.77 -2.19 -8.55
C TYR A 95 28.17 -1.69 -9.93
N THR A 96 28.01 -0.39 -10.14
CA THR A 96 28.35 0.22 -11.43
C THR A 96 29.14 1.51 -11.23
N LEU A 97 30.43 1.46 -11.52
CA LEU A 97 31.29 2.63 -11.37
C LEU A 97 32.61 2.43 -12.11
N GLY A 1 -18.78 -10.73 18.92
CA GLY A 1 -17.43 -10.73 19.44
C GLY A 1 -16.94 -9.34 19.81
N SER A 2 -15.83 -9.28 20.54
CA SER A 2 -15.26 -8.01 20.97
C SER A 2 -13.75 -8.09 21.03
N ASN A 3 -13.12 -6.95 21.33
CA ASN A 3 -11.66 -6.88 21.41
C ASN A 3 -11.23 -6.13 22.66
N GLN A 4 -10.13 -6.58 23.27
CA GLN A 4 -9.61 -5.95 24.48
C GLN A 4 -8.30 -5.22 24.19
N LYS A 5 -8.40 -3.92 23.92
CA LYS A 5 -7.21 -3.12 23.63
C LYS A 5 -6.16 -3.28 24.71
N ASN A 6 -4.91 -2.96 24.38
CA ASN A 6 -3.81 -3.07 25.33
C ASN A 6 -2.71 -2.06 25.02
N SER A 7 -2.81 -0.88 25.63
CA SER A 7 -1.82 0.17 25.41
C SER A 7 -1.84 0.64 23.96
N PRO A 8 -1.30 1.84 23.72
CA PRO A 8 -1.23 2.42 22.37
C PRO A 8 -0.25 1.70 21.47
N ASP A 9 0.51 0.77 22.05
CA ASP A 9 1.48 -0.01 21.30
C ASP A 9 2.47 0.92 20.59
N ARG A 10 3.31 0.34 19.74
CA ARG A 10 4.30 1.10 19.00
C ARG A 10 4.56 0.48 17.63
N VAL A 11 3.48 0.13 16.93
CA VAL A 11 3.59 -0.46 15.60
C VAL A 11 3.64 0.60 14.52
N LYS A 12 4.41 0.34 13.46
CA LYS A 12 4.54 1.28 12.36
C LYS A 12 4.76 0.53 11.05
N ARG A 13 3.70 -0.09 10.53
CA ARG A 13 3.79 -0.83 9.28
C ARG A 13 2.83 -0.25 8.25
N PRO A 14 3.12 0.97 7.78
CA PRO A 14 2.30 1.66 6.78
C PRO A 14 2.38 1.00 5.41
N MET A 15 1.81 1.66 4.41
CA MET A 15 1.83 1.14 3.04
C MET A 15 2.91 1.82 2.21
N ASN A 16 2.99 1.45 0.93
CA ASN A 16 3.98 2.02 0.03
C ASN A 16 3.33 2.49 -1.26
N ALA A 17 4.11 3.19 -2.09
CA ALA A 17 3.60 3.70 -3.36
C ALA A 17 2.91 2.60 -4.16
N PHE A 18 3.56 1.44 -4.24
CA PHE A 18 3.01 0.32 -4.97
C PHE A 18 1.55 0.07 -4.59
N MET A 19 1.22 0.33 -3.33
CA MET A 19 -0.13 0.15 -2.83
C MET A 19 -1.05 1.24 -3.35
N VAL A 20 -0.52 2.45 -3.47
CA VAL A 20 -1.30 3.58 -3.96
C VAL A 20 -1.73 3.38 -5.41
N TRP A 21 -0.83 2.79 -6.20
CA TRP A 21 -1.12 2.53 -7.61
C TRP A 21 -1.90 1.24 -7.78
N SER A 22 -1.40 0.17 -7.15
CA SER A 22 -2.05 -1.13 -7.24
C SER A 22 -3.53 -1.03 -6.88
N ARG A 23 -3.81 -0.34 -5.77
CA ARG A 23 -5.19 -0.17 -5.32
C ARG A 23 -6.08 0.34 -6.44
N GLY A 24 -5.52 1.18 -7.30
CA GLY A 24 -6.28 1.72 -8.41
C GLY A 24 -6.34 0.78 -9.59
N GLN A 25 -5.27 0.00 -9.77
CA GLN A 25 -5.20 -0.95 -10.88
C GLN A 25 -6.09 -2.16 -10.61
N ARG A 26 -6.21 -2.52 -9.34
CA ARG A 26 -7.04 -3.66 -8.95
C ARG A 26 -8.47 -3.50 -9.45
N ARG A 27 -9.04 -2.32 -9.22
CA ARG A 27 -10.41 -2.04 -9.63
C ARG A 27 -10.56 -2.23 -11.15
N LYS A 28 -9.54 -1.83 -11.89
CA LYS A 28 -9.56 -1.95 -13.35
C LYS A 28 -9.40 -3.40 -13.77
N MET A 29 -8.43 -4.09 -13.16
CA MET A 29 -8.17 -5.48 -13.48
C MET A 29 -9.32 -6.37 -13.00
N ALA A 30 -10.10 -5.87 -12.06
CA ALA A 30 -11.24 -6.61 -11.52
C ALA A 30 -12.48 -6.39 -12.36
N GLN A 31 -12.78 -5.13 -12.65
CA GLN A 31 -13.95 -4.79 -13.45
C GLN A 31 -13.79 -5.28 -14.89
N GLU A 32 -12.56 -5.24 -15.39
CA GLU A 32 -12.28 -5.68 -16.75
C GLU A 32 -12.01 -7.18 -16.79
N ASN A 33 -11.31 -7.68 -15.77
CA ASN A 33 -10.98 -9.11 -15.69
C ASN A 33 -11.43 -9.68 -14.35
N PRO A 34 -12.75 -9.82 -14.18
CA PRO A 34 -13.34 -10.36 -12.95
C PRO A 34 -13.07 -11.85 -12.79
N LYS A 35 -12.93 -12.55 -13.92
CA LYS A 35 -12.68 -13.98 -13.91
C LYS A 35 -11.28 -14.28 -13.37
N MET A 36 -10.39 -13.31 -13.48
CA MET A 36 -9.02 -13.46 -13.00
C MET A 36 -8.98 -13.51 -11.48
N HIS A 37 -8.42 -14.59 -10.93
CA HIS A 37 -8.32 -14.76 -9.49
C HIS A 37 -7.32 -13.76 -8.90
N ASN A 38 -7.45 -13.51 -7.59
CA ASN A 38 -6.56 -12.59 -6.91
C ASN A 38 -5.09 -12.95 -7.16
N SER A 39 -4.76 -14.21 -6.92
CA SER A 39 -3.39 -14.69 -7.10
C SER A 39 -2.87 -14.31 -8.49
N GLU A 40 -3.78 -14.31 -9.48
CA GLU A 40 -3.41 -13.98 -10.85
C GLU A 40 -3.22 -12.47 -11.01
N ILE A 41 -4.20 -11.70 -10.54
CA ILE A 41 -4.14 -10.24 -10.63
C ILE A 41 -2.89 -9.71 -9.93
N SER A 42 -2.51 -10.35 -8.83
CA SER A 42 -1.34 -9.93 -8.07
C SER A 42 -0.06 -10.11 -8.90
N LYS A 43 0.05 -11.25 -9.55
CA LYS A 43 1.22 -11.54 -10.39
C LYS A 43 1.46 -10.42 -11.40
N ARG A 44 0.38 -9.83 -11.88
CA ARG A 44 0.46 -8.75 -12.85
C ARG A 44 0.76 -7.43 -12.17
N LEU A 45 0.28 -7.27 -10.93
CA LEU A 45 0.49 -6.05 -10.16
C LEU A 45 1.96 -5.88 -9.81
N GLY A 46 2.51 -6.83 -9.06
CA GLY A 46 3.90 -6.77 -8.68
C GLY A 46 4.83 -6.67 -9.86
N ALA A 47 4.44 -7.27 -10.98
CA ALA A 47 5.24 -7.25 -12.19
C ALA A 47 5.15 -5.88 -12.89
N GLU A 48 3.95 -5.31 -12.89
CA GLU A 48 3.73 -4.01 -13.52
C GLU A 48 4.59 -2.93 -12.86
N TRP A 49 4.78 -3.06 -11.55
CA TRP A 49 5.58 -2.10 -10.79
C TRP A 49 7.06 -2.23 -11.15
N LYS A 50 7.50 -3.46 -11.36
CA LYS A 50 8.91 -3.73 -11.70
C LYS A 50 9.26 -3.08 -13.02
N LEU A 51 8.29 -2.97 -13.92
CA LEU A 51 8.50 -2.36 -15.22
C LEU A 51 8.02 -0.92 -15.24
N LEU A 52 7.27 -0.53 -14.21
CA LEU A 52 6.75 0.83 -14.10
C LEU A 52 7.87 1.85 -14.19
N SER A 53 7.60 2.95 -14.90
CA SER A 53 8.59 4.00 -15.07
C SER A 53 8.68 4.87 -13.82
N GLU A 54 9.89 5.29 -13.48
CA GLU A 54 10.12 6.13 -12.31
C GLU A 54 9.21 7.35 -12.34
N THR A 55 8.95 7.86 -13.53
CA THR A 55 8.10 9.04 -13.69
C THR A 55 6.65 8.72 -13.31
N GLU A 56 6.21 7.52 -13.64
CA GLU A 56 4.85 7.09 -13.33
C GLU A 56 4.64 6.99 -11.82
N LYS A 57 5.67 6.54 -11.12
CA LYS A 57 5.60 6.40 -9.67
C LYS A 57 5.78 7.74 -8.98
N ARG A 58 6.59 8.61 -9.59
CA ARG A 58 6.85 9.94 -9.03
C ARG A 58 5.62 10.47 -8.32
N PRO A 59 4.49 10.53 -9.03
CA PRO A 59 3.22 11.03 -8.48
C PRO A 59 2.62 10.07 -7.46
N PHE A 60 2.74 8.78 -7.73
CA PHE A 60 2.21 7.76 -6.83
C PHE A 60 2.92 7.80 -5.49
N ILE A 61 4.25 7.68 -5.52
CA ILE A 61 5.04 7.72 -4.31
C ILE A 61 4.71 8.92 -3.44
N ASP A 62 4.58 10.08 -4.08
CA ASP A 62 4.26 11.31 -3.39
C ASP A 62 3.03 11.12 -2.49
N GLU A 63 2.01 10.46 -3.02
CA GLU A 63 0.79 10.22 -2.27
C GLU A 63 1.07 9.35 -1.04
N ALA A 64 1.79 8.25 -1.25
CA ALA A 64 2.13 7.34 -0.17
C ALA A 64 2.75 8.09 1.00
N LYS A 65 3.60 9.06 0.70
CA LYS A 65 4.26 9.85 1.73
C LYS A 65 3.25 10.42 2.71
N ARG A 66 2.08 10.79 2.20
CA ARG A 66 1.01 11.35 3.03
C ARG A 66 0.39 10.26 3.90
N LEU A 67 0.12 9.12 3.30
CA LEU A 67 -0.49 8.00 4.02
C LEU A 67 0.37 7.58 5.20
N ARG A 68 1.69 7.57 5.00
CA ARG A 68 2.62 7.19 6.05
C ARG A 68 2.69 8.27 7.14
N ALA A 69 2.59 9.52 6.71
CA ALA A 69 2.64 10.64 7.64
C ALA A 69 1.51 10.58 8.65
N LEU A 70 0.34 10.16 8.19
CA LEU A 70 -0.84 10.05 9.05
C LEU A 70 -0.88 8.68 9.73
N HIS A 71 -0.57 7.64 8.97
CA HIS A 71 -0.58 6.27 9.51
C HIS A 71 0.41 6.14 10.66
N MET A 72 1.52 6.87 10.58
CA MET A 72 2.53 6.82 11.62
C MET A 72 1.92 7.05 13.00
N LYS A 73 0.97 7.98 13.06
CA LYS A 73 0.30 8.29 14.32
C LYS A 73 -0.99 7.49 14.47
N GLU A 74 -1.65 7.21 13.34
CA GLU A 74 -2.89 6.45 13.34
C GLU A 74 -2.79 5.25 12.40
N HIS A 75 -2.02 4.25 12.80
CA HIS A 75 -1.85 3.05 12.00
C HIS A 75 -3.20 2.47 11.59
N PRO A 76 -3.23 1.78 10.43
CA PRO A 76 -4.45 1.17 9.90
C PRO A 76 -4.90 -0.03 10.73
N ASP A 77 -3.95 -0.89 11.09
CA ASP A 77 -4.24 -2.07 11.89
C ASP A 77 -2.98 -2.87 12.17
N TYR A 78 -1.90 -2.17 12.50
CA TYR A 78 -0.62 -2.81 12.79
C TYR A 78 -0.40 -4.00 11.88
N LYS A 79 -0.58 -3.79 10.58
CA LYS A 79 -0.40 -4.85 9.59
C LYS A 79 1.02 -5.41 9.66
N TYR A 80 1.32 -6.35 8.78
CA TYR A 80 2.63 -6.98 8.74
C TYR A 80 3.47 -6.42 7.57
N ARG A 81 4.68 -5.98 7.88
CA ARG A 81 5.58 -5.42 6.88
C ARG A 81 6.96 -5.16 7.45
N PRO A 82 7.78 -6.21 7.51
CA PRO A 82 9.15 -6.12 8.04
C PRO A 82 10.07 -5.31 7.12
N ARG A 83 11.36 -5.30 7.46
CA ARG A 83 12.34 -4.56 6.68
C ARG A 83 12.04 -3.07 6.69
N ARG A 84 13.02 -2.26 6.29
CA ARG A 84 12.86 -0.82 6.25
C ARG A 84 13.47 -0.23 4.99
N LYS A 85 13.02 0.96 4.62
CA LYS A 85 13.52 1.63 3.42
C LYS A 85 13.06 3.09 3.38
N THR A 86 13.82 3.96 4.04
CA THR A 86 13.50 5.38 4.08
C THR A 86 14.65 6.22 3.55
N LYS A 87 14.35 7.48 3.22
CA LYS A 87 15.37 8.39 2.70
C LYS A 87 14.84 9.82 2.66
N THR A 88 15.68 10.77 3.07
CA THR A 88 15.30 12.18 3.08
C THR A 88 16.52 13.08 3.19
N LEU A 89 16.35 14.35 2.86
CA LEU A 89 17.44 15.32 2.91
C LEU A 89 16.95 16.72 2.58
N MET A 90 17.29 17.68 3.44
CA MET A 90 16.89 19.07 3.23
C MET A 90 18.00 20.02 3.64
N LYS A 91 18.01 21.20 3.04
CA LYS A 91 19.01 22.21 3.35
C LYS A 91 18.68 23.55 2.67
N LYS A 92 18.58 24.59 3.47
CA LYS A 92 18.27 25.92 2.95
C LYS A 92 18.75 27.01 3.90
N ASP A 93 19.14 28.15 3.34
CA ASP A 93 19.62 29.27 4.15
C ASP A 93 19.53 30.58 3.36
N LYS A 94 19.66 31.70 4.08
CA LYS A 94 19.59 33.01 3.45
C LYS A 94 19.86 34.11 4.47
N TYR A 95 20.22 35.29 3.97
CA TYR A 95 20.51 36.43 4.84
C TYR A 95 19.82 37.69 4.34
N THR A 96 20.02 38.79 5.05
CA THR A 96 19.41 40.06 4.68
C THR A 96 19.98 41.20 5.51
N LEU A 97 19.61 42.43 5.15
CA LEU A 97 20.09 43.61 5.87
C LEU A 97 19.12 44.77 5.69
#